data_6EQ1
#
_entry.id   6EQ1
#
_cell.length_a   108.180
_cell.length_b   73.980
_cell.length_c   171.450
_cell.angle_alpha   90.00
_cell.angle_beta   92.45
_cell.angle_gamma   90.00
#
_symmetry.space_group_name_H-M   'C 1 2 1'
#
loop_
_entity.id
_entity.type
_entity.pdbx_description
1 polymer 'Periplasmic alpha-galactoside-binding protein'
2 branched beta-D-galactopyranose-(1-6)-beta-D-galactopyranose-(1-6)-alpha-D-glucopyranose-(1-2)-beta-D-fructofuranose
3 non-polymer 'TETRAETHYLENE GLYCOL'
4 non-polymer DI(HYDROXYETHYL)ETHER
5 non-polymer 1,2-ETHANEDIOL
6 non-polymer 'CALCIUM ION'
7 water water
#
_entity_poly.entity_id   1
_entity_poly.type   'polypeptide(L)'
_entity_poly.pdbx_seq_one_letter_code
;MIALSANAFETTTPPEPPQFPAEGKINYVARDTILEFKALPSYSEPDWITEKFEKAGKLPPLKERLPEEPLVYKTGNMPD
GVGVYGDTMRHVVGGRPEGWNYIAGQSQGWGGIDIALSECLTRTAPLFQVDAKDTEPLPNLAKSWEWSEDGHTLTMHLVK
GAKWSDGEAFNADDVMFYWEDAVVDPNVSPLGGGASPEAFGEGTTLKKIDDYTVEWTFKAAFPKQYLYTMAYPSFCPGPS
HILKPQHPKYSKNTYNQFKNAFPPEYMNMPVMGAWVPVSYRPDDLIVLRRNPYYWKVDEKGQQLPYLNEVHYKLSTWADR
DVQAVAGSGDFSNLEQPENFVASLKRAADPNAPARLAFGPRLIGYNLQMNFSANGWGNPDERGQAIRELNRNEVFRQAVT
SALDRKAIGDSLVKGPFTAIYPGGISSGTSFYDRASTVYYPFNLEGAKAALASIGLKDTDGDGFLNFPKETLGGRNVEIT
LLVNNGYATDKSLAEGLVGQMAKLGLRVVIHSLDSNQRDAAHYGGQFDWLVRRNSTELSSVVQNTEQLAPVGPRTSWNHR
SPEGKELDLMPFEKEMADIVRKFISSQDNAERADLMKQYQKVYTQNLYTIGLTEYPGALIVNKRFSNVPQGTPIFMFNWA
EDAIIRERLWVAADKQGKYELFPQQLPGKPGEGGPINHHHHHH
;
_entity_poly.pdbx_strand_id   B,A
#
# COMPACT_ATOMS: atom_id res chain seq x y z
N ALA A 8 21.14 -22.78 4.98
CA ALA A 8 22.04 -23.15 3.88
C ALA A 8 23.44 -22.57 4.06
N PHE A 9 23.53 -21.34 4.64
CA PHE A 9 24.77 -20.61 4.95
C PHE A 9 24.78 -20.15 6.41
N GLU A 10 25.96 -20.17 7.05
CA GLU A 10 26.12 -19.75 8.44
C GLU A 10 26.28 -18.24 8.53
N THR A 11 25.13 -17.52 8.41
CA THR A 11 25.12 -16.05 8.44
C THR A 11 25.41 -15.54 9.84
N THR A 12 26.06 -14.39 9.92
CA THR A 12 26.39 -13.72 11.18
C THR A 12 26.18 -12.21 10.96
N THR A 13 26.80 -11.38 11.79
CA THR A 13 26.74 -9.94 11.64
C THR A 13 28.14 -9.51 11.20
N PRO A 14 28.31 -8.40 10.42
CA PRO A 14 29.66 -8.05 9.93
C PRO A 14 30.66 -7.67 11.04
N PRO A 15 31.95 -8.05 10.91
CA PRO A 15 32.94 -7.67 11.95
C PRO A 15 33.14 -6.16 12.04
N GLU A 16 33.33 -5.66 13.27
CA GLU A 16 33.55 -4.25 13.52
C GLU A 16 34.83 -3.80 12.81
N PRO A 17 34.76 -2.70 12.02
CA PRO A 17 35.96 -2.25 11.30
C PRO A 17 36.99 -1.64 12.23
N PRO A 18 38.26 -1.44 11.78
CA PRO A 18 39.25 -0.81 12.67
C PRO A 18 38.80 0.61 13.08
N GLN A 19 39.10 0.99 14.33
CA GLN A 19 38.76 2.30 14.86
C GLN A 19 39.38 3.34 13.95
N PHE A 20 38.55 4.23 13.42
CA PHE A 20 39.03 5.24 12.50
C PHE A 20 38.96 6.68 13.11
N PRO A 21 40.02 7.14 13.84
CA PRO A 21 40.04 8.53 14.32
C PRO A 21 40.57 9.42 13.18
N ALA A 22 41.64 10.25 13.39
CA ALA A 22 42.32 11.09 12.35
C ALA A 22 41.34 11.74 11.29
N GLU A 23 40.09 11.96 11.75
CA GLU A 23 38.89 12.43 11.07
C GLU A 23 38.74 13.95 11.07
N GLY A 24 37.52 14.37 11.39
CA GLY A 24 37.05 15.75 11.50
C GLY A 24 35.79 15.77 12.33
N LYS A 25 35.70 16.71 13.29
CA LYS A 25 34.50 16.76 14.11
C LYS A 25 33.60 17.90 13.68
N ILE A 26 32.31 17.59 13.58
CA ILE A 26 31.32 18.57 13.16
C ILE A 26 30.92 19.41 14.39
N ASN A 27 30.69 20.72 14.18
CA ASN A 27 30.16 21.63 15.19
C ASN A 27 28.65 21.63 14.95
N TYR A 28 27.92 20.85 15.74
CA TYR A 28 26.47 20.70 15.58
C TYR A 28 25.71 21.93 16.05
N VAL A 29 24.86 22.46 15.16
CA VAL A 29 24.08 23.69 15.30
C VAL A 29 22.58 23.47 15.07
N ALA A 30 21.71 24.43 15.52
CA ALA A 30 20.26 24.32 15.25
C ALA A 30 19.96 24.71 13.78
N ARG A 31 18.89 24.19 13.21
CA ARG A 31 18.56 24.39 11.79
C ARG A 31 18.50 25.88 11.30
N ASP A 32 17.99 26.80 12.14
CA ASP A 32 17.82 28.19 11.73
C ASP A 32 18.99 29.12 12.12
N THR A 33 20.17 28.54 12.26
CA THR A 33 21.38 29.29 12.55
C THR A 33 22.09 29.71 11.24
N ILE A 34 21.68 29.17 10.11
CA ILE A 34 22.40 29.35 8.84
C ILE A 34 21.92 30.54 8.00
N LEU A 35 20.63 30.61 7.72
CA LEU A 35 20.04 31.62 6.85
C LEU A 35 18.62 32.00 7.30
N GLU A 36 18.18 33.15 6.82
CA GLU A 36 16.81 33.68 6.99
C GLU A 36 16.47 34.56 5.79
N PHE A 37 15.19 34.85 5.59
CA PHE A 37 14.75 35.76 4.54
C PHE A 37 14.28 37.02 5.23
N LYS A 38 14.90 38.15 4.89
CA LYS A 38 14.54 39.48 5.39
C LYS A 38 15.14 40.58 4.53
N ALA A 39 14.57 41.77 4.59
CA ALA A 39 15.07 42.95 3.91
C ALA A 39 16.08 43.61 4.85
N LEU A 40 17.28 43.94 4.32
CA LEU A 40 18.34 44.63 5.04
C LEU A 40 18.26 46.17 4.76
N PRO A 41 18.72 47.04 5.71
CA PRO A 41 18.64 48.49 5.46
C PRO A 41 19.40 48.98 4.23
N SER A 42 20.56 48.38 3.95
CA SER A 42 21.39 48.69 2.80
C SER A 42 22.16 47.44 2.35
N TYR A 43 22.53 47.45 1.05
CA TYR A 43 23.24 46.37 0.39
C TYR A 43 24.56 46.85 -0.20
N SER A 44 25.49 45.93 -0.44
CA SER A 44 26.82 46.20 -0.97
C SER A 44 27.23 45.14 -1.98
N GLU A 45 28.22 45.46 -2.84
CA GLU A 45 28.73 44.59 -3.89
C GLU A 45 30.19 44.99 -4.23
N PRO A 46 30.94 44.23 -5.08
CA PRO A 46 32.30 44.68 -5.46
C PRO A 46 32.24 46.07 -6.12
N ASP A 47 33.20 46.95 -5.76
CA ASP A 47 33.24 48.34 -6.20
C ASP A 47 33.33 48.52 -7.70
N TRP A 48 33.95 47.57 -8.42
CA TRP A 48 34.07 47.62 -9.88
C TRP A 48 32.73 47.43 -10.58
N ILE A 49 31.79 46.75 -9.92
CA ILE A 49 30.46 46.57 -10.49
C ILE A 49 29.77 47.94 -10.51
N THR A 50 29.74 48.62 -9.35
CA THR A 50 29.14 49.92 -9.15
C THR A 50 29.78 50.99 -10.07
N GLU A 51 31.13 50.95 -10.22
CA GLU A 51 31.95 51.92 -10.95
C GLU A 51 32.04 51.66 -12.45
N LYS A 52 32.38 50.44 -12.88
CA LYS A 52 32.56 50.09 -14.29
C LYS A 52 31.31 49.61 -15.04
N PHE A 53 30.24 49.23 -14.32
CA PHE A 53 29.02 48.71 -14.97
C PHE A 53 27.77 49.54 -14.68
N GLU A 54 27.46 49.77 -13.38
CA GLU A 54 26.30 50.55 -12.96
C GLU A 54 26.40 52.01 -13.38
N LYS A 55 27.56 52.65 -13.15
CA LYS A 55 27.81 54.06 -13.52
C LYS A 55 27.88 54.26 -15.04
N ALA A 56 28.22 53.17 -15.80
CA ALA A 56 28.31 53.15 -17.27
C ALA A 56 26.97 52.72 -17.92
N GLY A 57 25.91 52.68 -17.10
CA GLY A 57 24.58 52.29 -17.53
C GLY A 57 24.34 50.80 -17.48
N LYS A 58 25.34 49.97 -17.96
CA LYS A 58 25.40 48.51 -18.22
C LYS A 58 24.62 47.56 -17.27
N LEU A 59 24.36 47.96 -16.02
CA LEU A 59 23.62 47.11 -15.07
C LEU A 59 22.70 47.94 -14.20
N PRO A 60 21.47 47.47 -13.86
CA PRO A 60 20.64 48.24 -12.91
C PRO A 60 21.26 48.24 -11.50
N PRO A 61 20.96 49.28 -10.66
CA PRO A 61 21.53 49.31 -9.30
C PRO A 61 21.19 48.06 -8.48
N LEU A 62 22.03 47.77 -7.48
CA LEU A 62 21.94 46.57 -6.64
C LEU A 62 20.57 46.32 -6.00
N LYS A 63 19.96 47.34 -5.36
CA LYS A 63 18.66 47.21 -4.68
C LYS A 63 17.55 46.66 -5.57
N GLU A 64 17.56 47.07 -6.85
CA GLU A 64 16.61 46.71 -7.89
C GLU A 64 16.73 45.24 -8.26
N ARG A 65 17.95 44.81 -8.59
CA ARG A 65 18.24 43.45 -9.02
C ARG A 65 18.17 42.35 -7.89
N LEU A 66 17.92 42.76 -6.62
CA LEU A 66 17.77 41.87 -5.47
C LEU A 66 16.31 41.63 -5.06
N PRO A 67 15.94 40.48 -4.43
CA PRO A 67 14.53 40.30 -3.98
C PRO A 67 14.14 41.31 -2.90
N GLU A 68 12.84 41.44 -2.57
CA GLU A 68 12.44 42.37 -1.50
C GLU A 68 13.04 41.87 -0.17
N GLU A 69 13.05 40.54 -0.01
CA GLU A 69 13.63 39.89 1.16
C GLU A 69 14.61 38.86 0.65
N PRO A 70 15.92 39.18 0.49
CA PRO A 70 16.85 38.16 0.01
C PRO A 70 17.12 37.11 1.07
N LEU A 71 17.75 36.02 0.66
CA LEU A 71 18.24 34.97 1.54
C LEU A 71 19.48 35.60 2.21
N VAL A 72 19.46 35.73 3.55
CA VAL A 72 20.52 36.35 4.34
C VAL A 72 21.27 35.25 5.12
N TYR A 73 22.56 35.01 4.80
CA TYR A 73 23.40 34.09 5.55
C TYR A 73 23.80 34.76 6.88
N LYS A 74 23.59 34.04 8.01
CA LYS A 74 23.87 34.51 9.36
C LYS A 74 25.36 34.30 9.67
N THR A 75 26.01 35.27 10.36
CA THR A 75 27.44 35.18 10.65
C THR A 75 27.81 34.12 11.71
N GLY A 76 26.90 33.83 12.63
CA GLY A 76 27.09 32.85 13.69
C GLY A 76 27.44 31.46 13.21
N ASN A 77 26.93 31.10 12.03
CA ASN A 77 27.18 29.81 11.44
C ASN A 77 28.37 29.83 10.53
N MET A 78 28.88 31.01 10.23
CA MET A 78 30.02 31.14 9.35
C MET A 78 31.26 30.71 10.08
N PRO A 79 31.99 29.67 9.60
CA PRO A 79 33.20 29.25 10.31
C PRO A 79 34.23 30.36 10.56
N ASP A 80 34.40 31.34 9.63
CA ASP A 80 35.39 32.44 9.76
C ASP A 80 34.77 33.83 9.73
N GLY A 81 33.44 33.90 9.75
CA GLY A 81 32.74 35.17 9.74
C GLY A 81 32.53 35.72 8.36
N VAL A 82 32.08 36.97 8.29
CA VAL A 82 31.77 37.65 7.04
C VAL A 82 33.04 37.81 6.17
N GLY A 83 32.87 37.63 4.87
CA GLY A 83 33.99 37.70 3.96
C GLY A 83 34.28 38.97 3.23
N VAL A 84 35.21 38.84 2.28
CA VAL A 84 35.62 39.93 1.38
C VAL A 84 35.52 39.39 -0.06
N TYR A 85 35.36 40.29 -1.03
CA TYR A 85 35.29 39.92 -2.43
C TYR A 85 36.62 39.57 -3.08
N GLY A 86 36.57 38.70 -4.08
CA GLY A 86 37.72 38.35 -4.89
C GLY A 86 38.10 36.90 -4.94
N ASP A 87 38.94 36.62 -5.96
CA ASP A 87 39.54 35.34 -6.25
C ASP A 87 38.62 34.41 -7.08
N THR A 88 39.20 33.24 -7.48
CA THR A 88 38.72 32.14 -8.31
C THR A 88 38.75 30.80 -7.53
N MET A 89 37.72 29.98 -7.69
CA MET A 89 37.63 28.63 -7.14
C MET A 89 37.89 27.72 -8.32
N ARG A 90 39.02 27.07 -8.31
CA ARG A 90 39.43 26.18 -9.41
C ARG A 90 39.09 24.71 -9.17
N HIS A 91 38.10 24.20 -9.92
CA HIS A 91 37.68 22.81 -9.91
C HIS A 91 38.29 22.04 -11.08
N VAL A 92 38.43 20.72 -10.91
CA VAL A 92 38.96 19.78 -11.88
C VAL A 92 37.95 18.68 -11.90
N VAL A 93 37.41 18.39 -13.07
CA VAL A 93 36.37 17.36 -13.24
C VAL A 93 36.79 16.30 -14.27
N GLY A 94 36.25 15.09 -14.11
CA GLY A 94 36.46 13.97 -15.02
C GLY A 94 35.36 13.85 -16.05
N GLY A 95 34.28 14.61 -15.85
CA GLY A 95 33.12 14.64 -16.73
C GLY A 95 33.28 15.63 -17.86
N ARG A 96 32.35 15.57 -18.81
CA ARG A 96 32.33 16.44 -19.98
C ARG A 96 30.91 17.02 -20.16
N PRO A 97 30.78 18.32 -20.53
CA PRO A 97 29.44 18.90 -20.68
C PRO A 97 28.66 18.34 -21.87
N GLU A 98 27.37 18.02 -21.67
CA GLU A 98 26.47 17.55 -22.74
C GLU A 98 25.74 18.78 -23.30
N GLY A 99 25.42 19.69 -22.41
CA GLY A 99 24.73 20.93 -22.72
C GLY A 99 24.21 21.57 -21.44
N TRP A 100 23.44 22.65 -21.57
CA TRP A 100 22.93 23.38 -20.41
C TRP A 100 21.48 22.99 -20.00
N ASN A 101 20.82 22.10 -20.76
CA ASN A 101 19.47 21.67 -20.41
C ASN A 101 19.45 20.60 -19.29
N TYR A 102 19.57 21.05 -18.04
CA TYR A 102 19.59 20.21 -16.84
C TYR A 102 18.25 19.48 -16.66
N ILE A 103 17.14 20.21 -16.81
CA ILE A 103 15.77 19.68 -16.60
C ILE A 103 15.42 18.57 -17.61
N ALA A 104 16.10 18.51 -18.76
CA ALA A 104 15.90 17.46 -19.77
C ALA A 104 16.90 16.31 -19.61
N GLY A 105 17.63 16.29 -18.50
CA GLY A 105 18.58 15.23 -18.20
C GLY A 105 19.97 15.36 -18.80
N GLN A 106 20.43 16.59 -19.11
CA GLN A 106 21.80 16.81 -19.58
C GLN A 106 22.72 17.07 -18.40
N SER A 107 23.95 16.52 -18.48
CA SER A 107 25.05 16.67 -17.51
C SER A 107 25.92 17.83 -18.00
N GLN A 108 26.48 18.62 -17.08
CA GLN A 108 27.34 19.77 -17.34
C GLN A 108 28.84 19.46 -17.07
N GLY A 109 29.14 18.25 -16.57
CA GLY A 109 30.49 17.75 -16.29
C GLY A 109 30.71 17.28 -14.86
N TRP A 110 29.70 17.46 -14.00
CA TRP A 110 29.80 17.09 -12.57
C TRP A 110 30.90 17.85 -11.83
N GLY A 111 31.35 17.26 -10.71
CA GLY A 111 32.39 17.81 -9.87
C GLY A 111 32.05 19.20 -9.36
N GLY A 112 30.74 19.50 -9.24
CA GLY A 112 30.29 20.79 -8.72
C GLY A 112 29.53 21.72 -9.65
N ILE A 113 29.76 21.62 -10.97
CA ILE A 113 29.16 22.54 -11.93
C ILE A 113 27.60 22.51 -11.96
N ASP A 114 26.96 21.33 -11.97
CA ASP A 114 25.48 21.30 -12.01
C ASP A 114 24.90 21.72 -10.68
N ILE A 115 25.57 21.34 -9.58
CA ILE A 115 25.21 21.69 -8.20
C ILE A 115 25.13 23.24 -8.09
N ALA A 116 26.17 23.94 -8.61
CA ALA A 116 26.35 25.38 -8.64
C ALA A 116 25.32 26.06 -9.51
N LEU A 117 25.06 25.49 -10.68
CA LEU A 117 24.13 26.07 -11.63
C LEU A 117 22.65 25.85 -11.24
N SER A 118 22.29 24.64 -10.82
CA SER A 118 20.88 24.30 -10.54
C SER A 118 20.46 24.40 -9.08
N GLU A 119 19.95 25.60 -8.69
CA GLU A 119 19.41 25.91 -7.36
C GLU A 119 18.00 25.31 -7.28
N CYS A 120 17.67 24.73 -6.10
CA CYS A 120 16.40 24.02 -5.86
C CYS A 120 15.44 24.75 -4.95
N LEU A 121 14.24 24.14 -4.70
CA LEU A 121 13.20 24.67 -3.80
C LEU A 121 13.75 24.60 -2.37
N THR A 122 14.44 23.49 -2.06
CA THR A 122 15.04 23.28 -0.76
C THR A 122 16.54 23.00 -0.87
N ARG A 123 17.22 22.87 0.27
CA ARG A 123 18.65 22.55 0.31
C ARG A 123 18.94 21.69 1.54
N THR A 124 19.70 20.61 1.34
CA THR A 124 19.94 19.62 2.38
C THR A 124 21.40 19.35 2.68
N ALA A 125 22.28 19.57 1.69
CA ALA A 125 23.70 19.26 1.88
C ALA A 125 24.30 19.91 3.14
N PRO A 126 24.05 21.23 3.47
CA PRO A 126 24.54 21.78 4.74
C PRO A 126 23.98 21.14 6.05
N LEU A 127 22.99 20.20 5.96
CA LEU A 127 22.36 19.57 7.13
C LEU A 127 23.25 18.61 7.94
N PHE A 128 24.46 18.25 7.43
CA PHE A 128 25.43 17.41 8.15
C PHE A 128 25.75 18.02 9.51
N GLN A 129 25.56 19.34 9.62
CA GLN A 129 25.89 20.08 10.84
C GLN A 129 24.71 20.29 11.77
N VAL A 130 23.53 19.83 11.36
CA VAL A 130 22.34 19.96 12.20
C VAL A 130 22.16 18.69 12.95
N ASP A 131 22.14 18.92 14.26
CA ASP A 131 21.93 18.11 15.45
C ASP A 131 20.88 16.98 15.26
N ALA A 132 19.70 17.30 14.69
CA ALA A 132 18.64 16.31 14.47
C ALA A 132 18.61 15.76 13.02
N LYS A 133 17.93 14.58 12.84
CA LYS A 133 17.70 13.88 11.55
C LYS A 133 16.18 13.86 11.20
N ASP A 134 15.38 14.60 12.01
CA ASP A 134 13.92 14.83 11.90
C ASP A 134 13.73 16.24 11.30
N THR A 135 14.88 16.90 11.05
CA THR A 135 15.13 18.25 10.55
C THR A 135 14.48 18.52 9.20
N GLU A 136 13.85 19.68 9.12
CA GLU A 136 13.25 20.18 7.92
C GLU A 136 14.40 20.69 7.00
N PRO A 137 14.43 20.29 5.69
CA PRO A 137 15.44 20.85 4.77
C PRO A 137 15.42 22.38 4.79
N LEU A 138 16.50 23.02 4.42
CA LEU A 138 16.54 24.47 4.44
C LEU A 138 15.73 25.12 3.31
N PRO A 139 15.07 26.29 3.58
CA PRO A 139 14.41 27.02 2.49
C PRO A 139 15.46 27.54 1.51
N ASN A 140 15.21 27.41 0.20
CA ASN A 140 16.13 27.87 -0.86
C ASN A 140 15.33 28.78 -1.79
N LEU A 141 14.92 28.31 -2.99
CA LEU A 141 14.04 29.08 -3.88
C LEU A 141 12.63 29.20 -3.28
N ALA A 142 12.23 28.19 -2.45
CA ALA A 142 10.99 28.19 -1.69
C ALA A 142 11.36 28.74 -0.31
N LYS A 143 10.97 29.97 -0.05
CA LYS A 143 11.37 30.66 1.18
C LYS A 143 10.65 30.15 2.45
N SER A 144 9.42 29.63 2.32
CA SER A 144 8.64 29.12 3.44
C SER A 144 7.59 28.14 2.95
N TRP A 145 7.01 27.34 3.88
CA TRP A 145 5.95 26.34 3.60
C TRP A 145 5.16 25.97 4.84
N GLU A 146 3.86 25.63 4.65
CA GLU A 146 2.96 25.26 5.75
C GLU A 146 2.10 24.05 5.37
N TRP A 147 1.80 23.22 6.37
CA TRP A 147 0.96 22.06 6.22
C TRP A 147 -0.43 22.42 6.72
N SER A 148 -1.47 21.90 6.03
CA SER A 148 -2.86 22.06 6.44
C SER A 148 -3.08 21.11 7.64
N GLU A 149 -4.15 21.30 8.42
CA GLU A 149 -4.45 20.49 9.61
C GLU A 149 -4.44 18.96 9.32
N ASP A 150 -5.04 18.54 8.18
CA ASP A 150 -5.12 17.14 7.74
C ASP A 150 -3.77 16.57 7.29
N GLY A 151 -2.88 17.44 6.82
CA GLY A 151 -1.54 17.06 6.38
C GLY A 151 -1.44 16.59 4.94
N HIS A 152 -2.48 16.81 4.15
CA HIS A 152 -2.47 16.40 2.75
C HIS A 152 -2.09 17.56 1.82
N THR A 153 -2.22 18.81 2.29
CA THR A 153 -1.91 19.98 1.48
C THR A 153 -0.70 20.74 2.05
N LEU A 154 0.25 21.08 1.17
CA LEU A 154 1.45 21.86 1.50
C LEU A 154 1.49 23.14 0.64
N THR A 155 1.27 24.30 1.28
CA THR A 155 1.35 25.59 0.61
C THR A 155 2.84 25.99 0.62
N MET A 156 3.37 26.40 -0.53
CA MET A 156 4.79 26.73 -0.61
C MET A 156 5.00 28.12 -1.23
N HIS A 157 5.66 29.00 -0.45
CA HIS A 157 5.92 30.38 -0.86
C HIS A 157 7.32 30.48 -1.42
N LEU A 158 7.43 31.15 -2.58
CA LEU A 158 8.68 31.34 -3.32
C LEU A 158 9.38 32.67 -3.03
N VAL A 159 10.64 32.79 -3.46
CA VAL A 159 11.43 34.01 -3.35
C VAL A 159 10.77 35.08 -4.29
N LYS A 160 10.31 36.20 -3.68
CA LYS A 160 9.61 37.27 -4.39
C LYS A 160 10.53 38.43 -4.70
N GLY A 161 10.73 38.64 -5.98
CA GLY A 161 11.59 39.70 -6.49
C GLY A 161 12.92 39.21 -7.06
N ALA A 162 13.14 37.87 -7.03
CA ALA A 162 14.36 37.26 -7.55
C ALA A 162 14.30 37.25 -9.08
N LYS A 163 15.47 37.44 -9.71
CA LYS A 163 15.65 37.44 -11.15
C LYS A 163 16.71 36.39 -11.56
N TRP A 164 16.61 35.93 -12.83
CA TRP A 164 17.56 35.03 -13.50
C TRP A 164 18.79 35.82 -13.82
N SER A 165 19.92 35.15 -14.03
CA SER A 165 21.22 35.77 -14.30
C SER A 165 21.20 36.79 -15.45
N ASP A 166 20.15 36.72 -16.30
CA ASP A 166 19.86 37.52 -17.48
C ASP A 166 18.92 38.73 -17.21
N GLY A 167 18.32 38.76 -16.03
CA GLY A 167 17.42 39.84 -15.64
C GLY A 167 15.94 39.52 -15.66
N GLU A 168 15.55 38.37 -16.26
CA GLU A 168 14.14 37.96 -16.30
C GLU A 168 13.71 37.51 -14.91
N ALA A 169 12.44 37.77 -14.55
CA ALA A 169 11.90 37.44 -13.23
C ALA A 169 11.83 35.94 -12.96
N PHE A 170 12.03 35.57 -11.69
CA PHE A 170 11.92 34.18 -11.25
C PHE A 170 10.56 34.06 -10.57
N ASN A 171 9.69 33.15 -11.05
CA ASN A 171 8.34 32.97 -10.49
C ASN A 171 7.81 31.53 -10.55
N ALA A 172 6.55 31.32 -10.11
CA ALA A 172 5.84 30.03 -10.10
C ALA A 172 5.72 29.42 -11.48
N ASP A 173 5.80 30.25 -12.55
CA ASP A 173 5.75 29.77 -13.93
C ASP A 173 6.95 28.88 -14.26
N ASP A 174 8.14 29.16 -13.65
CA ASP A 174 9.37 28.38 -13.84
C ASP A 174 9.30 27.08 -13.03
N VAL A 175 8.60 27.14 -11.88
CA VAL A 175 8.39 26.04 -10.95
C VAL A 175 7.37 25.08 -11.59
N MET A 176 6.32 25.64 -12.18
CA MET A 176 5.24 24.90 -12.83
C MET A 176 5.68 24.30 -14.14
N PHE A 177 6.60 24.99 -14.86
CA PHE A 177 7.15 24.50 -16.11
C PHE A 177 7.93 23.22 -15.87
N TYR A 178 8.63 23.13 -14.72
CA TYR A 178 9.40 21.96 -14.35
C TYR A 178 8.47 20.77 -13.99
N TRP A 179 7.50 20.99 -13.07
CA TRP A 179 6.53 19.95 -12.64
C TRP A 179 5.76 19.31 -13.80
N GLU A 180 5.07 20.12 -14.62
CA GLU A 180 4.25 19.63 -15.73
C GLU A 180 5.05 19.15 -16.94
N ASP A 181 6.07 19.92 -17.35
CA ASP A 181 6.77 19.66 -18.59
C ASP A 181 8.07 18.84 -18.47
N ALA A 182 8.52 18.53 -17.24
CA ALA A 182 9.71 17.68 -17.06
C ALA A 182 9.40 16.42 -16.24
N VAL A 183 8.89 16.60 -15.00
CA VAL A 183 8.57 15.50 -14.08
C VAL A 183 7.39 14.67 -14.61
N VAL A 184 6.20 15.30 -14.70
CA VAL A 184 4.94 14.72 -15.14
C VAL A 184 5.07 14.18 -16.57
N ASP A 185 5.60 15.01 -17.54
CA ASP A 185 5.81 14.62 -18.94
C ASP A 185 6.61 13.30 -19.00
N PRO A 186 5.99 12.17 -19.46
CA PRO A 186 6.71 10.88 -19.46
C PRO A 186 7.90 10.79 -20.40
N ASN A 187 7.96 11.72 -21.38
CA ASN A 187 9.01 11.80 -22.38
C ASN A 187 10.26 12.63 -21.94
N VAL A 188 10.24 13.18 -20.72
CA VAL A 188 11.34 13.97 -20.16
C VAL A 188 11.83 13.30 -18.88
N SER A 189 13.18 13.21 -18.76
CA SER A 189 13.86 12.58 -17.63
C SER A 189 14.91 13.54 -17.02
N PRO A 190 14.55 14.35 -16.00
CA PRO A 190 15.56 15.26 -15.38
C PRO A 190 16.81 14.55 -14.87
N LEU A 191 17.94 15.29 -14.85
CA LEU A 191 19.26 14.80 -14.40
C LEU A 191 19.24 14.16 -12.99
N GLY A 192 19.94 13.02 -12.87
CA GLY A 192 20.01 12.26 -11.63
C GLY A 192 19.33 10.91 -11.71
N GLY A 193 18.35 10.79 -12.61
CA GLY A 193 17.61 9.55 -12.86
C GLY A 193 16.50 9.17 -11.89
N GLY A 194 16.21 10.07 -10.93
CA GLY A 194 15.19 9.83 -9.92
C GLY A 194 14.15 10.92 -9.77
N ALA A 195 13.71 11.53 -10.89
CA ALA A 195 12.69 12.59 -10.86
C ALA A 195 11.36 12.15 -11.54
N SER A 196 10.90 10.94 -11.21
CA SER A 196 9.61 10.38 -11.68
C SER A 196 8.51 11.01 -10.78
N PRO A 197 7.23 11.10 -11.22
CA PRO A 197 6.19 11.73 -10.36
C PRO A 197 6.01 11.04 -9.00
N GLU A 198 6.26 9.72 -8.94
CA GLU A 198 6.14 8.86 -7.76
C GLU A 198 7.19 9.13 -6.67
N ALA A 199 8.31 9.85 -7.02
CA ALA A 199 9.36 10.22 -6.09
C ALA A 199 8.83 11.21 -5.05
N PHE A 200 7.76 11.90 -5.42
CA PHE A 200 7.04 12.88 -4.63
C PHE A 200 5.81 12.27 -4.02
N GLY A 201 5.61 10.97 -4.27
CA GLY A 201 4.46 10.19 -3.81
C GLY A 201 3.52 9.82 -4.94
N GLU A 202 3.03 8.57 -4.91
CA GLU A 202 2.08 8.10 -5.90
C GLU A 202 0.76 8.87 -5.68
N GLY A 203 0.33 9.60 -6.71
CA GLY A 203 -0.87 10.41 -6.69
C GLY A 203 -0.66 11.87 -6.28
N THR A 204 0.61 12.31 -6.12
CA THR A 204 0.94 13.68 -5.75
C THR A 204 0.68 14.67 -6.90
N THR A 205 -0.13 15.69 -6.63
CA THR A 205 -0.45 16.80 -7.53
C THR A 205 0.20 18.11 -6.99
N LEU A 206 0.42 19.09 -7.89
CA LEU A 206 1.00 20.40 -7.61
C LEU A 206 0.32 21.42 -8.53
N LYS A 207 -0.07 22.57 -7.97
CA LYS A 207 -0.77 23.63 -8.71
C LYS A 207 -0.32 25.06 -8.35
N LYS A 208 -0.45 25.99 -9.31
CA LYS A 208 -0.09 27.39 -9.11
C LYS A 208 -1.21 28.09 -8.33
N ILE A 209 -0.85 28.94 -7.36
CA ILE A 209 -1.81 29.72 -6.57
C ILE A 209 -1.76 31.16 -7.11
N ASP A 210 -0.55 31.75 -7.10
CA ASP A 210 -0.21 33.06 -7.62
C ASP A 210 1.27 33.03 -8.09
N ASP A 211 1.81 34.15 -8.60
CA ASP A 211 3.20 34.23 -9.10
C ASP A 211 4.26 33.74 -8.13
N TYR A 212 4.01 33.84 -6.81
CA TYR A 212 4.98 33.42 -5.81
C TYR A 212 4.43 32.42 -4.79
N THR A 213 3.39 31.65 -5.16
CA THR A 213 2.76 30.64 -4.31
C THR A 213 2.32 29.42 -5.12
N VAL A 214 2.65 28.22 -4.62
CA VAL A 214 2.33 26.91 -5.21
C VAL A 214 1.70 26.01 -4.15
N GLU A 215 0.93 24.99 -4.56
CA GLU A 215 0.21 24.11 -3.64
C GLU A 215 0.33 22.63 -4.00
N TRP A 216 0.98 21.86 -3.11
CA TRP A 216 1.17 20.41 -3.24
C TRP A 216 -0.02 19.71 -2.61
N THR A 217 -0.45 18.57 -3.20
CA THR A 217 -1.53 17.75 -2.64
C THR A 217 -1.03 16.29 -2.60
N PHE A 218 -0.86 15.75 -1.38
CA PHE A 218 -0.35 14.40 -1.13
C PHE A 218 -1.43 13.47 -0.64
N LYS A 219 -1.39 12.20 -1.08
CA LYS A 219 -2.31 11.11 -0.73
C LYS A 219 -2.15 10.77 0.78
N ALA A 220 -0.90 10.79 1.28
CA ALA A 220 -0.52 10.53 2.67
C ALA A 220 -0.66 11.78 3.53
N ALA A 221 -0.81 11.59 4.85
CA ALA A 221 -0.92 12.68 5.82
C ALA A 221 0.48 12.96 6.37
N PHE A 222 0.96 14.20 6.13
CA PHE A 222 2.28 14.74 6.47
C PHE A 222 3.46 13.88 5.96
N PRO A 223 3.63 13.66 4.61
CA PRO A 223 4.81 12.93 4.13
C PRO A 223 6.01 13.88 3.96
N LYS A 224 6.39 14.49 5.11
CA LYS A 224 7.44 15.52 5.29
C LYS A 224 8.77 15.17 4.65
N GLN A 225 9.01 13.86 4.38
CA GLN A 225 10.23 13.31 3.78
C GLN A 225 10.43 13.75 2.33
N TYR A 226 9.33 14.17 1.68
CA TYR A 226 9.32 14.65 0.30
C TYR A 226 9.93 16.07 0.15
N LEU A 227 10.12 16.81 1.28
CA LEU A 227 10.79 18.13 1.23
C LEU A 227 12.25 17.97 0.85
N TYR A 228 12.84 16.80 1.22
CA TYR A 228 14.20 16.40 0.90
C TYR A 228 14.31 16.10 -0.60
N THR A 229 13.23 15.57 -1.20
CA THR A 229 13.17 15.28 -2.64
C THR A 229 13.15 16.60 -3.45
N MET A 230 12.59 17.67 -2.86
CA MET A 230 12.54 19.01 -3.48
C MET A 230 13.93 19.71 -3.52
N ALA A 231 14.97 19.07 -2.92
CA ALA A 231 16.37 19.55 -2.98
C ALA A 231 17.05 18.91 -4.21
N TYR A 232 18.36 18.99 -4.32
CA TYR A 232 19.15 18.43 -5.41
C TYR A 232 19.15 16.89 -5.35
N PRO A 233 19.07 16.20 -6.49
CA PRO A 233 18.94 16.74 -7.85
C PRO A 233 17.47 16.85 -8.38
N SER A 234 16.51 16.34 -7.60
CA SER A 234 15.13 16.07 -8.01
C SER A 234 14.21 17.28 -8.28
N PHE A 235 14.46 18.49 -7.72
CA PHE A 235 13.58 19.64 -8.04
C PHE A 235 14.38 20.94 -8.27
N CYS A 236 15.10 21.01 -9.41
CA CYS A 236 15.89 22.16 -9.81
C CYS A 236 15.25 22.85 -11.00
N PRO A 237 14.43 23.90 -10.77
CA PRO A 237 13.76 24.57 -11.89
C PRO A 237 14.71 25.26 -12.88
N GLY A 238 14.30 25.25 -14.14
CA GLY A 238 15.04 25.85 -15.25
C GLY A 238 14.39 27.12 -15.76
N PRO A 239 15.13 27.96 -16.55
CA PRO A 239 14.53 29.20 -17.07
C PRO A 239 13.45 28.92 -18.12
N SER A 240 12.18 29.06 -17.70
CA SER A 240 11.02 28.81 -18.54
C SER A 240 10.96 29.74 -19.75
N HIS A 241 11.33 31.04 -19.60
CA HIS A 241 11.32 32.02 -20.69
C HIS A 241 12.25 31.66 -21.87
N ILE A 242 13.20 30.75 -21.62
CA ILE A 242 14.20 30.23 -22.55
C ILE A 242 13.86 28.78 -23.00
N LEU A 243 13.44 27.91 -22.05
CA LEU A 243 13.19 26.49 -22.30
C LEU A 243 11.79 26.16 -22.84
N LYS A 244 10.75 26.91 -22.40
CA LYS A 244 9.35 26.73 -22.81
C LYS A 244 9.17 26.88 -24.34
N PRO A 245 9.75 27.91 -25.04
CA PRO A 245 9.58 27.98 -26.51
C PRO A 245 10.23 26.83 -27.29
N GLN A 246 11.09 26.05 -26.63
CA GLN A 246 11.83 24.92 -27.21
C GLN A 246 11.18 23.56 -26.89
N HIS A 247 10.21 23.53 -25.96
CA HIS A 247 9.53 22.31 -25.52
C HIS A 247 8.51 21.74 -26.55
N PRO A 248 8.53 20.40 -26.83
CA PRO A 248 7.60 19.82 -27.84
C PRO A 248 6.11 20.10 -27.66
N LYS A 249 5.63 20.18 -26.41
CA LYS A 249 4.23 20.47 -26.08
C LYS A 249 3.82 21.89 -26.55
N TYR A 250 4.82 22.80 -26.68
CA TYR A 250 4.65 24.20 -27.08
C TYR A 250 5.33 24.59 -28.41
N SER A 251 5.99 23.62 -29.10
CA SER A 251 6.72 23.88 -30.35
C SER A 251 6.69 22.73 -31.40
N LYS A 252 7.55 22.82 -32.44
CA LYS A 252 7.69 21.81 -33.49
C LYS A 252 8.97 20.96 -33.32
N ASN A 253 9.65 21.09 -32.17
CA ASN A 253 10.86 20.32 -31.84
C ASN A 253 10.52 18.95 -31.26
N THR A 254 11.40 17.96 -31.49
CA THR A 254 11.24 16.62 -30.89
C THR A 254 11.79 16.70 -29.43
N TYR A 255 11.60 15.63 -28.64
CA TYR A 255 12.11 15.60 -27.27
C TYR A 255 13.64 15.56 -27.24
N ASN A 256 14.25 15.01 -28.31
CA ASN A 256 15.70 14.98 -28.50
C ASN A 256 16.18 16.37 -28.92
N GLN A 257 15.35 17.11 -29.71
CA GLN A 257 15.64 18.48 -30.15
C GLN A 257 15.61 19.44 -28.96
N PHE A 258 14.65 19.19 -28.03
CA PHE A 258 14.51 19.96 -26.81
C PHE A 258 15.69 19.71 -25.89
N LYS A 259 16.05 18.42 -25.68
CA LYS A 259 17.15 18.00 -24.79
C LYS A 259 18.47 18.66 -25.17
N ASN A 260 18.74 18.75 -26.47
CA ASN A 260 19.97 19.28 -27.06
C ASN A 260 19.84 20.70 -27.64
N ALA A 261 18.87 21.49 -27.18
CA ALA A 261 18.63 22.84 -27.71
C ALA A 261 19.67 23.87 -27.26
N PHE A 262 20.37 23.60 -26.12
CA PHE A 262 21.37 24.51 -25.59
C PHE A 262 22.70 23.75 -25.41
N PRO A 263 23.48 23.58 -26.52
CA PRO A 263 24.75 22.82 -26.44
C PRO A 263 25.83 23.53 -25.61
N PRO A 264 27.00 22.88 -25.31
CA PRO A 264 28.01 23.54 -24.46
C PRO A 264 28.53 24.87 -24.97
N GLU A 265 28.47 25.07 -26.28
CA GLU A 265 28.95 26.28 -26.94
C GLU A 265 28.03 27.50 -26.69
N TYR A 266 26.73 27.24 -26.37
CA TYR A 266 25.74 28.25 -26.03
C TYR A 266 26.15 28.87 -24.68
N MET A 267 26.45 30.19 -24.66
CA MET A 267 26.96 30.86 -23.46
C MET A 267 25.93 31.69 -22.71
N ASN A 268 26.17 31.92 -21.39
CA ASN A 268 25.35 32.77 -20.49
C ASN A 268 23.94 32.25 -20.23
N MET A 269 23.80 30.93 -20.12
CA MET A 269 22.55 30.25 -19.87
C MET A 269 21.90 30.76 -18.59
N PRO A 270 20.65 31.28 -18.61
CA PRO A 270 20.04 31.81 -17.39
C PRO A 270 19.99 30.77 -16.27
N VAL A 271 20.47 31.20 -15.11
CA VAL A 271 20.59 30.35 -13.93
C VAL A 271 20.20 31.14 -12.69
N MET A 272 19.82 30.40 -11.63
CA MET A 272 19.52 30.96 -10.33
C MET A 272 20.77 30.83 -9.44
N GLY A 273 21.80 30.17 -9.98
CA GLY A 273 23.10 29.92 -9.33
C GLY A 273 24.00 31.13 -9.13
N ALA A 274 25.08 30.95 -8.31
CA ALA A 274 26.03 31.99 -7.95
C ALA A 274 26.90 32.51 -9.10
N TRP A 275 27.22 31.63 -10.08
CA TRP A 275 28.06 31.92 -11.24
C TRP A 275 27.44 31.46 -12.52
N VAL A 276 27.78 32.13 -13.60
CA VAL A 276 27.20 31.86 -14.93
C VAL A 276 28.30 31.39 -15.90
N PRO A 277 28.05 30.37 -16.76
CA PRO A 277 29.06 30.01 -17.77
C PRO A 277 29.22 31.09 -18.83
N VAL A 278 30.44 31.55 -19.01
CA VAL A 278 30.79 32.67 -19.90
C VAL A 278 31.81 32.21 -20.95
N SER A 279 32.50 31.10 -20.69
CA SER A 279 33.52 30.56 -21.59
C SER A 279 33.59 29.05 -21.56
N TYR A 280 33.89 28.46 -22.73
CA TYR A 280 34.02 27.01 -22.88
C TYR A 280 34.98 26.66 -23.98
N ARG A 281 35.91 25.74 -23.69
CA ARG A 281 36.80 25.19 -24.71
C ARG A 281 36.69 23.68 -24.57
N PRO A 282 36.31 22.93 -25.65
CA PRO A 282 36.16 21.47 -25.52
C PRO A 282 37.38 20.77 -24.98
N ASP A 283 37.17 19.81 -24.03
CA ASP A 283 38.18 19.00 -23.35
C ASP A 283 39.26 19.82 -22.63
N ASP A 284 38.95 21.09 -22.37
CA ASP A 284 39.85 21.98 -21.71
C ASP A 284 39.27 22.59 -20.46
N LEU A 285 38.33 23.55 -20.61
CA LEU A 285 37.84 24.32 -19.48
C LEU A 285 36.48 24.98 -19.71
N ILE A 286 35.77 25.21 -18.59
CA ILE A 286 34.54 26.01 -18.50
C ILE A 286 34.85 27.09 -17.47
N VAL A 287 34.62 28.39 -17.85
CA VAL A 287 34.81 29.53 -16.96
C VAL A 287 33.40 30.10 -16.62
N LEU A 288 33.16 30.38 -15.33
CA LEU A 288 31.92 30.96 -14.84
C LEU A 288 32.27 32.24 -14.13
N ARG A 289 31.47 33.29 -14.37
CA ARG A 289 31.64 34.58 -13.73
C ARG A 289 30.44 34.82 -12.84
N ARG A 290 30.65 35.52 -11.70
CA ARG A 290 29.59 35.85 -10.73
C ARG A 290 28.26 36.34 -11.38
N ASN A 291 27.11 35.79 -10.95
CA ASN A 291 25.76 36.15 -11.40
C ASN A 291 25.38 37.50 -10.73
N PRO A 292 25.18 38.60 -11.51
CA PRO A 292 24.83 39.89 -10.89
C PRO A 292 23.47 39.92 -10.20
N TYR A 293 22.53 39.09 -10.67
CA TYR A 293 21.18 38.95 -10.13
C TYR A 293 21.06 37.92 -9.00
N TYR A 294 22.19 37.44 -8.44
CA TYR A 294 22.19 36.49 -7.32
C TYR A 294 21.45 37.06 -6.12
N TRP A 295 20.53 36.26 -5.62
CA TRP A 295 19.50 36.57 -4.63
C TRP A 295 19.85 36.23 -3.18
N LYS A 296 21.13 36.03 -2.91
CA LYS A 296 21.67 35.69 -1.58
C LYS A 296 22.68 36.73 -1.12
N VAL A 297 22.59 37.14 0.17
CA VAL A 297 23.43 38.16 0.80
C VAL A 297 23.93 37.68 2.17
N ASP A 298 24.96 38.33 2.73
CA ASP A 298 25.36 38.04 4.11
C ASP A 298 24.58 39.07 5.04
N GLU A 299 24.65 38.88 6.36
CA GLU A 299 24.04 39.71 7.42
C GLU A 299 24.41 41.18 7.29
N LYS A 300 25.60 41.48 6.72
CA LYS A 300 26.14 42.83 6.52
C LYS A 300 25.68 43.50 5.19
N GLY A 301 24.86 42.78 4.42
CA GLY A 301 24.27 43.24 3.17
C GLY A 301 25.10 43.04 1.92
N GLN A 302 26.29 42.41 2.05
CA GLN A 302 27.15 42.15 0.89
C GLN A 302 26.52 41.05 0.03
N GLN A 303 26.29 41.36 -1.26
CA GLN A 303 25.70 40.42 -2.21
C GLN A 303 26.69 39.31 -2.51
N LEU A 304 26.24 38.05 -2.37
CA LEU A 304 27.07 36.88 -2.64
C LEU A 304 27.08 36.54 -4.14
N PRO A 305 28.06 35.74 -4.66
CA PRO A 305 29.20 35.11 -3.95
C PRO A 305 30.36 36.09 -3.66
N TYR A 306 31.27 35.71 -2.74
CA TYR A 306 32.48 36.46 -2.47
C TYR A 306 33.49 36.28 -3.63
N LEU A 307 33.60 35.02 -4.13
CA LEU A 307 34.46 34.59 -5.26
C LEU A 307 33.90 35.09 -6.58
N ASN A 308 34.74 35.74 -7.41
CA ASN A 308 34.26 36.33 -8.68
C ASN A 308 34.22 35.36 -9.87
N GLU A 309 35.04 34.29 -9.79
CA GLU A 309 35.20 33.33 -10.85
C GLU A 309 35.27 31.91 -10.35
N VAL A 310 34.83 30.97 -11.24
CA VAL A 310 34.90 29.53 -11.04
C VAL A 310 35.44 28.94 -12.33
N HIS A 311 36.40 28.00 -12.17
CA HIS A 311 36.98 27.23 -13.26
C HIS A 311 36.60 25.77 -13.07
N TYR A 312 36.23 25.08 -14.17
CA TYR A 312 36.04 23.64 -14.19
C TYR A 312 36.97 23.13 -15.27
N LYS A 313 38.12 22.60 -14.85
CA LYS A 313 39.09 22.04 -15.79
C LYS A 313 38.59 20.69 -16.17
N LEU A 314 38.53 20.45 -17.48
CA LEU A 314 38.05 19.20 -18.05
C LEU A 314 39.20 18.23 -18.21
N SER A 315 39.37 17.36 -17.20
CA SER A 315 40.46 16.39 -17.12
C SER A 315 39.93 14.96 -16.74
N THR A 316 40.43 14.40 -15.62
CA THR A 316 40.01 13.09 -15.11
C THR A 316 39.74 13.24 -13.62
N TRP A 317 39.05 12.26 -13.01
CA TRP A 317 38.72 12.28 -11.60
C TRP A 317 39.96 12.10 -10.69
N ALA A 318 40.98 11.33 -11.19
CA ALA A 318 42.26 11.09 -10.52
C ALA A 318 43.11 12.41 -10.56
N ASP A 319 43.06 13.14 -11.70
CA ASP A 319 43.79 14.37 -11.87
C ASP A 319 43.24 15.49 -10.93
N ARG A 320 41.95 15.38 -10.47
CA ARG A 320 41.37 16.30 -9.50
C ARG A 320 42.14 16.20 -8.17
N ASP A 321 42.48 14.95 -7.74
CA ASP A 321 43.25 14.68 -6.52
C ASP A 321 44.68 15.22 -6.69
N VAL A 322 45.30 14.91 -7.83
CA VAL A 322 46.66 15.31 -8.19
C VAL A 322 46.79 16.82 -8.09
N GLN A 323 45.85 17.53 -8.72
CA GLN A 323 45.83 18.97 -8.77
C GLN A 323 45.49 19.66 -7.46
N ALA A 324 44.62 19.07 -6.65
CA ALA A 324 44.29 19.65 -5.35
C ALA A 324 45.51 19.57 -4.41
N VAL A 325 46.28 18.45 -4.44
CA VAL A 325 47.49 18.33 -3.62
C VAL A 325 48.72 19.15 -4.24
N ALA A 326 48.76 19.33 -5.55
CA ALA A 326 49.79 20.13 -6.24
C ALA A 326 49.56 21.62 -6.00
N GLY A 327 48.29 22.00 -5.84
CA GLY A 327 47.86 23.37 -5.59
C GLY A 327 47.31 24.14 -6.78
N SER A 328 47.18 23.48 -7.97
CA SER A 328 46.60 24.08 -9.20
C SER A 328 45.08 23.98 -9.23
N GLY A 329 44.55 23.03 -8.43
CA GLY A 329 43.13 22.82 -8.22
C GLY A 329 42.88 23.13 -6.76
N ASP A 330 41.69 23.66 -6.46
CA ASP A 330 41.36 24.12 -5.12
C ASP A 330 40.54 23.20 -4.27
N PHE A 331 39.99 22.15 -4.87
CA PHE A 331 39.08 21.27 -4.23
C PHE A 331 39.13 19.83 -4.81
N SER A 332 39.02 18.87 -3.91
CA SER A 332 38.87 17.46 -4.23
C SER A 332 38.09 16.73 -3.17
N ASN A 333 37.33 15.75 -3.66
CA ASN A 333 36.63 14.72 -2.88
C ASN A 333 37.49 13.51 -3.14
N LEU A 334 38.41 13.20 -2.22
CA LEU A 334 39.31 12.04 -2.33
C LEU A 334 38.52 10.81 -1.94
N GLU A 335 38.03 10.13 -2.96
CA GLU A 335 37.10 8.99 -2.92
C GLU A 335 37.57 7.72 -3.61
N GLN A 336 38.79 7.68 -4.15
CA GLN A 336 39.33 6.48 -4.80
C GLN A 336 40.46 5.93 -3.94
N PRO A 337 40.24 4.83 -3.20
CA PRO A 337 41.30 4.32 -2.30
C PRO A 337 42.70 4.15 -2.92
N GLU A 338 42.78 3.94 -4.24
CA GLU A 338 44.00 3.83 -5.07
C GLU A 338 44.83 5.13 -5.02
N ASN A 339 44.16 6.24 -4.70
CA ASN A 339 44.70 7.58 -4.64
C ASN A 339 45.07 8.07 -3.22
N PHE A 340 44.61 7.34 -2.17
CA PHE A 340 44.78 7.65 -0.76
C PHE A 340 46.22 7.82 -0.30
N VAL A 341 47.08 6.84 -0.56
CA VAL A 341 48.47 6.82 -0.10
C VAL A 341 49.26 7.97 -0.72
N ALA A 342 49.21 8.09 -2.07
CA ALA A 342 49.85 9.18 -2.83
C ALA A 342 49.47 10.58 -2.31
N SER A 343 48.17 10.79 -2.01
CA SER A 343 47.60 12.03 -1.49
C SER A 343 47.99 12.26 -0.04
N LEU A 344 47.97 11.19 0.80
CA LEU A 344 48.39 11.30 2.20
C LEU A 344 49.88 11.66 2.36
N LYS A 345 50.75 11.17 1.43
CA LYS A 345 52.19 11.48 1.40
C LYS A 345 52.40 12.96 1.10
N ARG A 346 51.69 13.49 0.10
CA ARG A 346 51.78 14.89 -0.26
C ARG A 346 51.23 15.79 0.86
N ALA A 347 50.10 15.40 1.46
CA ALA A 347 49.44 16.08 2.58
C ALA A 347 50.30 16.09 3.86
N ALA A 348 51.21 15.09 4.02
CA ALA A 348 52.14 14.99 5.14
C ALA A 348 53.18 16.11 5.16
N ASP A 349 53.35 16.87 4.05
CA ASP A 349 54.27 17.99 4.01
C ASP A 349 53.60 19.25 4.65
N PRO A 350 54.23 19.90 5.64
CA PRO A 350 53.63 21.13 6.21
C PRO A 350 53.48 22.28 5.20
N ASN A 351 54.27 22.25 4.10
CA ASN A 351 54.24 23.21 3.00
C ASN A 351 53.20 22.88 1.90
N ALA A 352 52.41 21.78 2.08
CA ALA A 352 51.31 21.36 1.18
C ALA A 352 50.29 22.52 1.01
N PRO A 353 49.88 22.87 -0.22
CA PRO A 353 48.91 23.99 -0.39
C PRO A 353 47.47 23.69 0.04
N ALA A 354 47.18 22.43 0.34
CA ALA A 354 45.86 21.98 0.74
C ALA A 354 45.91 21.13 1.99
N ARG A 355 44.77 21.10 2.70
CA ARG A 355 44.49 20.36 3.93
C ARG A 355 43.59 19.19 3.51
N LEU A 356 43.74 18.05 4.17
CA LEU A 356 42.98 16.85 3.88
C LEU A 356 42.34 16.34 5.21
N ALA A 357 41.02 16.10 5.19
CA ALA A 357 40.31 15.59 6.35
C ALA A 357 39.34 14.46 5.95
N PHE A 358 39.51 13.30 6.58
CA PHE A 358 38.67 12.11 6.40
C PHE A 358 37.41 12.24 7.28
N GLY A 359 36.32 11.64 6.85
CA GLY A 359 35.09 11.66 7.63
C GLY A 359 34.62 10.25 7.88
N PRO A 360 33.31 10.03 8.17
CA PRO A 360 32.84 8.65 8.46
C PRO A 360 32.81 7.77 7.21
N ARG A 361 32.62 6.45 7.37
CA ARG A 361 32.58 5.54 6.21
C ARG A 361 31.23 5.66 5.53
N LEU A 362 31.13 6.53 4.51
CA LEU A 362 29.89 6.80 3.79
C LEU A 362 29.94 6.52 2.27
N ILE A 363 31.11 6.03 1.76
CA ILE A 363 31.28 5.69 0.35
C ILE A 363 31.13 4.20 0.24
N GLY A 364 30.13 3.78 -0.51
CA GLY A 364 29.83 2.37 -0.67
C GLY A 364 29.64 2.00 -2.12
N TYR A 365 29.94 0.74 -2.42
CA TYR A 365 29.75 0.16 -3.72
C TYR A 365 28.97 -1.11 -3.56
N ASN A 366 28.00 -1.28 -4.43
CA ASN A 366 27.15 -2.46 -4.47
C ASN A 366 27.12 -3.03 -5.85
N LEU A 367 26.99 -4.36 -5.92
CA LEU A 367 26.72 -5.10 -7.15
C LEU A 367 25.18 -5.11 -7.18
N GLN A 368 24.61 -4.52 -8.25
CA GLN A 368 23.17 -4.44 -8.44
C GLN A 368 22.80 -5.39 -9.54
N MET A 369 21.81 -6.21 -9.27
CA MET A 369 21.31 -7.25 -10.16
C MET A 369 19.95 -6.77 -10.64
N ASN A 370 19.70 -6.85 -11.96
CA ASN A 370 18.41 -6.48 -12.54
C ASN A 370 17.39 -7.56 -12.20
N PHE A 371 16.31 -7.16 -11.49
CA PHE A 371 15.24 -8.08 -11.06
C PHE A 371 13.98 -8.04 -11.92
N SER A 372 14.00 -7.35 -13.07
CA SER A 372 12.83 -7.29 -13.92
C SER A 372 12.81 -8.44 -14.87
N ALA A 373 11.81 -9.29 -14.69
CA ALA A 373 11.54 -10.44 -15.54
C ALA A 373 10.33 -10.09 -16.44
N ASN A 374 9.82 -8.84 -16.32
CA ASN A 374 8.68 -8.32 -17.08
C ASN A 374 9.11 -7.37 -18.25
N GLY A 375 10.38 -7.43 -18.62
CA GLY A 375 10.92 -6.71 -19.78
C GLY A 375 11.60 -5.36 -19.69
N TRP A 376 12.12 -4.95 -18.51
CA TRP A 376 12.85 -3.67 -18.40
C TRP A 376 14.17 -3.80 -19.15
N GLY A 377 14.38 -2.89 -20.09
CA GLY A 377 15.57 -2.86 -20.95
C GLY A 377 15.50 -3.79 -22.14
N ASN A 378 14.29 -4.31 -22.44
CA ASN A 378 13.96 -5.24 -23.53
C ASN A 378 14.96 -6.42 -23.63
N PRO A 379 15.04 -7.32 -22.61
CA PRO A 379 16.03 -8.42 -22.69
C PRO A 379 15.76 -9.47 -23.76
N ASP A 380 16.85 -10.13 -24.21
CA ASP A 380 16.87 -11.25 -25.15
C ASP A 380 16.73 -12.53 -24.31
N GLU A 381 16.82 -13.71 -24.93
CA GLU A 381 16.74 -14.99 -24.22
C GLU A 381 17.83 -15.17 -23.15
N ARG A 382 19.07 -14.74 -23.47
CA ARG A 382 20.22 -14.83 -22.56
C ARG A 382 20.06 -13.87 -21.39
N GLY A 383 19.60 -12.65 -21.68
CA GLY A 383 19.35 -11.62 -20.68
C GLY A 383 18.29 -12.05 -19.69
N GLN A 384 17.14 -12.52 -20.23
CA GLN A 384 15.98 -13.01 -19.49
C GLN A 384 16.31 -14.18 -18.55
N ALA A 385 17.18 -15.11 -18.97
CA ALA A 385 17.62 -16.24 -18.15
C ALA A 385 18.46 -15.76 -16.93
N ILE A 386 19.19 -14.64 -17.09
CA ILE A 386 19.97 -14.02 -16.03
C ILE A 386 19.01 -13.28 -15.04
N ARG A 387 17.98 -12.57 -15.58
CA ARG A 387 16.94 -11.90 -14.78
C ARG A 387 16.31 -12.91 -13.84
N GLU A 388 16.06 -14.13 -14.36
CA GLU A 388 15.49 -15.26 -13.64
C GLU A 388 16.44 -15.84 -12.58
N LEU A 389 17.77 -15.87 -12.84
CA LEU A 389 18.77 -16.32 -11.85
C LEU A 389 18.87 -15.28 -10.73
N ASN A 390 18.85 -13.99 -11.12
CA ASN A 390 18.94 -12.84 -10.24
C ASN A 390 17.81 -12.83 -9.22
N ARG A 391 16.62 -13.25 -9.64
CA ARG A 391 15.44 -13.31 -8.77
C ARG A 391 15.41 -14.58 -7.88
N ASN A 392 16.35 -15.52 -8.08
CA ASN A 392 16.43 -16.73 -7.24
C ASN A 392 17.31 -16.42 -6.02
N GLU A 393 16.73 -16.54 -4.79
CA GLU A 393 17.41 -16.20 -3.53
C GLU A 393 18.66 -17.06 -3.24
N VAL A 394 18.71 -18.30 -3.74
CA VAL A 394 19.83 -19.24 -3.57
C VAL A 394 21.03 -18.78 -4.41
N PHE A 395 20.76 -18.33 -5.65
CA PHE A 395 21.76 -17.79 -6.58
C PHE A 395 22.43 -16.55 -5.95
N ARG A 396 21.61 -15.61 -5.42
CA ARG A 396 22.10 -14.40 -4.73
C ARG A 396 22.94 -14.73 -3.50
N GLN A 397 22.46 -15.70 -2.66
CA GLN A 397 23.16 -16.14 -1.46
C GLN A 397 24.53 -16.73 -1.78
N ALA A 398 24.63 -17.50 -2.89
CA ALA A 398 25.87 -18.10 -3.35
C ALA A 398 26.84 -17.03 -3.87
N VAL A 399 26.34 -16.03 -4.67
CA VAL A 399 27.17 -14.95 -5.24
C VAL A 399 27.84 -14.12 -4.11
N THR A 400 27.09 -13.74 -3.08
CA THR A 400 27.63 -12.96 -1.97
C THR A 400 28.61 -13.78 -1.08
N SER A 401 28.40 -15.11 -0.98
CA SER A 401 29.24 -16.01 -0.19
C SER A 401 30.56 -16.31 -0.91
N ALA A 402 30.59 -16.21 -2.26
CA ALA A 402 31.77 -16.44 -3.10
C ALA A 402 32.72 -15.24 -3.10
N LEU A 403 32.33 -14.13 -2.45
CA LEU A 403 33.13 -12.91 -2.37
C LEU A 403 33.96 -12.84 -1.09
N ASP A 404 35.29 -12.78 -1.24
CA ASP A 404 36.22 -12.61 -0.11
C ASP A 404 36.33 -11.09 0.02
N ARG A 405 35.50 -10.51 0.92
CA ARG A 405 35.39 -9.08 1.16
C ARG A 405 36.64 -8.46 1.76
N LYS A 406 37.46 -9.25 2.47
CA LYS A 406 38.72 -8.76 3.01
C LYS A 406 39.70 -8.57 1.83
N ALA A 407 39.63 -9.45 0.81
CA ALA A 407 40.47 -9.37 -0.39
C ALA A 407 40.03 -8.21 -1.30
N ILE A 408 38.71 -7.92 -1.37
CA ILE A 408 38.12 -6.80 -2.11
C ILE A 408 38.67 -5.48 -1.53
N GLY A 409 38.66 -5.37 -0.19
CA GLY A 409 39.14 -4.21 0.55
C GLY A 409 40.63 -3.96 0.39
N ASP A 410 41.45 -5.01 0.50
CA ASP A 410 42.90 -4.96 0.36
C ASP A 410 43.35 -4.59 -1.05
N SER A 411 42.57 -5.00 -2.07
CA SER A 411 42.86 -4.71 -3.48
C SER A 411 42.72 -3.21 -3.79
N LEU A 412 41.99 -2.48 -2.96
CA LEU A 412 41.82 -1.03 -3.15
C LEU A 412 42.84 -0.25 -2.31
N VAL A 413 42.88 -0.55 -0.99
CA VAL A 413 43.81 0.07 -0.04
C VAL A 413 43.94 -0.79 1.22
N LYS A 414 45.18 -1.00 1.71
CA LYS A 414 45.43 -1.71 2.96
C LYS A 414 45.27 -0.70 4.10
N GLY A 415 45.16 -1.18 5.33
CA GLY A 415 45.00 -0.28 6.46
C GLY A 415 43.60 -0.23 7.03
N PRO A 416 43.28 0.84 7.79
CA PRO A 416 41.98 0.89 8.48
C PRO A 416 40.80 1.53 7.73
N PHE A 417 40.96 1.81 6.43
CA PHE A 417 39.94 2.50 5.63
C PHE A 417 38.68 1.66 5.34
N THR A 418 38.85 0.52 4.67
CA THR A 418 37.73 -0.33 4.26
C THR A 418 37.12 -1.09 5.44
N ALA A 419 35.81 -1.37 5.31
CA ALA A 419 35.02 -2.13 6.28
C ALA A 419 34.29 -3.22 5.51
N ILE A 420 34.08 -4.39 6.16
CA ILE A 420 33.37 -5.50 5.53
C ILE A 420 31.93 -5.01 5.28
N TYR A 421 31.60 -4.85 3.99
CA TYR A 421 30.30 -4.33 3.59
C TYR A 421 29.41 -5.40 2.90
N PRO A 422 28.33 -5.81 3.59
CA PRO A 422 27.41 -6.84 3.02
C PRO A 422 26.26 -6.24 2.17
N GLY A 423 26.08 -4.92 2.20
CA GLY A 423 25.01 -4.22 1.49
C GLY A 423 24.17 -3.41 2.47
N GLY A 424 23.21 -2.65 1.95
CA GLY A 424 22.31 -1.82 2.75
C GLY A 424 22.86 -0.50 3.22
N ILE A 425 22.19 0.07 4.24
CA ILE A 425 22.53 1.32 4.91
C ILE A 425 23.99 1.27 5.33
N SER A 426 24.73 2.33 4.98
CA SER A 426 26.14 2.53 5.28
C SER A 426 26.38 2.52 6.81
N SER A 427 27.55 1.94 7.21
CA SER A 427 27.99 1.81 8.60
C SER A 427 28.25 3.16 9.26
N GLY A 428 28.48 4.19 8.43
CA GLY A 428 28.73 5.56 8.87
C GLY A 428 27.51 6.36 9.30
N THR A 429 26.27 5.93 8.91
CA THR A 429 25.00 6.60 9.23
C THR A 429 24.50 6.22 10.61
N SER A 430 23.82 7.17 11.26
CA SER A 430 23.21 6.95 12.58
C SER A 430 22.12 5.86 12.55
N PHE A 431 21.37 5.73 11.43
CA PHE A 431 20.28 4.76 11.24
C PHE A 431 20.75 3.30 11.15
N TYR A 432 22.06 3.08 10.94
CA TYR A 432 22.73 1.78 10.82
C TYR A 432 22.75 1.02 12.14
N ASP A 433 22.34 -0.26 12.12
CA ASP A 433 22.41 -1.15 13.27
C ASP A 433 23.17 -2.38 12.81
N ARG A 434 24.35 -2.63 13.41
CA ARG A 434 25.23 -3.77 13.09
C ARG A 434 24.51 -5.09 13.35
N ALA A 435 23.72 -5.13 14.44
CA ALA A 435 22.96 -6.32 14.84
C ALA A 435 21.83 -6.67 13.84
N SER A 436 21.42 -5.71 12.98
CA SER A 436 20.37 -5.89 11.98
C SER A 436 20.92 -6.18 10.58
N THR A 437 22.26 -6.19 10.44
CA THR A 437 22.95 -6.42 9.18
C THR A 437 23.38 -7.86 9.03
N VAL A 438 22.84 -8.55 8.02
CA VAL A 438 23.14 -9.95 7.71
C VAL A 438 24.44 -10.04 6.91
N TYR A 439 25.42 -10.72 7.51
CA TYR A 439 26.70 -10.97 6.90
C TYR A 439 26.82 -12.41 6.43
N TYR A 440 27.08 -12.57 5.13
CA TYR A 440 27.29 -13.86 4.46
C TYR A 440 28.82 -14.00 4.33
N PRO A 441 29.51 -14.65 5.28
CA PRO A 441 30.98 -14.73 5.21
C PRO A 441 31.51 -15.45 3.98
N PHE A 442 32.81 -15.27 3.67
CA PHE A 442 33.42 -15.95 2.53
C PHE A 442 33.39 -17.47 2.70
N ASN A 443 32.70 -18.14 1.77
CA ASN A 443 32.50 -19.57 1.71
C ASN A 443 32.36 -20.01 0.25
N LEU A 444 33.49 -20.14 -0.48
CA LEU A 444 33.44 -20.54 -1.89
C LEU A 444 32.87 -21.94 -2.09
N GLU A 445 33.31 -22.93 -1.30
CA GLU A 445 32.85 -24.31 -1.41
C GLU A 445 31.34 -24.48 -1.18
N GLY A 446 30.80 -23.71 -0.23
CA GLY A 446 29.37 -23.71 0.06
C GLY A 446 28.58 -23.03 -1.04
N ALA A 447 29.19 -22.00 -1.65
CA ALA A 447 28.61 -21.24 -2.76
C ALA A 447 28.51 -22.12 -4.02
N LYS A 448 29.57 -22.92 -4.30
CA LYS A 448 29.67 -23.88 -5.41
C LYS A 448 28.56 -24.91 -5.30
N ALA A 449 28.36 -25.42 -4.07
CA ALA A 449 27.35 -26.41 -3.73
C ALA A 449 25.95 -25.80 -3.86
N ALA A 450 25.78 -24.52 -3.50
CA ALA A 450 24.48 -23.83 -3.58
C ALA A 450 24.01 -23.67 -5.02
N LEU A 451 24.94 -23.37 -5.94
CA LEU A 451 24.63 -23.21 -7.36
C LEU A 451 24.31 -24.54 -8.00
N ALA A 452 24.95 -25.61 -7.49
CA ALA A 452 24.72 -26.98 -7.96
C ALA A 452 23.32 -27.42 -7.55
N SER A 453 22.84 -26.95 -6.38
CA SER A 453 21.51 -27.25 -5.85
C SER A 453 20.37 -26.61 -6.68
N ILE A 454 20.69 -25.62 -7.54
CA ILE A 454 19.68 -24.98 -8.39
C ILE A 454 19.88 -25.35 -9.88
N GLY A 455 20.61 -26.42 -10.13
CA GLY A 455 20.84 -26.97 -11.46
C GLY A 455 21.97 -26.40 -12.29
N LEU A 456 22.95 -25.76 -11.64
CA LEU A 456 24.11 -25.17 -12.33
C LEU A 456 25.36 -26.03 -12.18
N LYS A 457 25.68 -26.77 -13.25
CA LYS A 457 26.80 -27.70 -13.27
C LYS A 457 27.64 -27.48 -14.53
N ASP A 458 28.95 -27.73 -14.43
CA ASP A 458 29.86 -27.66 -15.56
C ASP A 458 29.66 -29.00 -16.31
N THR A 459 29.09 -28.96 -17.54
CA THR A 459 28.77 -30.15 -18.33
C THR A 459 29.75 -30.43 -19.46
N ASP A 460 30.34 -29.36 -20.02
CA ASP A 460 31.29 -29.45 -21.13
C ASP A 460 32.77 -29.35 -20.66
N GLY A 461 32.98 -29.62 -19.36
CA GLY A 461 34.28 -29.66 -18.69
C GLY A 461 35.26 -28.50 -18.88
N ASP A 462 34.75 -27.27 -19.11
CA ASP A 462 35.63 -26.11 -19.30
C ASP A 462 35.72 -25.20 -18.03
N GLY A 463 35.33 -25.76 -16.88
CA GLY A 463 35.38 -25.08 -15.58
C GLY A 463 34.41 -23.92 -15.39
N PHE A 464 33.38 -23.84 -16.25
CA PHE A 464 32.35 -22.82 -16.23
C PHE A 464 30.98 -23.45 -16.23
N LEU A 465 30.20 -23.14 -15.21
CA LEU A 465 28.85 -23.66 -15.00
C LEU A 465 27.92 -23.38 -16.19
N ASN A 466 27.17 -24.40 -16.57
CA ASN A 466 26.21 -24.40 -17.67
C ASN A 466 24.81 -24.39 -17.07
N PHE A 467 23.85 -23.83 -17.81
CA PHE A 467 22.44 -23.84 -17.42
C PHE A 467 21.97 -25.31 -17.59
N PRO A 468 20.89 -25.78 -16.91
CA PRO A 468 20.40 -27.12 -17.23
C PRO A 468 19.94 -27.13 -18.69
N LYS A 469 19.94 -28.29 -19.36
CA LYS A 469 19.61 -28.40 -20.79
C LYS A 469 18.26 -27.72 -21.18
N GLU A 470 17.27 -27.67 -20.26
CA GLU A 470 15.96 -27.04 -20.50
C GLU A 470 16.03 -25.51 -20.61
N THR A 471 17.11 -24.89 -20.07
CA THR A 471 17.34 -23.46 -20.12
C THR A 471 18.47 -23.15 -21.12
N LEU A 472 18.18 -22.24 -22.09
CA LEU A 472 19.10 -21.75 -23.13
C LEU A 472 19.96 -22.82 -23.84
N GLY A 473 19.40 -24.00 -24.06
CA GLY A 473 20.08 -25.12 -24.70
C GLY A 473 21.24 -25.72 -23.91
N GLY A 474 21.28 -25.44 -22.60
CA GLY A 474 22.30 -25.93 -21.69
C GLY A 474 23.67 -25.31 -21.84
N ARG A 475 23.75 -24.14 -22.49
CA ARG A 475 24.97 -23.38 -22.72
C ARG A 475 25.55 -22.82 -21.38
N ASN A 476 26.87 -22.49 -21.41
CA ASN A 476 27.63 -21.94 -20.29
C ASN A 476 27.04 -20.57 -19.93
N VAL A 477 26.65 -20.38 -18.64
CA VAL A 477 26.08 -19.14 -18.11
C VAL A 477 27.08 -18.02 -18.39
N GLU A 478 26.58 -16.90 -18.95
CA GLU A 478 27.32 -15.70 -19.29
C GLU A 478 26.53 -14.48 -18.77
N ILE A 479 27.16 -13.70 -17.87
CA ILE A 479 26.57 -12.49 -17.26
C ILE A 479 27.29 -11.22 -17.76
N THR A 480 26.52 -10.16 -18.06
CA THR A 480 26.90 -8.84 -18.61
C THR A 480 26.96 -7.79 -17.46
N LEU A 481 28.19 -7.37 -17.05
CA LEU A 481 28.43 -6.43 -15.93
C LEU A 481 28.75 -5.01 -16.35
N LEU A 482 27.80 -4.08 -16.15
CA LEU A 482 27.92 -2.68 -16.52
C LEU A 482 28.81 -1.90 -15.53
N VAL A 483 29.84 -1.19 -16.07
CA VAL A 483 30.84 -0.46 -15.30
C VAL A 483 31.08 0.95 -15.88
N ASN A 484 31.57 1.87 -15.03
CA ASN A 484 31.92 3.25 -15.36
C ASN A 484 33.39 3.28 -15.71
N ASN A 485 33.72 3.83 -16.91
CA ASN A 485 35.10 4.06 -17.42
C ASN A 485 35.92 5.07 -16.57
N GLY A 486 35.24 6.09 -16.05
CA GLY A 486 35.87 7.22 -15.38
C GLY A 486 36.62 7.01 -14.10
N TYR A 487 36.46 5.85 -13.42
CA TYR A 487 37.11 5.63 -12.12
C TYR A 487 37.94 4.37 -12.04
N ALA A 488 39.12 4.47 -11.39
CA ALA A 488 40.00 3.32 -11.17
C ALA A 488 39.35 2.31 -10.20
N THR A 489 38.56 2.79 -9.22
CA THR A 489 37.86 2.02 -8.18
C THR A 489 36.80 1.11 -8.78
N ASP A 490 35.95 1.67 -9.68
CA ASP A 490 34.88 0.92 -10.35
C ASP A 490 35.48 -0.18 -11.21
N LYS A 491 36.59 0.13 -11.92
CA LYS A 491 37.34 -0.79 -12.78
C LYS A 491 37.97 -1.95 -11.96
N SER A 492 38.64 -1.61 -10.84
CA SER A 492 39.29 -2.49 -9.89
C SER A 492 38.28 -3.48 -9.32
N LEU A 493 37.10 -2.96 -8.93
CA LEU A 493 36.00 -3.72 -8.37
C LEU A 493 35.38 -4.66 -9.39
N ALA A 494 35.22 -4.18 -10.64
CA ALA A 494 34.66 -4.96 -11.74
C ALA A 494 35.54 -6.15 -12.10
N GLU A 495 36.86 -5.93 -12.25
CA GLU A 495 37.85 -6.96 -12.56
C GLU A 495 37.94 -8.02 -11.47
N GLY A 496 38.02 -7.58 -10.21
CA GLY A 496 38.09 -8.47 -9.06
C GLY A 496 36.90 -9.42 -8.98
N LEU A 497 35.70 -8.86 -9.22
CA LEU A 497 34.41 -9.52 -9.23
C LEU A 497 34.43 -10.63 -10.29
N VAL A 498 34.89 -10.30 -11.50
CA VAL A 498 35.03 -11.26 -12.60
C VAL A 498 35.96 -12.44 -12.19
N GLY A 499 37.00 -12.11 -11.42
CA GLY A 499 37.97 -13.07 -10.90
C GLY A 499 37.40 -13.98 -9.85
N GLN A 500 36.60 -13.43 -8.94
CA GLN A 500 35.98 -14.20 -7.87
C GLN A 500 34.86 -15.11 -8.38
N MET A 501 34.17 -14.64 -9.45
CA MET A 501 33.08 -15.35 -10.08
C MET A 501 33.60 -16.50 -10.91
N ALA A 502 34.87 -16.39 -11.39
CA ALA A 502 35.60 -17.40 -12.17
C ALA A 502 35.92 -18.57 -11.27
N LYS A 503 36.36 -18.28 -10.02
CA LYS A 503 36.68 -19.32 -9.02
C LYS A 503 35.40 -20.08 -8.60
N LEU A 504 34.22 -19.44 -8.78
CA LEU A 504 32.87 -19.95 -8.50
C LEU A 504 32.32 -20.75 -9.72
N GLY A 505 32.90 -20.52 -10.89
CA GLY A 505 32.49 -21.16 -12.13
C GLY A 505 31.58 -20.32 -13.02
N LEU A 506 31.28 -19.06 -12.63
CA LEU A 506 30.40 -18.18 -13.41
C LEU A 506 31.22 -17.24 -14.30
N ARG A 507 30.88 -17.16 -15.61
CA ARG A 507 31.58 -16.33 -16.59
C ARG A 507 30.94 -14.94 -16.66
N VAL A 508 31.69 -13.91 -16.23
CA VAL A 508 31.22 -12.52 -16.22
C VAL A 508 32.01 -11.68 -17.26
N VAL A 509 31.28 -10.93 -18.09
CA VAL A 509 31.84 -10.08 -19.16
C VAL A 509 31.60 -8.61 -18.78
N ILE A 510 32.70 -7.84 -18.74
CA ILE A 510 32.68 -6.43 -18.42
C ILE A 510 32.11 -5.61 -19.55
N HIS A 511 31.18 -4.70 -19.18
CA HIS A 511 30.57 -3.70 -20.05
C HIS A 511 31.04 -2.33 -19.59
N SER A 512 32.23 -1.91 -20.04
CA SER A 512 32.84 -0.63 -19.70
C SER A 512 32.30 0.50 -20.57
N LEU A 513 31.58 1.46 -19.94
CA LEU A 513 31.00 2.59 -20.66
C LEU A 513 31.35 3.88 -19.98
N ASP A 514 31.31 4.99 -20.74
CA ASP A 514 31.56 6.30 -20.15
C ASP A 514 30.30 6.67 -19.37
N SER A 515 30.47 7.46 -18.31
CA SER A 515 29.46 7.93 -17.37
C SER A 515 28.11 8.29 -18.01
N ASN A 516 28.09 9.07 -19.11
CA ASN A 516 26.85 9.45 -19.81
C ASN A 516 26.11 8.24 -20.41
N GLN A 517 26.85 7.34 -21.08
CA GLN A 517 26.29 6.12 -21.69
C GLN A 517 25.93 5.10 -20.64
N ARG A 518 26.71 5.01 -19.54
CA ARG A 518 26.48 4.08 -18.44
C ARG A 518 25.14 4.38 -17.78
N ASP A 519 24.92 5.66 -17.40
CA ASP A 519 23.69 6.12 -16.78
C ASP A 519 22.50 5.87 -17.68
N ALA A 520 22.64 6.09 -18.99
CA ALA A 520 21.58 5.85 -19.97
C ALA A 520 21.20 4.36 -20.05
N ALA A 521 22.22 3.45 -20.05
CA ALA A 521 22.09 1.98 -20.09
C ALA A 521 21.54 1.43 -18.79
N HIS A 522 21.80 2.12 -17.66
CA HIS A 522 21.33 1.75 -16.32
C HIS A 522 19.84 2.02 -16.25
N TYR A 523 19.43 3.31 -16.34
CA TYR A 523 18.03 3.74 -16.24
C TYR A 523 17.11 3.13 -17.32
N GLY A 524 17.72 2.69 -18.43
CA GLY A 524 17.02 2.05 -19.54
C GLY A 524 16.78 0.57 -19.33
N GLY A 525 17.49 -0.02 -18.36
CA GLY A 525 17.38 -1.43 -17.99
C GLY A 525 18.25 -2.39 -18.76
N GLN A 526 19.07 -1.85 -19.66
CA GLN A 526 19.97 -2.61 -20.54
C GLN A 526 21.22 -3.10 -19.77
N PHE A 527 21.01 -4.02 -18.79
CA PHE A 527 22.05 -4.61 -17.93
C PHE A 527 21.54 -5.87 -17.23
N ASP A 528 22.47 -6.75 -16.86
CA ASP A 528 22.20 -7.95 -16.09
C ASP A 528 22.63 -7.61 -14.66
N TRP A 529 23.90 -7.18 -14.53
CA TRP A 529 24.57 -6.79 -13.29
C TRP A 529 25.26 -5.44 -13.50
N LEU A 530 25.45 -4.67 -12.42
CA LEU A 530 26.20 -3.42 -12.53
C LEU A 530 26.90 -3.05 -11.26
N VAL A 531 28.13 -2.55 -11.41
CA VAL A 531 28.96 -2.02 -10.32
C VAL A 531 28.56 -0.56 -10.16
N ARG A 532 28.12 -0.18 -8.95
CA ARG A 532 27.63 1.18 -8.71
C ARG A 532 27.96 1.72 -7.31
N ARG A 533 28.43 2.96 -7.28
CA ARG A 533 28.73 3.72 -6.05
C ARG A 533 27.37 4.15 -5.52
N ASN A 534 27.12 3.91 -4.25
CA ASN A 534 25.85 4.21 -3.60
C ASN A 534 25.51 5.71 -3.66
N SER A 535 24.18 5.98 -3.75
CA SER A 535 23.68 7.34 -3.74
C SER A 535 23.27 7.68 -2.31
N THR A 536 22.75 8.89 -2.09
CA THR A 536 22.43 9.48 -0.81
C THR A 536 21.54 8.68 0.12
N GLU A 537 20.60 7.87 -0.40
CA GLU A 537 19.67 7.11 0.44
C GLU A 537 20.39 6.09 1.36
N LEU A 538 21.48 5.46 0.90
CA LEU A 538 22.22 4.51 1.73
C LEU A 538 23.22 5.20 2.70
N SER A 539 23.56 6.47 2.43
CA SER A 539 24.48 7.30 3.23
C SER A 539 23.76 8.19 4.28
N SER A 540 22.45 8.50 4.07
CA SER A 540 21.70 9.39 4.96
C SER A 540 20.30 8.92 5.34
N VAL A 541 19.68 8.04 4.52
CA VAL A 541 18.33 7.49 4.70
C VAL A 541 17.26 8.57 4.36
N VAL A 542 17.33 9.74 5.04
CA VAL A 542 16.38 10.84 4.93
C VAL A 542 16.44 11.59 3.56
N GLN A 543 17.56 11.50 2.85
CA GLN A 543 17.68 12.13 1.52
C GLN A 543 17.40 11.10 0.42
N ASN A 544 16.29 11.31 -0.34
CA ASN A 544 15.80 10.48 -1.45
C ASN A 544 15.44 9.07 -0.95
N THR A 545 14.72 9.04 0.19
CA THR A 545 14.21 7.87 0.91
C THR A 545 13.47 6.90 0.00
N GLU A 546 12.75 7.43 -1.00
CA GLU A 546 11.96 6.70 -2.00
C GLU A 546 12.82 5.72 -2.83
N GLN A 547 14.14 5.95 -2.86
CA GLN A 547 15.11 5.13 -3.61
C GLN A 547 15.61 3.89 -2.83
N LEU A 548 15.19 3.75 -1.55
CA LEU A 548 15.55 2.60 -0.72
C LEU A 548 14.80 1.32 -1.16
N ALA A 549 13.63 1.48 -1.77
CA ALA A 549 12.82 0.34 -2.18
C ALA A 549 12.03 0.65 -3.46
N PRO A 550 11.46 -0.35 -4.15
CA PRO A 550 10.66 -0.02 -5.34
C PRO A 550 9.23 0.41 -4.94
N VAL A 551 9.12 1.58 -4.28
CA VAL A 551 7.84 2.16 -3.82
C VAL A 551 6.96 2.62 -4.99
N GLY A 552 7.61 3.00 -6.08
CA GLY A 552 7.00 3.43 -7.33
C GLY A 552 7.56 2.63 -8.50
N PRO A 553 7.03 2.80 -9.73
CA PRO A 553 7.55 1.98 -10.85
C PRO A 553 8.95 2.36 -11.36
N ARG A 554 9.48 3.54 -10.95
CA ARG A 554 10.79 4.01 -11.41
C ARG A 554 11.66 4.57 -10.27
N THR A 555 11.40 4.14 -9.01
CA THR A 555 12.13 4.63 -7.82
C THR A 555 13.38 3.79 -7.51
N SER A 556 13.30 2.48 -7.75
CA SER A 556 14.38 1.52 -7.51
C SER A 556 15.48 1.66 -8.57
N TRP A 557 16.74 1.40 -8.19
CA TRP A 557 17.85 1.41 -9.13
C TRP A 557 18.01 0.05 -9.86
N ASN A 558 17.50 -1.05 -9.26
CA ASN A 558 17.69 -2.35 -9.88
C ASN A 558 16.38 -3.07 -10.27
N HIS A 559 15.21 -2.50 -9.93
CA HIS A 559 13.92 -3.09 -10.28
C HIS A 559 12.89 -2.01 -10.70
N ARG A 560 12.85 -1.76 -12.01
CA ARG A 560 11.93 -0.83 -12.66
C ARG A 560 11.04 -1.61 -13.64
N SER A 561 9.87 -1.06 -13.99
CA SER A 561 8.99 -1.73 -14.93
C SER A 561 8.94 -0.96 -16.24
N PRO A 562 8.86 -1.63 -17.42
CA PRO A 562 8.77 -0.89 -18.69
C PRO A 562 7.45 -0.09 -18.81
N GLU A 563 7.48 1.04 -19.54
CA GLU A 563 6.32 1.92 -19.77
C GLU A 563 5.48 1.33 -20.92
N GLY A 564 4.27 0.83 -20.63
CA GLY A 564 3.64 0.81 -19.31
C GLY A 564 3.29 -0.60 -18.89
N LYS A 565 3.74 -1.00 -17.68
CA LYS A 565 3.53 -2.32 -17.09
C LYS A 565 3.68 -2.24 -15.56
N GLU A 566 3.05 -3.19 -14.84
CA GLU A 566 3.07 -3.29 -13.38
C GLU A 566 4.43 -3.78 -12.87
N LEU A 567 4.75 -3.52 -11.60
CA LEU A 567 5.99 -4.00 -11.02
C LEU A 567 5.85 -5.47 -10.62
N ASP A 568 6.75 -6.33 -11.14
CA ASP A 568 6.76 -7.76 -10.84
C ASP A 568 7.55 -8.02 -9.53
N LEU A 569 7.16 -7.33 -8.45
CA LEU A 569 7.81 -7.39 -7.14
C LEU A 569 7.87 -8.76 -6.51
N MET A 570 9.03 -9.07 -5.91
CA MET A 570 9.23 -10.31 -5.15
C MET A 570 8.72 -10.00 -3.74
N PRO A 571 8.30 -11.00 -2.93
CA PRO A 571 7.72 -10.68 -1.61
C PRO A 571 8.53 -9.77 -0.69
N PHE A 572 9.87 -9.92 -0.62
CA PHE A 572 10.71 -9.09 0.25
C PHE A 572 10.77 -7.62 -0.20
N GLU A 573 10.61 -7.38 -1.53
CA GLU A 573 10.61 -6.05 -2.12
C GLU A 573 9.35 -5.30 -1.66
N LYS A 574 8.21 -6.03 -1.58
CA LYS A 574 6.90 -5.55 -1.12
C LYS A 574 6.98 -5.20 0.36
N GLU A 575 7.79 -5.97 1.11
CA GLU A 575 8.04 -5.80 2.54
C GLU A 575 8.84 -4.51 2.77
N MET A 576 9.95 -4.33 2.01
CA MET A 576 10.82 -3.15 2.08
C MET A 576 10.05 -1.90 1.68
N ALA A 577 9.21 -1.98 0.64
CA ALA A 577 8.38 -0.88 0.14
C ALA A 577 7.41 -0.42 1.23
N ASP A 578 6.85 -1.38 2.05
CA ASP A 578 5.92 -1.12 3.16
C ASP A 578 6.67 -0.43 4.32
N ILE A 579 7.91 -0.89 4.59
CA ILE A 579 8.82 -0.31 5.60
C ILE A 579 9.20 1.15 5.26
N VAL A 580 9.51 1.42 3.99
CA VAL A 580 9.92 2.74 3.47
C VAL A 580 8.72 3.73 3.48
N ARG A 581 7.53 3.29 3.02
CA ARG A 581 6.29 4.10 3.00
C ARG A 581 5.87 4.51 4.41
N LYS A 582 6.05 3.60 5.38
CA LYS A 582 5.74 3.82 6.80
C LYS A 582 6.68 4.87 7.38
N PHE A 583 7.99 4.78 7.03
CA PHE A 583 9.05 5.68 7.45
C PHE A 583 8.76 7.11 7.00
N ILE A 584 8.45 7.28 5.70
CA ILE A 584 8.17 8.57 5.03
C ILE A 584 7.08 9.38 5.78
N SER A 585 5.97 8.72 6.14
CA SER A 585 4.84 9.32 6.86
C SER A 585 4.97 9.27 8.39
N SER A 586 6.05 8.67 8.94
CA SER A 586 6.23 8.58 10.40
C SER A 586 6.76 9.86 11.02
N GLN A 587 6.10 10.29 12.10
CA GLN A 587 6.47 11.50 12.84
C GLN A 587 7.23 11.20 14.15
N ASP A 588 7.12 9.93 14.64
CA ASP A 588 7.81 9.39 15.82
C ASP A 588 9.23 8.96 15.42
N ASN A 589 10.26 9.48 16.12
CA ASN A 589 11.68 9.17 15.85
C ASN A 589 12.11 7.74 16.22
N ALA A 590 11.61 7.21 17.35
CA ALA A 590 11.92 5.86 17.83
C ALA A 590 11.35 4.81 16.87
N GLU A 591 10.13 5.07 16.33
CA GLU A 591 9.43 4.24 15.34
C GLU A 591 10.29 4.12 14.09
N ARG A 592 10.79 5.29 13.61
CA ARG A 592 11.61 5.49 12.44
C ARG A 592 12.94 4.75 12.54
N ALA A 593 13.54 4.80 13.75
CA ALA A 593 14.80 4.13 14.07
C ALA A 593 14.63 2.61 14.00
N ASP A 594 13.46 2.11 14.40
CA ASP A 594 13.16 0.69 14.38
C ASP A 594 12.74 0.23 12.97
N LEU A 595 12.10 1.13 12.21
CA LEU A 595 11.68 0.85 10.83
C LEU A 595 12.91 0.56 10.00
N MET A 596 14.03 1.26 10.30
CA MET A 596 15.30 1.13 9.59
C MET A 596 16.14 -0.07 10.03
N LYS A 597 15.88 -0.64 11.22
CA LYS A 597 16.51 -1.89 11.68
C LYS A 597 15.82 -3.04 10.93
N GLN A 598 14.47 -2.92 10.80
CA GLN A 598 13.58 -3.82 10.09
C GLN A 598 13.99 -3.87 8.62
N TYR A 599 14.18 -2.67 8.01
CA TYR A 599 14.58 -2.46 6.62
C TYR A 599 15.91 -3.13 6.32
N GLN A 600 16.91 -2.85 7.15
CA GLN A 600 18.28 -3.36 7.03
C GLN A 600 18.30 -4.87 7.05
N LYS A 601 17.52 -5.48 7.95
CA LYS A 601 17.37 -6.92 8.10
C LYS A 601 16.78 -7.57 6.85
N VAL A 602 15.70 -7.01 6.27
CA VAL A 602 15.06 -7.58 5.06
C VAL A 602 16.01 -7.44 3.86
N TYR A 603 16.69 -6.28 3.77
CA TYR A 603 17.64 -5.96 2.72
C TYR A 603 18.79 -6.97 2.66
N THR A 604 19.55 -7.05 3.75
CA THR A 604 20.79 -7.81 3.84
C THR A 604 20.58 -9.34 3.82
N GLN A 605 19.49 -9.84 4.42
CA GLN A 605 19.15 -11.27 4.44
C GLN A 605 18.69 -11.72 3.06
N ASN A 606 17.85 -10.91 2.39
CA ASN A 606 17.30 -11.26 1.08
C ASN A 606 18.17 -10.87 -0.10
N LEU A 607 19.15 -9.98 0.17
CA LEU A 607 20.14 -9.45 -0.78
C LEU A 607 19.51 -8.67 -1.92
N TYR A 608 18.80 -7.57 -1.57
CA TYR A 608 18.24 -6.58 -2.49
C TYR A 608 19.41 -6.12 -3.42
N THR A 609 20.59 -5.87 -2.81
CA THR A 609 21.85 -5.68 -3.53
C THR A 609 22.91 -6.50 -2.77
N ILE A 610 24.11 -6.63 -3.35
CA ILE A 610 25.24 -7.35 -2.79
C ILE A 610 26.36 -6.34 -2.60
N GLY A 611 26.70 -6.09 -1.34
CA GLY A 611 27.73 -5.11 -0.99
C GLY A 611 29.10 -5.51 -1.48
N LEU A 612 29.89 -4.55 -1.97
CA LEU A 612 31.25 -4.83 -2.42
C LEU A 612 32.22 -4.41 -1.35
N THR A 613 32.28 -3.12 -1.08
CA THR A 613 33.08 -2.53 0.01
C THR A 613 32.55 -1.12 0.38
N GLU A 614 33.06 -0.62 1.52
CA GLU A 614 32.70 0.62 2.16
C GLU A 614 33.94 1.19 2.81
N TYR A 615 34.12 2.50 2.73
CA TYR A 615 35.28 3.20 3.25
C TYR A 615 35.01 4.71 3.39
N PRO A 616 35.89 5.44 4.12
CA PRO A 616 35.70 6.91 4.18
C PRO A 616 36.42 7.62 3.06
N GLY A 617 35.93 8.78 2.71
CA GLY A 617 36.56 9.68 1.75
C GLY A 617 37.10 10.87 2.52
N ALA A 618 37.95 11.66 1.88
CA ALA A 618 38.53 12.85 2.49
C ALA A 618 38.25 14.11 1.66
N LEU A 619 37.89 15.23 2.33
CA LEU A 619 37.74 16.50 1.66
C LEU A 619 39.14 17.17 1.60
N ILE A 620 39.57 17.61 0.40
CA ILE A 620 40.84 18.29 0.12
C ILE A 620 40.47 19.71 -0.35
N VAL A 621 40.91 20.72 0.42
CA VAL A 621 40.63 22.13 0.12
C VAL A 621 41.92 22.91 0.20
N ASN A 622 42.19 23.77 -0.80
CA ASN A 622 43.32 24.70 -0.78
C ASN A 622 43.24 25.55 0.51
N LYS A 623 44.38 25.71 1.19
CA LYS A 623 44.45 26.39 2.48
C LYS A 623 44.08 27.86 2.51
N ARG A 624 44.05 28.57 1.37
CA ARG A 624 43.76 30.00 1.35
C ARG A 624 42.24 30.34 1.54
N PHE A 625 41.36 29.35 1.41
CA PHE A 625 39.94 29.55 1.59
C PHE A 625 39.53 29.61 3.04
N SER A 626 38.68 30.60 3.36
CA SER A 626 38.08 30.78 4.68
C SER A 626 36.60 30.37 4.53
N ASN A 627 35.93 30.06 5.65
CA ASN A 627 34.52 29.70 5.74
C ASN A 627 34.24 28.27 5.29
N VAL A 628 35.27 27.41 5.28
CA VAL A 628 35.07 26.02 4.97
C VAL A 628 34.65 25.35 6.29
N PRO A 629 33.42 24.78 6.39
CA PRO A 629 32.97 24.19 7.67
C PRO A 629 33.79 22.98 8.09
N GLN A 630 34.16 22.97 9.35
CA GLN A 630 34.92 21.88 10.00
C GLN A 630 34.15 20.55 9.91
N GLY A 631 34.88 19.48 9.63
CA GLY A 631 34.34 18.14 9.54
C GLY A 631 33.27 17.94 8.49
N THR A 632 33.30 18.71 7.38
CA THR A 632 32.34 18.52 6.28
C THR A 632 32.57 17.15 5.62
N PRO A 633 31.53 16.28 5.51
CA PRO A 633 31.72 15.00 4.79
C PRO A 633 31.77 15.20 3.27
N ILE A 634 32.47 14.33 2.56
CA ILE A 634 32.51 14.45 1.09
C ILE A 634 31.16 14.12 0.46
N PHE A 635 30.34 13.34 1.19
CA PHE A 635 29.05 12.85 0.79
C PHE A 635 28.21 12.38 1.97
N MET A 636 27.08 13.05 2.18
CA MET A 636 26.06 12.67 3.16
C MET A 636 24.66 12.93 2.53
N PHE A 637 24.15 14.17 2.65
CA PHE A 637 22.88 14.60 2.05
C PHE A 637 23.13 14.95 0.59
N ASN A 638 24.38 15.29 0.26
CA ASN A 638 24.90 15.56 -1.08
C ASN A 638 26.41 15.56 -1.00
N TRP A 639 27.07 15.82 -2.12
CA TRP A 639 28.51 15.97 -2.23
C TRP A 639 28.95 17.26 -1.50
N ALA A 640 30.22 17.28 -1.04
CA ALA A 640 30.82 18.41 -0.33
C ALA A 640 30.69 19.73 -1.07
N GLU A 641 30.74 19.74 -2.43
CA GLU A 641 30.61 20.97 -3.26
C GLU A 641 29.38 21.83 -2.89
N ASP A 642 28.25 21.16 -2.52
CA ASP A 642 27.01 21.76 -2.06
C ASP A 642 27.06 22.05 -0.54
N ALA A 643 27.56 21.09 0.28
CA ALA A 643 27.64 21.16 1.74
C ALA A 643 28.51 22.29 2.29
N ILE A 644 29.63 22.63 1.62
CA ILE A 644 30.56 23.70 2.05
C ILE A 644 30.00 25.12 1.82
N ILE A 645 28.87 25.26 1.06
CA ILE A 645 28.23 26.53 0.69
C ILE A 645 29.30 27.43 0.02
N ARG A 646 29.67 27.06 -1.22
CA ARG A 646 30.70 27.73 -2.01
C ARG A 646 30.49 29.25 -2.22
N GLU A 647 29.25 29.74 -2.35
CA GLU A 647 28.91 31.16 -2.51
C GLU A 647 29.21 31.99 -1.23
N ARG A 648 29.47 31.27 -0.10
CA ARG A 648 29.79 31.81 1.22
C ARG A 648 31.32 31.69 1.53
N LEU A 649 32.11 31.05 0.63
CA LEU A 649 33.56 30.93 0.80
C LEU A 649 34.27 32.18 0.35
N TRP A 650 35.39 32.48 1.00
CA TRP A 650 36.15 33.69 0.69
C TRP A 650 37.65 33.53 1.03
N VAL A 651 38.47 34.42 0.45
CA VAL A 651 39.91 34.44 0.64
C VAL A 651 40.31 35.84 1.14
N ALA A 652 41.13 35.91 2.23
CA ALA A 652 41.64 37.20 2.74
C ALA A 652 42.40 37.86 1.60
N ALA A 653 42.25 39.21 1.44
CA ALA A 653 42.90 40.00 0.39
C ALA A 653 44.41 39.70 0.25
N ASP A 654 45.11 39.54 1.37
CA ASP A 654 46.55 39.25 1.37
C ASP A 654 46.90 37.79 0.97
N LYS A 655 45.90 36.88 0.95
CA LYS A 655 46.11 35.48 0.57
C LYS A 655 45.56 35.14 -0.81
N GLN A 656 44.90 36.14 -1.49
CA GLN A 656 44.23 35.96 -2.77
C GLN A 656 45.13 35.56 -3.95
N GLY A 657 44.65 34.60 -4.75
CA GLY A 657 45.30 34.13 -5.96
C GLY A 657 45.04 35.09 -7.12
N LYS A 658 45.83 34.99 -8.19
CA LYS A 658 45.64 35.87 -9.35
C LYS A 658 45.30 34.97 -10.54
N TYR A 659 44.14 34.31 -10.43
CA TYR A 659 43.68 33.30 -11.37
C TYR A 659 42.52 33.69 -12.31
N GLU A 660 41.90 34.87 -12.11
CA GLU A 660 40.82 35.37 -12.95
C GLU A 660 41.21 35.52 -14.44
N LEU A 661 40.49 34.80 -15.31
CA LEU A 661 40.68 34.86 -16.76
C LEU A 661 39.83 35.95 -17.40
N PHE A 662 38.81 36.45 -16.68
CA PHE A 662 38.01 37.58 -17.13
C PHE A 662 37.85 38.56 -15.96
N PRO A 663 38.97 39.09 -15.38
CA PRO A 663 38.82 40.05 -14.28
C PRO A 663 37.96 41.26 -14.64
N GLN A 664 37.09 41.61 -13.70
CA GLN A 664 36.17 42.72 -13.69
C GLN A 664 35.22 42.64 -14.87
N GLN A 665 34.83 41.40 -15.20
CA GLN A 665 33.89 41.14 -16.27
C GLN A 665 32.65 40.49 -15.70
N LEU A 666 31.53 40.71 -16.38
CA LEU A 666 30.25 40.14 -15.97
C LEU A 666 29.68 39.26 -17.07
N PRO A 667 28.74 38.34 -16.76
CA PRO A 667 28.12 37.56 -17.83
C PRO A 667 27.35 38.45 -18.81
N GLY A 668 27.40 38.06 -20.07
CA GLY A 668 26.71 38.73 -21.17
C GLY A 668 25.31 38.19 -21.29
N LYS A 669 24.60 38.52 -22.39
CA LYS A 669 23.24 38.02 -22.61
C LYS A 669 23.26 36.55 -23.12
N PRO A 670 22.22 35.72 -22.86
CA PRO A 670 22.28 34.31 -23.34
C PRO A 670 22.42 34.17 -24.85
N GLY A 671 23.30 33.29 -25.28
CA GLY A 671 23.54 33.03 -26.69
C GLY A 671 24.57 33.93 -27.36
N GLU A 672 25.01 35.00 -26.70
CA GLU A 672 26.05 35.90 -27.19
C GLU A 672 27.44 35.19 -27.08
N GLY A 673 28.48 35.89 -27.54
CA GLY A 673 29.85 35.40 -27.57
C GLY A 673 30.34 34.83 -26.25
N GLY A 674 30.24 35.63 -25.19
CA GLY A 674 30.64 35.25 -23.84
C GLY A 674 30.44 36.38 -22.85
N PRO A 675 31.44 36.71 -21.98
CA PRO A 675 31.27 37.81 -21.01
C PRO A 675 31.25 39.23 -21.63
N ILE A 676 31.04 40.23 -20.73
CA ILE A 676 30.96 41.64 -20.99
C ILE A 676 31.95 42.48 -20.13
N ASN A 677 32.64 43.44 -20.78
CA ASN A 677 33.56 44.43 -20.20
C ASN A 677 32.93 45.88 -20.39
N HIS A 678 33.66 47.04 -20.44
CA HIS A 678 35.10 47.30 -20.43
C HIS A 678 35.51 48.20 -19.27
N ALA B 8 10.61 -8.90 18.19
CA ALA B 8 10.31 -8.92 19.62
C ALA B 8 9.74 -10.27 20.10
N PHE B 9 9.08 -11.00 19.17
CA PHE B 9 8.46 -12.32 19.37
C PHE B 9 8.95 -13.30 18.30
N GLU B 10 9.13 -14.58 18.66
CA GLU B 10 9.56 -15.61 17.71
C GLU B 10 8.37 -16.15 16.92
N THR B 11 7.93 -15.37 15.90
CA THR B 11 6.79 -15.73 15.06
C THR B 11 7.13 -16.90 14.14
N THR B 12 6.13 -17.71 13.84
CA THR B 12 6.26 -18.86 12.95
C THR B 12 4.99 -18.92 12.09
N THR B 13 4.67 -20.10 11.50
CA THR B 13 3.45 -20.32 10.73
C THR B 13 2.55 -21.26 11.57
N PRO B 14 1.19 -21.13 11.54
CA PRO B 14 0.36 -21.98 12.42
C PRO B 14 0.48 -23.49 12.18
N PRO B 15 0.42 -24.33 13.25
CA PRO B 15 0.52 -25.79 13.04
C PRO B 15 -0.67 -26.33 12.26
N GLU B 16 -0.40 -27.32 11.39
CA GLU B 16 -1.43 -27.96 10.57
C GLU B 16 -2.44 -28.65 11.49
N PRO B 17 -3.75 -28.39 11.29
CA PRO B 17 -4.76 -29.01 12.17
C PRO B 17 -4.90 -30.51 11.94
N PRO B 18 -5.57 -31.28 12.83
CA PRO B 18 -5.75 -32.71 12.55
C PRO B 18 -6.53 -32.94 11.26
N GLN B 19 -6.16 -33.99 10.50
CA GLN B 19 -6.83 -34.34 9.25
C GLN B 19 -8.30 -34.55 9.56
N PHE B 20 -9.16 -33.81 8.86
CA PHE B 20 -10.59 -33.90 9.09
C PHE B 20 -11.35 -34.56 7.91
N PRO B 21 -11.48 -35.93 7.89
CA PRO B 21 -12.22 -36.58 6.80
C PRO B 21 -13.73 -36.35 6.88
N ALA B 22 -14.46 -36.91 5.89
CA ALA B 22 -15.91 -36.80 5.68
C ALA B 22 -16.67 -35.78 6.61
N GLU B 23 -16.72 -34.45 6.34
CA GLU B 23 -16.21 -33.54 5.28
C GLU B 23 -16.69 -33.83 3.86
N GLY B 24 -17.30 -32.82 3.24
CA GLY B 24 -17.81 -32.86 1.88
C GLY B 24 -18.67 -34.08 1.60
N LYS B 25 -18.64 -34.62 0.35
CA LYS B 25 -17.89 -34.14 -0.81
C LYS B 25 -18.83 -33.48 -1.82
N ILE B 26 -18.37 -32.37 -2.41
CA ILE B 26 -19.10 -31.55 -3.37
C ILE B 26 -18.96 -32.10 -4.77
N ASN B 27 -20.10 -32.17 -5.49
CA ASN B 27 -20.18 -32.53 -6.89
C ASN B 27 -19.99 -31.20 -7.62
N TYR B 28 -18.74 -30.96 -8.09
CA TYR B 28 -18.40 -29.72 -8.77
C TYR B 28 -18.94 -29.69 -10.20
N VAL B 29 -19.64 -28.60 -10.51
CA VAL B 29 -20.35 -28.35 -11.77
C VAL B 29 -19.96 -27.00 -12.41
N ALA B 30 -20.26 -26.80 -13.71
CA ALA B 30 -19.98 -25.52 -14.37
C ALA B 30 -21.06 -24.50 -13.97
N ARG B 31 -20.74 -23.21 -14.01
CA ARG B 31 -21.63 -22.13 -13.57
C ARG B 31 -23.07 -22.14 -14.20
N ASP B 32 -23.19 -22.46 -15.50
CA ASP B 32 -24.47 -22.40 -16.20
C ASP B 32 -25.24 -23.72 -16.23
N THR B 33 -24.98 -24.59 -15.28
CA THR B 33 -25.67 -25.87 -15.17
C THR B 33 -26.92 -25.75 -14.27
N ILE B 34 -27.05 -24.64 -13.55
CA ILE B 34 -28.08 -24.48 -12.53
C ILE B 34 -29.40 -23.86 -13.04
N LEU B 35 -29.31 -22.70 -13.70
CA LEU B 35 -30.47 -21.94 -14.15
C LEU B 35 -30.19 -21.20 -15.45
N GLU B 36 -31.27 -20.81 -16.13
CA GLU B 36 -31.27 -20.00 -17.35
C GLU B 36 -32.58 -19.20 -17.41
N PHE B 37 -32.62 -18.17 -18.25
CA PHE B 37 -33.83 -17.38 -18.45
C PHE B 37 -34.31 -17.70 -19.83
N LYS B 38 -35.54 -18.21 -19.93
CA LYS B 38 -36.21 -18.53 -21.19
C LYS B 38 -37.71 -18.73 -20.97
N ALA B 39 -38.48 -18.56 -22.05
CA ALA B 39 -39.92 -18.80 -22.03
C ALA B 39 -40.14 -20.28 -22.34
N LEU B 40 -40.99 -20.94 -21.53
CA LEU B 40 -41.36 -22.34 -21.68
C LEU B 40 -42.69 -22.46 -22.45
N PRO B 41 -42.94 -23.58 -23.19
CA PRO B 41 -44.18 -23.68 -23.98
C PRO B 41 -45.46 -23.61 -23.14
N SER B 42 -45.43 -24.22 -21.94
CA SER B 42 -46.54 -24.20 -20.99
C SER B 42 -46.02 -24.24 -19.56
N TYR B 43 -46.84 -23.76 -18.63
CA TYR B 43 -46.55 -23.67 -17.21
C TYR B 43 -47.57 -24.42 -16.36
N SER B 44 -47.18 -24.80 -15.15
CA SER B 44 -48.02 -25.55 -14.22
C SER B 44 -47.85 -25.03 -12.79
N GLU B 45 -48.82 -25.35 -11.93
CA GLU B 45 -48.88 -24.91 -10.53
C GLU B 45 -49.71 -25.92 -9.70
N PRO B 46 -49.78 -25.80 -8.34
CA PRO B 46 -50.65 -26.71 -7.59
C PRO B 46 -52.11 -26.58 -8.05
N ASP B 47 -52.81 -27.72 -8.17
CA ASP B 47 -54.18 -27.82 -8.68
C ASP B 47 -55.19 -26.97 -7.92
N TRP B 48 -55.00 -26.80 -6.61
CA TRP B 48 -55.88 -26.00 -5.76
C TRP B 48 -55.82 -24.50 -6.06
N ILE B 49 -54.69 -24.01 -6.59
CA ILE B 49 -54.58 -22.58 -6.92
C ILE B 49 -55.52 -22.26 -8.09
N THR B 50 -55.46 -23.09 -9.15
CA THR B 50 -56.27 -22.93 -10.34
C THR B 50 -57.75 -23.21 -10.04
N GLU B 51 -58.03 -24.25 -9.25
CA GLU B 51 -59.39 -24.64 -8.91
C GLU B 51 -60.07 -23.73 -7.87
N LYS B 52 -59.42 -23.49 -6.74
CA LYS B 52 -59.99 -22.70 -5.64
C LYS B 52 -59.74 -21.18 -5.70
N PHE B 53 -58.78 -20.71 -6.52
CA PHE B 53 -58.46 -19.28 -6.60
C PHE B 53 -58.66 -18.67 -7.98
N GLU B 54 -58.05 -19.26 -9.03
CA GLU B 54 -58.16 -18.79 -10.40
C GLU B 54 -59.59 -18.91 -10.94
N LYS B 55 -60.23 -20.08 -10.74
CA LYS B 55 -61.61 -20.35 -11.17
C LYS B 55 -62.63 -19.51 -10.40
N ALA B 56 -62.29 -19.09 -9.16
CA ALA B 56 -63.10 -18.27 -8.26
C ALA B 56 -62.82 -16.75 -8.46
N GLY B 57 -62.10 -16.43 -9.54
CA GLY B 57 -61.71 -15.07 -9.87
C GLY B 57 -60.45 -14.59 -9.19
N LYS B 58 -60.31 -14.88 -7.85
CA LYS B 58 -59.30 -14.48 -6.83
C LYS B 58 -57.84 -14.26 -7.30
N LEU B 59 -57.39 -14.92 -8.37
CA LEU B 59 -56.01 -14.75 -8.86
C LEU B 59 -55.96 -14.74 -10.38
N PRO B 60 -55.10 -13.91 -11.02
CA PRO B 60 -54.98 -13.98 -12.49
C PRO B 60 -54.34 -15.31 -12.93
N PRO B 61 -54.59 -15.79 -14.17
CA PRO B 61 -53.97 -17.06 -14.61
C PRO B 61 -52.45 -17.04 -14.53
N LEU B 62 -51.84 -18.23 -14.38
CA LEU B 62 -50.40 -18.43 -14.20
C LEU B 62 -49.51 -17.72 -15.24
N LYS B 63 -49.82 -17.84 -16.55
CA LYS B 63 -49.03 -17.24 -17.64
C LYS B 63 -48.84 -15.72 -17.52
N GLU B 64 -49.87 -14.99 -17.03
CA GLU B 64 -49.77 -13.54 -16.84
C GLU B 64 -48.99 -13.19 -15.57
N ARG B 65 -49.05 -14.04 -14.53
CA ARG B 65 -48.33 -13.86 -13.26
C ARG B 65 -46.81 -14.01 -13.42
N LEU B 66 -46.40 -14.84 -14.38
CA LEU B 66 -44.99 -15.14 -14.62
C LEU B 66 -44.32 -14.16 -15.59
N PRO B 67 -42.97 -13.95 -15.47
CA PRO B 67 -42.24 -13.09 -16.44
C PRO B 67 -42.31 -13.64 -17.87
N GLU B 68 -41.90 -12.85 -18.89
CA GLU B 68 -41.91 -13.37 -20.26
C GLU B 68 -40.89 -14.51 -20.37
N GLU B 69 -39.70 -14.28 -19.81
CA GLU B 69 -38.62 -15.23 -19.73
C GLU B 69 -38.30 -15.40 -18.22
N PRO B 70 -38.97 -16.33 -17.52
CA PRO B 70 -38.68 -16.52 -16.09
C PRO B 70 -37.36 -17.27 -15.90
N LEU B 71 -36.93 -17.39 -14.63
CA LEU B 71 -35.73 -18.12 -14.22
C LEU B 71 -36.13 -19.59 -14.21
N VAL B 72 -35.46 -20.40 -15.05
CA VAL B 72 -35.73 -21.83 -15.22
C VAL B 72 -34.60 -22.65 -14.57
N TYR B 73 -34.91 -23.40 -13.50
CA TYR B 73 -33.94 -24.30 -12.87
C TYR B 73 -33.80 -25.55 -13.74
N LYS B 74 -32.53 -25.90 -14.07
CA LYS B 74 -32.17 -27.04 -14.92
C LYS B 74 -32.18 -28.32 -14.11
N THR B 75 -32.71 -29.43 -14.65
CA THR B 75 -32.83 -30.71 -13.94
C THR B 75 -31.49 -31.40 -13.71
N GLY B 76 -30.51 -31.19 -14.58
CA GLY B 76 -29.17 -31.77 -14.45
C GLY B 76 -28.46 -31.45 -13.14
N ASN B 77 -28.72 -30.25 -12.59
CA ASN B 77 -28.12 -29.82 -11.34
C ASN B 77 -29.04 -30.10 -10.15
N MET B 78 -30.24 -30.61 -10.41
CA MET B 78 -31.13 -30.97 -9.30
C MET B 78 -30.65 -32.31 -8.73
N PRO B 79 -30.15 -32.36 -7.47
CA PRO B 79 -29.66 -33.64 -6.92
C PRO B 79 -30.62 -34.84 -7.09
N ASP B 80 -31.96 -34.62 -7.02
CA ASP B 80 -32.96 -35.70 -7.15
C ASP B 80 -33.95 -35.52 -8.31
N GLY B 81 -33.70 -34.54 -9.16
CA GLY B 81 -34.54 -34.26 -10.31
C GLY B 81 -35.72 -33.37 -9.99
N VAL B 82 -36.67 -33.26 -10.95
CA VAL B 82 -37.84 -32.41 -10.82
C VAL B 82 -38.74 -32.89 -9.67
N GLY B 83 -39.32 -31.94 -8.96
CA GLY B 83 -40.12 -32.26 -7.80
C GLY B 83 -41.62 -32.28 -7.95
N VAL B 84 -42.28 -32.42 -6.79
CA VAL B 84 -43.75 -32.42 -6.64
C VAL B 84 -44.11 -31.37 -5.59
N TYR B 85 -45.34 -30.84 -5.66
CA TYR B 85 -45.83 -29.85 -4.72
C TYR B 85 -46.22 -30.42 -3.37
N GLY B 86 -46.10 -29.59 -2.33
CA GLY B 86 -46.51 -29.92 -0.98
C GLY B 86 -45.46 -29.90 0.10
N ASP B 87 -45.91 -29.96 1.36
CA ASP B 87 -45.15 -30.01 2.61
C ASP B 87 -44.72 -28.62 3.10
N THR B 88 -44.15 -28.61 4.32
CA THR B 88 -43.68 -27.45 5.06
C THR B 88 -42.20 -27.59 5.46
N MET B 89 -41.44 -26.50 5.28
CA MET B 89 -40.06 -26.43 5.73
C MET B 89 -40.14 -25.77 7.11
N ARG B 90 -39.89 -26.55 8.16
CA ARG B 90 -39.93 -26.07 9.54
C ARG B 90 -38.56 -25.64 10.06
N HIS B 91 -38.45 -24.33 10.35
CA HIS B 91 -37.23 -23.71 10.90
C HIS B 91 -37.41 -23.31 12.36
N VAL B 92 -36.28 -23.27 13.08
CA VAL B 92 -36.20 -22.86 14.48
C VAL B 92 -35.12 -21.80 14.49
N VAL B 93 -35.43 -20.61 14.99
CA VAL B 93 -34.49 -19.50 15.05
C VAL B 93 -34.33 -18.97 16.49
N GLY B 94 -33.17 -18.38 16.77
CA GLY B 94 -32.88 -17.75 18.05
C GLY B 94 -33.12 -16.26 18.05
N GLY B 95 -33.36 -15.71 16.86
CA GLY B 95 -33.63 -14.30 16.63
C GLY B 95 -35.09 -13.95 16.80
N ARG B 96 -35.37 -12.65 16.84
CA ARG B 96 -36.73 -12.12 16.97
C ARG B 96 -36.97 -11.03 15.92
N PRO B 97 -38.17 -10.97 15.30
CA PRO B 97 -38.41 -9.94 14.28
C PRO B 97 -38.48 -8.51 14.81
N GLU B 98 -37.86 -7.55 14.11
CA GLU B 98 -37.91 -6.12 14.43
C GLU B 98 -39.02 -5.49 13.62
N GLY B 99 -39.16 -5.98 12.38
CA GLY B 99 -40.15 -5.53 11.42
C GLY B 99 -39.81 -6.03 10.04
N TRP B 100 -40.55 -5.59 9.02
CA TRP B 100 -40.34 -6.06 7.65
C TRP B 100 -39.47 -5.12 6.79
N ASN B 101 -39.07 -3.96 7.33
CA ASN B 101 -38.24 -3.01 6.57
C ASN B 101 -36.76 -3.45 6.55
N TYR B 102 -36.44 -4.40 5.66
CA TYR B 102 -35.10 -4.94 5.46
C TYR B 102 -34.13 -3.85 4.97
N ILE B 103 -34.56 -3.04 3.98
CA ILE B 103 -33.72 -2.02 3.36
C ILE B 103 -33.34 -0.90 4.35
N ALA B 104 -34.09 -0.74 5.46
CA ALA B 104 -33.79 0.25 6.49
C ALA B 104 -33.01 -0.35 7.66
N GLY B 105 -32.52 -1.58 7.49
CA GLY B 105 -31.72 -2.26 8.49
C GLY B 105 -32.46 -3.01 9.59
N GLN B 106 -33.71 -3.44 9.33
CA GLN B 106 -34.46 -4.26 10.28
C GLN B 106 -34.21 -5.74 10.02
N SER B 107 -34.07 -6.52 11.12
CA SER B 107 -33.90 -7.97 11.14
C SER B 107 -35.30 -8.58 11.26
N GLN B 108 -35.55 -9.64 10.51
CA GLN B 108 -36.80 -10.39 10.49
C GLN B 108 -36.71 -11.60 11.45
N GLY B 109 -35.50 -11.86 11.98
CA GLY B 109 -35.27 -12.94 12.93
C GLY B 109 -34.18 -13.95 12.60
N TRP B 110 -33.55 -13.83 11.43
CA TRP B 110 -32.47 -14.68 10.90
C TRP B 110 -32.87 -16.15 10.74
N GLY B 111 -31.86 -17.04 10.73
CA GLY B 111 -32.06 -18.46 10.55
C GLY B 111 -32.76 -18.80 9.24
N GLY B 112 -32.52 -17.95 8.24
CA GLY B 112 -33.03 -18.07 6.88
C GLY B 112 -34.25 -17.24 6.52
N ILE B 113 -34.84 -16.48 7.45
CA ILE B 113 -36.06 -15.73 7.14
C ILE B 113 -35.80 -14.58 6.14
N ASP B 114 -34.82 -13.72 6.42
CA ASP B 114 -34.48 -12.58 5.57
C ASP B 114 -33.91 -13.02 4.23
N ILE B 115 -33.14 -14.13 4.24
CA ILE B 115 -32.55 -14.75 3.06
C ILE B 115 -33.70 -15.10 2.06
N ALA B 116 -34.78 -15.73 2.58
CA ALA B 116 -35.96 -16.16 1.86
C ALA B 116 -36.77 -15.00 1.32
N LEU B 117 -36.93 -13.95 2.13
CA LEU B 117 -37.70 -12.79 1.76
C LEU B 117 -36.98 -11.85 0.80
N SER B 118 -35.71 -11.56 1.06
CA SER B 118 -34.96 -10.58 0.26
C SER B 118 -34.08 -11.17 -0.86
N GLU B 119 -34.66 -11.26 -2.06
CA GLU B 119 -34.01 -11.72 -3.30
C GLU B 119 -33.17 -10.56 -3.85
N CYS B 120 -32.01 -10.88 -4.44
CA CYS B 120 -31.03 -9.92 -4.92
C CYS B 120 -30.84 -9.92 -6.42
N LEU B 121 -30.00 -8.97 -6.89
CA LEU B 121 -29.59 -8.81 -8.29
C LEU B 121 -28.91 -10.06 -8.77
N THR B 122 -27.91 -10.53 -8.03
CA THR B 122 -27.20 -11.75 -8.36
C THR B 122 -27.30 -12.69 -7.16
N ARG B 123 -26.80 -13.93 -7.28
CA ARG B 123 -26.85 -14.95 -6.23
C ARG B 123 -25.53 -15.72 -6.23
N THR B 124 -24.95 -15.94 -5.04
CA THR B 124 -23.63 -16.54 -4.89
C THR B 124 -23.60 -17.76 -4.00
N ALA B 125 -24.54 -17.90 -3.04
CA ALA B 125 -24.51 -19.04 -2.13
C ALA B 125 -24.43 -20.41 -2.82
N PRO B 126 -25.16 -20.74 -3.94
CA PRO B 126 -24.98 -22.08 -4.53
C PRO B 126 -23.64 -22.27 -5.29
N LEU B 127 -22.72 -21.26 -5.26
CA LEU B 127 -21.42 -21.28 -5.97
C LEU B 127 -20.37 -22.17 -5.29
N PHE B 128 -20.70 -22.75 -4.12
CA PHE B 128 -19.83 -23.71 -3.44
C PHE B 128 -19.58 -24.91 -4.36
N GLN B 129 -20.50 -25.18 -5.30
CA GLN B 129 -20.39 -26.32 -6.22
C GLN B 129 -19.75 -25.96 -7.55
N VAL B 130 -19.40 -24.70 -7.77
CA VAL B 130 -18.72 -24.33 -9.01
C VAL B 130 -17.20 -24.31 -8.70
N ASP B 131 -16.35 -25.06 -9.43
CA ASP B 131 -14.90 -25.01 -9.11
C ASP B 131 -14.12 -24.30 -10.21
N ALA B 132 -14.50 -23.04 -10.48
CA ALA B 132 -13.85 -22.26 -11.53
C ALA B 132 -13.12 -21.05 -10.99
N LYS B 133 -12.06 -20.64 -11.72
CA LYS B 133 -11.24 -19.46 -11.40
C LYS B 133 -12.01 -18.26 -11.96
N ASP B 134 -12.28 -17.26 -11.09
CA ASP B 134 -13.07 -16.03 -11.30
C ASP B 134 -14.49 -16.32 -11.91
N THR B 135 -15.32 -17.05 -11.13
CA THR B 135 -16.70 -17.37 -11.47
C THR B 135 -17.57 -16.12 -11.30
N GLU B 136 -18.40 -15.87 -12.29
CA GLU B 136 -19.34 -14.79 -12.29
C GLU B 136 -20.53 -15.24 -11.40
N PRO B 137 -20.99 -14.39 -10.42
CA PRO B 137 -22.19 -14.76 -9.63
C PRO B 137 -23.36 -15.14 -10.54
N LEU B 138 -24.20 -16.08 -10.08
CA LEU B 138 -25.37 -16.54 -10.83
C LEU B 138 -26.37 -15.39 -11.02
N PRO B 139 -26.96 -15.21 -12.24
CA PRO B 139 -27.97 -14.14 -12.40
C PRO B 139 -29.25 -14.43 -11.60
N ASN B 140 -29.77 -13.42 -10.93
CA ASN B 140 -31.00 -13.56 -10.14
C ASN B 140 -32.01 -12.51 -10.61
N LEU B 141 -32.26 -11.41 -9.85
CA LEU B 141 -33.19 -10.35 -10.30
C LEU B 141 -32.64 -9.65 -11.55
N ALA B 142 -31.30 -9.59 -11.66
CA ALA B 142 -30.55 -9.08 -12.81
C ALA B 142 -30.29 -10.33 -13.68
N LYS B 143 -31.02 -10.49 -14.80
CA LYS B 143 -30.93 -11.68 -15.64
C LYS B 143 -29.67 -11.77 -16.51
N SER B 144 -29.08 -10.62 -16.90
CA SER B 144 -27.87 -10.54 -17.73
C SER B 144 -27.16 -9.21 -17.51
N TRP B 145 -25.86 -9.14 -17.93
CA TRP B 145 -25.02 -7.94 -17.83
C TRP B 145 -23.83 -7.97 -18.78
N GLU B 146 -23.40 -6.77 -19.24
CA GLU B 146 -22.27 -6.62 -20.18
C GLU B 146 -21.36 -5.47 -19.78
N TRP B 147 -20.06 -5.62 -20.04
CA TRP B 147 -19.07 -4.61 -19.77
C TRP B 147 -18.73 -3.87 -21.05
N SER B 148 -18.40 -2.57 -20.92
CA SER B 148 -17.96 -1.71 -22.03
C SER B 148 -16.51 -2.06 -22.34
N GLU B 149 -16.02 -1.75 -23.57
CA GLU B 149 -14.63 -2.06 -23.92
C GLU B 149 -13.61 -1.51 -22.89
N ASP B 150 -13.84 -0.29 -22.37
CA ASP B 150 -13.00 0.37 -21.36
C ASP B 150 -13.11 -0.29 -19.97
N GLY B 151 -14.26 -0.90 -19.68
CA GLY B 151 -14.54 -1.59 -18.43
C GLY B 151 -15.02 -0.73 -17.29
N HIS B 152 -15.43 0.52 -17.60
CA HIS B 152 -15.93 1.43 -16.57
C HIS B 152 -17.45 1.41 -16.49
N THR B 153 -18.13 0.94 -17.55
CA THR B 153 -19.58 0.90 -17.58
C THR B 153 -20.10 -0.56 -17.63
N LEU B 154 -21.08 -0.90 -16.77
CA LEU B 154 -21.68 -2.23 -16.72
C LEU B 154 -23.20 -2.11 -16.87
N THR B 155 -23.73 -2.45 -18.08
CA THR B 155 -25.17 -2.42 -18.39
C THR B 155 -25.79 -3.68 -17.76
N MET B 156 -26.89 -3.51 -17.03
CA MET B 156 -27.50 -4.62 -16.33
C MET B 156 -28.99 -4.74 -16.66
N HIS B 157 -29.38 -5.91 -17.22
CA HIS B 157 -30.76 -6.19 -17.61
C HIS B 157 -31.45 -6.96 -16.51
N LEU B 158 -32.63 -6.50 -16.12
CA LEU B 158 -33.42 -7.10 -15.06
C LEU B 158 -34.42 -8.08 -15.67
N VAL B 159 -34.93 -9.02 -14.84
CA VAL B 159 -35.98 -9.99 -15.21
C VAL B 159 -37.20 -9.16 -15.66
N LYS B 160 -37.74 -9.44 -16.87
CA LYS B 160 -38.85 -8.66 -17.42
C LYS B 160 -40.20 -9.36 -17.23
N GLY B 161 -41.15 -8.67 -16.60
CA GLY B 161 -42.50 -9.20 -16.39
C GLY B 161 -42.74 -9.76 -15.02
N ALA B 162 -41.72 -9.69 -14.13
CA ALA B 162 -41.81 -10.16 -12.75
C ALA B 162 -42.65 -9.21 -11.91
N LYS B 163 -43.40 -9.77 -10.97
CA LYS B 163 -44.29 -9.02 -10.08
C LYS B 163 -43.97 -9.38 -8.63
N TRP B 164 -44.30 -8.47 -7.70
CA TRP B 164 -44.13 -8.66 -6.27
C TRP B 164 -45.23 -9.61 -5.76
N SER B 165 -45.11 -10.10 -4.52
CA SER B 165 -46.07 -11.04 -3.94
C SER B 165 -47.53 -10.52 -3.85
N ASP B 166 -47.72 -9.22 -4.15
CA ASP B 166 -48.98 -8.49 -4.11
C ASP B 166 -49.57 -8.18 -5.51
N GLY B 167 -48.78 -8.42 -6.55
CA GLY B 167 -49.19 -8.18 -7.93
C GLY B 167 -48.60 -6.97 -8.61
N GLU B 168 -47.95 -6.07 -7.84
CA GLU B 168 -47.32 -4.89 -8.41
C GLU B 168 -46.07 -5.28 -9.17
N ALA B 169 -45.78 -4.57 -10.26
CA ALA B 169 -44.65 -4.88 -11.12
C ALA B 169 -43.30 -4.67 -10.44
N PHE B 170 -42.32 -5.52 -10.81
CA PHE B 170 -40.95 -5.38 -10.35
C PHE B 170 -40.16 -4.76 -11.49
N ASN B 171 -39.46 -3.67 -11.21
CA ASN B 171 -38.65 -3.01 -12.24
C ASN B 171 -37.57 -2.11 -11.65
N ALA B 172 -36.88 -1.36 -12.55
CA ALA B 172 -35.75 -0.49 -12.23
C ALA B 172 -36.04 0.57 -11.18
N ASP B 173 -37.31 0.95 -10.99
CA ASP B 173 -37.73 1.93 -10.00
C ASP B 173 -37.46 1.44 -8.58
N ASP B 174 -37.57 0.12 -8.39
CA ASP B 174 -37.33 -0.57 -7.13
C ASP B 174 -35.82 -0.67 -6.87
N VAL B 175 -35.03 -0.94 -7.95
CA VAL B 175 -33.55 -1.01 -7.95
C VAL B 175 -32.99 0.36 -7.56
N MET B 176 -33.48 1.42 -8.26
CA MET B 176 -33.12 2.84 -8.08
C MET B 176 -33.46 3.40 -6.69
N PHE B 177 -34.65 3.05 -6.15
CA PHE B 177 -35.05 3.45 -4.79
C PHE B 177 -34.09 2.81 -3.79
N TYR B 178 -33.68 1.54 -4.03
CA TYR B 178 -32.71 0.88 -3.15
C TYR B 178 -31.38 1.63 -3.20
N TRP B 179 -30.89 1.95 -4.42
CA TRP B 179 -29.63 2.67 -4.63
C TRP B 179 -29.63 4.10 -4.06
N GLU B 180 -30.59 4.95 -4.48
CA GLU B 180 -30.66 6.34 -4.05
C GLU B 180 -31.16 6.54 -2.63
N ASP B 181 -32.23 5.84 -2.23
CA ASP B 181 -32.88 6.11 -0.95
C ASP B 181 -32.46 5.19 0.22
N ALA B 182 -31.60 4.18 -0.01
CA ALA B 182 -31.09 3.34 1.08
C ALA B 182 -29.56 3.37 1.16
N VAL B 183 -28.88 2.98 0.05
CA VAL B 183 -27.42 2.93 -0.03
C VAL B 183 -26.83 4.34 0.05
N VAL B 184 -27.11 5.17 -0.98
CA VAL B 184 -26.65 6.54 -1.14
C VAL B 184 -27.07 7.41 0.05
N ASP B 185 -28.37 7.38 0.44
CA ASP B 185 -28.92 8.14 1.58
C ASP B 185 -28.09 7.84 2.85
N PRO B 186 -27.34 8.83 3.38
CA PRO B 186 -26.47 8.55 4.54
C PRO B 186 -27.20 8.19 5.84
N ASN B 187 -28.50 8.54 5.90
CA ASN B 187 -29.39 8.31 7.05
C ASN B 187 -30.06 6.93 7.06
N VAL B 188 -29.79 6.09 6.04
CA VAL B 188 -30.33 4.73 5.93
C VAL B 188 -29.16 3.75 5.89
N SER B 189 -29.28 2.68 6.68
CA SER B 189 -28.29 1.62 6.81
C SER B 189 -28.91 0.22 6.56
N PRO B 190 -28.91 -0.30 5.31
CA PRO B 190 -29.49 -1.63 5.04
C PRO B 190 -28.93 -2.76 5.89
N LEU B 191 -29.75 -3.81 6.14
CA LEU B 191 -29.42 -5.00 6.95
C LEU B 191 -28.12 -5.68 6.50
N GLY B 192 -27.32 -6.06 7.48
CA GLY B 192 -26.02 -6.68 7.26
C GLY B 192 -24.87 -5.78 7.71
N GLY B 193 -25.11 -4.47 7.69
CA GLY B 193 -24.17 -3.44 8.11
C GLY B 193 -23.08 -3.07 7.13
N GLY B 194 -23.14 -3.60 5.90
CA GLY B 194 -22.13 -3.36 4.88
C GLY B 194 -22.60 -2.85 3.53
N ALA B 195 -23.62 -1.99 3.54
CA ALA B 195 -24.17 -1.48 2.29
C ALA B 195 -23.93 0.05 2.10
N SER B 196 -22.66 0.48 2.26
CA SER B 196 -22.22 1.86 2.05
C SER B 196 -22.03 2.08 0.54
N PRO B 197 -22.05 3.33 0.01
CA PRO B 197 -21.82 3.49 -1.44
C PRO B 197 -20.45 2.98 -1.93
N GLU B 198 -19.43 3.07 -1.05
CA GLU B 198 -18.05 2.66 -1.28
C GLU B 198 -17.85 1.15 -1.38
N ALA B 199 -18.85 0.34 -0.93
CA ALA B 199 -18.84 -1.15 -1.02
C ALA B 199 -18.87 -1.58 -2.50
N PHE B 200 -19.39 -0.68 -3.33
CA PHE B 200 -19.55 -0.85 -4.76
C PHE B 200 -18.44 -0.10 -5.49
N GLY B 201 -17.53 0.49 -4.71
CA GLY B 201 -16.38 1.26 -5.20
C GLY B 201 -16.53 2.74 -4.93
N GLU B 202 -15.44 3.39 -4.51
CA GLU B 202 -15.44 4.84 -4.26
C GLU B 202 -15.61 5.55 -5.62
N GLY B 203 -16.71 6.31 -5.72
CA GLY B 203 -17.09 7.05 -6.91
C GLY B 203 -18.03 6.32 -7.84
N THR B 204 -18.57 5.16 -7.40
CA THR B 204 -19.50 4.35 -8.20
C THR B 204 -20.89 5.00 -8.26
N THR B 205 -21.37 5.21 -9.50
CA THR B 205 -22.69 5.76 -9.82
C THR B 205 -23.53 4.64 -10.48
N LEU B 206 -24.87 4.78 -10.41
CA LEU B 206 -25.86 3.87 -10.99
C LEU B 206 -27.03 4.69 -11.45
N LYS B 207 -27.52 4.41 -12.67
CA LYS B 207 -28.62 5.16 -13.29
C LYS B 207 -29.61 4.26 -14.05
N LYS B 208 -30.86 4.72 -14.13
CA LYS B 208 -31.92 4.02 -14.85
C LYS B 208 -31.77 4.28 -16.36
N ILE B 209 -31.93 3.23 -17.18
CA ILE B 209 -31.89 3.33 -18.65
C ILE B 209 -33.35 3.29 -19.15
N ASP B 210 -34.06 2.23 -18.76
CA ASP B 210 -35.48 1.97 -19.01
C ASP B 210 -36.02 1.12 -17.85
N ASP B 211 -37.33 0.76 -17.87
CA ASP B 211 -37.97 -0.02 -16.79
C ASP B 211 -37.24 -1.31 -16.41
N TYR B 212 -36.51 -1.91 -17.36
CA TYR B 212 -35.83 -3.19 -17.12
C TYR B 212 -34.33 -3.16 -17.44
N THR B 213 -33.72 -1.94 -17.43
CA THR B 213 -32.28 -1.74 -17.70
C THR B 213 -31.70 -0.64 -16.81
N VAL B 214 -30.55 -0.95 -16.19
CA VAL B 214 -29.79 -0.05 -15.30
C VAL B 214 -28.33 0.01 -15.76
N GLU B 215 -27.62 1.09 -15.41
CA GLU B 215 -26.25 1.30 -15.83
C GLU B 215 -25.32 1.76 -14.70
N TRP B 216 -24.34 0.91 -14.37
CA TRP B 216 -23.34 1.17 -13.35
C TRP B 216 -22.16 1.90 -14.01
N THR B 217 -21.53 2.83 -13.28
CA THR B 217 -20.33 3.54 -13.76
C THR B 217 -19.28 3.45 -12.65
N PHE B 218 -18.17 2.74 -12.91
CA PHE B 218 -17.08 2.50 -11.97
C PHE B 218 -15.83 3.26 -12.36
N LYS B 219 -15.09 3.77 -11.35
CA LYS B 219 -13.84 4.51 -11.47
C LYS B 219 -12.73 3.58 -12.01
N ALA B 220 -12.74 2.32 -11.55
CA ALA B 220 -11.80 1.26 -11.96
C ALA B 220 -12.27 0.59 -13.24
N ALA B 221 -11.31 -0.04 -13.96
CA ALA B 221 -11.57 -0.77 -15.20
C ALA B 221 -11.80 -2.23 -14.84
N PHE B 222 -13.01 -2.73 -15.15
CA PHE B 222 -13.52 -4.08 -14.88
C PHE B 222 -13.41 -4.51 -13.40
N PRO B 223 -14.06 -3.81 -12.41
CA PRO B 223 -14.02 -4.29 -11.02
C PRO B 223 -15.13 -5.34 -10.77
N LYS B 224 -15.02 -6.44 -11.54
CA LYS B 224 -15.92 -7.60 -11.61
C LYS B 224 -16.32 -8.20 -10.26
N GLN B 225 -15.52 -7.93 -9.21
CA GLN B 225 -15.72 -8.42 -7.85
C GLN B 225 -16.95 -7.81 -7.17
N TYR B 226 -17.40 -6.66 -7.68
CA TYR B 226 -18.59 -5.95 -7.21
C TYR B 226 -19.89 -6.65 -7.59
N LEU B 227 -19.87 -7.63 -8.53
CA LEU B 227 -21.06 -8.41 -8.90
C LEU B 227 -21.50 -9.29 -7.71
N TYR B 228 -20.51 -9.70 -6.87
CA TYR B 228 -20.70 -10.47 -5.66
C TYR B 228 -21.33 -9.59 -4.58
N THR B 229 -20.87 -8.33 -4.46
CA THR B 229 -21.37 -7.32 -3.52
C THR B 229 -22.86 -7.05 -3.80
N MET B 230 -23.27 -7.13 -5.07
CA MET B 230 -24.65 -6.98 -5.53
C MET B 230 -25.54 -8.19 -5.13
N ALA B 231 -24.98 -9.18 -4.40
CA ALA B 231 -25.73 -10.33 -3.93
C ALA B 231 -26.08 -10.13 -2.45
N TYR B 232 -26.61 -11.16 -1.78
CA TYR B 232 -27.00 -11.04 -0.37
C TYR B 232 -25.79 -10.78 0.55
N PRO B 233 -25.90 -9.84 1.54
CA PRO B 233 -27.08 -9.01 1.90
C PRO B 233 -27.12 -7.59 1.31
N SER B 234 -26.06 -7.19 0.60
CA SER B 234 -25.78 -5.84 0.14
C SER B 234 -26.63 -5.27 -0.98
N PHE B 235 -27.26 -6.07 -1.86
CA PHE B 235 -28.17 -5.49 -2.87
C PHE B 235 -29.47 -6.28 -3.00
N CYS B 236 -30.31 -6.15 -1.97
CA CYS B 236 -31.60 -6.81 -1.84
C CYS B 236 -32.72 -5.75 -1.90
N PRO B 237 -33.25 -5.45 -3.12
CA PRO B 237 -34.29 -4.42 -3.24
C PRO B 237 -35.61 -4.72 -2.52
N GLY B 238 -36.24 -3.65 -2.04
CA GLY B 238 -37.53 -3.67 -1.36
C GLY B 238 -38.65 -3.11 -2.22
N PRO B 239 -39.92 -3.37 -1.83
CA PRO B 239 -41.05 -2.85 -2.62
C PRO B 239 -41.17 -1.34 -2.51
N SER B 240 -40.75 -0.64 -3.57
CA SER B 240 -40.79 0.81 -3.65
C SER B 240 -42.20 1.38 -3.56
N HIS B 241 -43.20 0.73 -4.19
CA HIS B 241 -44.61 1.18 -4.16
C HIS B 241 -45.23 1.24 -2.75
N ILE B 242 -44.61 0.54 -1.79
CA ILE B 242 -44.97 0.44 -0.37
C ILE B 242 -44.02 1.28 0.53
N LEU B 243 -42.69 1.23 0.27
CA LEU B 243 -41.66 1.90 1.08
C LEU B 243 -41.43 3.38 0.74
N LYS B 244 -41.51 3.75 -0.57
CA LYS B 244 -41.33 5.11 -1.06
C LYS B 244 -42.30 6.12 -0.39
N PRO B 245 -43.65 5.86 -0.26
CA PRO B 245 -44.51 6.85 0.40
C PRO B 245 -44.23 7.06 1.89
N GLN B 246 -43.42 6.18 2.50
CA GLN B 246 -43.03 6.20 3.91
C GLN B 246 -41.63 6.81 4.14
N HIS B 247 -40.87 7.02 3.07
CA HIS B 247 -39.52 7.59 3.11
C HIS B 247 -39.48 9.11 3.42
N PRO B 248 -38.59 9.55 4.35
CA PRO B 248 -38.49 10.98 4.70
C PRO B 248 -38.28 11.96 3.53
N LYS B 249 -37.52 11.56 2.50
CA LYS B 249 -37.24 12.37 1.30
C LYS B 249 -38.53 12.65 0.52
N TYR B 250 -39.55 11.75 0.66
CA TYR B 250 -40.85 11.83 -0.02
C TYR B 250 -42.07 12.00 0.93
N SER B 251 -41.87 12.09 2.26
CA SER B 251 -42.94 12.21 3.25
C SER B 251 -42.60 13.09 4.47
N LYS B 252 -43.50 13.09 5.48
CA LYS B 252 -43.38 13.84 6.74
C LYS B 252 -42.87 12.96 7.91
N ASN B 253 -42.43 11.72 7.60
CA ASN B 253 -41.91 10.75 8.58
C ASN B 253 -40.43 10.97 8.85
N THR B 254 -39.96 10.64 10.07
CA THR B 254 -38.52 10.71 10.40
C THR B 254 -37.86 9.45 9.83
N TYR B 255 -36.53 9.31 9.95
CA TYR B 255 -35.84 8.10 9.49
C TYR B 255 -36.11 6.92 10.43
N ASN B 256 -36.39 7.21 11.72
CA ASN B 256 -36.75 6.20 12.71
C ASN B 256 -38.22 5.76 12.47
N GLN B 257 -39.09 6.71 12.04
CA GLN B 257 -40.49 6.45 11.71
C GLN B 257 -40.61 5.58 10.46
N PHE B 258 -39.66 5.72 9.52
CA PHE B 258 -39.59 4.96 8.27
C PHE B 258 -38.99 3.57 8.52
N LYS B 259 -37.97 3.47 9.38
CA LYS B 259 -37.34 2.20 9.75
C LYS B 259 -38.38 1.26 10.39
N ASN B 260 -39.27 1.82 11.23
CA ASN B 260 -40.29 1.11 11.99
C ASN B 260 -41.71 1.24 11.42
N ALA B 261 -41.84 1.57 10.12
CA ALA B 261 -43.16 1.76 9.48
C ALA B 261 -43.94 0.46 9.23
N PHE B 262 -43.23 -0.69 9.18
CA PHE B 262 -43.85 -1.99 8.95
C PHE B 262 -43.46 -2.95 10.06
N PRO B 263 -44.15 -2.87 11.24
CA PRO B 263 -43.79 -3.73 12.38
C PRO B 263 -44.09 -5.22 12.14
N PRO B 264 -43.60 -6.17 13.00
CA PRO B 264 -43.86 -7.60 12.76
C PRO B 264 -45.34 -8.03 12.67
N GLU B 265 -46.27 -7.20 13.18
CA GLU B 265 -47.72 -7.44 13.14
C GLU B 265 -48.32 -7.13 11.75
N TYR B 266 -47.63 -6.29 10.94
CA TYR B 266 -48.02 -5.93 9.57
C TYR B 266 -47.83 -7.17 8.71
N MET B 267 -48.90 -7.74 8.19
CA MET B 267 -48.78 -8.96 7.40
C MET B 267 -48.84 -8.73 5.87
N ASN B 268 -48.36 -9.75 5.12
CA ASN B 268 -48.32 -9.84 3.65
C ASN B 268 -47.43 -8.77 3.00
N MET B 269 -46.25 -8.51 3.60
CA MET B 269 -45.29 -7.54 3.10
C MET B 269 -44.80 -7.95 1.70
N PRO B 270 -44.97 -7.07 0.67
CA PRO B 270 -44.54 -7.46 -0.68
C PRO B 270 -43.07 -7.89 -0.73
N VAL B 271 -42.85 -9.06 -1.32
CA VAL B 271 -41.54 -9.67 -1.46
C VAL B 271 -41.35 -10.26 -2.87
N MET B 272 -40.07 -10.40 -3.29
CA MET B 272 -39.69 -11.05 -4.54
C MET B 272 -39.38 -12.53 -4.23
N GLY B 273 -39.41 -12.89 -2.92
CA GLY B 273 -39.15 -14.22 -2.37
C GLY B 273 -40.19 -15.26 -2.67
N ALA B 274 -39.86 -16.54 -2.44
CA ALA B 274 -40.70 -17.73 -2.71
C ALA B 274 -41.96 -17.88 -1.85
N TRP B 275 -41.91 -17.39 -0.59
CA TRP B 275 -42.98 -17.42 0.41
C TRP B 275 -43.14 -16.04 1.02
N VAL B 276 -44.34 -15.72 1.54
CA VAL B 276 -44.74 -14.43 2.12
C VAL B 276 -45.21 -14.58 3.58
N PRO B 277 -44.84 -13.66 4.51
CA PRO B 277 -45.36 -13.76 5.88
C PRO B 277 -46.86 -13.50 5.95
N VAL B 278 -47.59 -14.46 6.50
CA VAL B 278 -49.05 -14.44 6.59
C VAL B 278 -49.52 -14.49 8.04
N SER B 279 -48.63 -14.94 8.94
CA SER B 279 -48.95 -15.08 10.36
C SER B 279 -47.74 -14.81 11.25
N TYR B 280 -48.01 -14.24 12.43
CA TYR B 280 -47.00 -13.93 13.43
C TYR B 280 -47.60 -13.90 14.82
N ARG B 281 -46.94 -14.60 15.74
CA ARG B 281 -47.28 -14.54 17.15
C ARG B 281 -45.99 -14.24 17.90
N PRO B 282 -45.94 -13.16 18.71
CA PRO B 282 -44.70 -12.80 19.41
C PRO B 282 -44.12 -13.94 20.24
N ASP B 283 -42.77 -14.13 20.15
CA ASP B 283 -41.97 -15.16 20.84
C ASP B 283 -42.46 -16.59 20.58
N ASP B 284 -43.24 -16.78 19.53
CA ASP B 284 -43.78 -18.07 19.18
C ASP B 284 -43.39 -18.48 17.76
N LEU B 285 -44.02 -17.87 16.72
CA LEU B 285 -43.86 -18.35 15.36
C LEU B 285 -44.17 -17.30 14.30
N ILE B 286 -43.56 -17.47 13.12
CA ILE B 286 -43.82 -16.73 11.88
C ILE B 286 -44.17 -17.81 10.84
N VAL B 287 -45.33 -17.67 10.16
CA VAL B 287 -45.78 -18.59 9.10
C VAL B 287 -45.71 -17.82 7.76
N LEU B 288 -45.12 -18.47 6.74
CA LEU B 288 -45.05 -17.93 5.38
C LEU B 288 -45.75 -18.88 4.44
N ARG B 289 -46.55 -18.35 3.51
CA ARG B 289 -47.23 -19.14 2.49
C ARG B 289 -46.64 -18.79 1.14
N ARG B 290 -46.60 -19.76 0.22
CA ARG B 290 -46.06 -19.61 -1.13
C ARG B 290 -46.52 -18.32 -1.85
N ASN B 291 -45.56 -17.58 -2.47
CA ASN B 291 -45.81 -16.36 -3.24
C ASN B 291 -46.41 -16.77 -4.62
N PRO B 292 -47.66 -16.37 -4.93
CA PRO B 292 -48.26 -16.74 -6.24
C PRO B 292 -47.56 -16.11 -7.44
N TYR B 293 -46.95 -14.94 -7.25
CA TYR B 293 -46.23 -14.20 -8.27
C TYR B 293 -44.74 -14.56 -8.39
N TYR B 294 -44.31 -15.67 -7.77
CA TYR B 294 -42.92 -16.12 -7.82
C TYR B 294 -42.52 -16.38 -9.26
N TRP B 295 -41.38 -15.81 -9.64
CA TRP B 295 -40.81 -15.69 -10.97
C TRP B 295 -39.80 -16.76 -11.35
N LYS B 296 -39.78 -17.88 -10.62
CA LYS B 296 -38.87 -19.01 -10.84
C LYS B 296 -39.66 -20.29 -11.10
N VAL B 297 -39.24 -21.08 -12.12
CA VAL B 297 -39.88 -22.33 -12.57
C VAL B 297 -38.83 -23.43 -12.76
N ASP B 298 -39.27 -24.69 -12.84
CA ASP B 298 -38.35 -25.77 -13.19
C ASP B 298 -38.44 -25.96 -14.73
N GLU B 299 -37.54 -26.79 -15.31
CA GLU B 299 -37.46 -27.11 -16.74
C GLU B 299 -38.78 -27.65 -17.32
N LYS B 300 -39.61 -28.27 -16.47
CA LYS B 300 -40.93 -28.86 -16.82
C LYS B 300 -42.11 -27.85 -16.73
N GLY B 301 -41.80 -26.59 -16.40
CA GLY B 301 -42.75 -25.50 -16.32
C GLY B 301 -43.48 -25.31 -15.01
N GLN B 302 -43.20 -26.17 -14.01
CA GLN B 302 -43.85 -26.08 -12.70
C GLN B 302 -43.32 -24.85 -11.96
N GLN B 303 -44.24 -23.95 -11.56
CA GLN B 303 -43.90 -22.72 -10.84
C GLN B 303 -43.44 -23.07 -9.44
N LEU B 304 -42.27 -22.53 -9.06
CA LEU B 304 -41.67 -22.76 -7.74
C LEU B 304 -42.24 -21.80 -6.70
N PRO B 305 -42.15 -22.08 -5.38
CA PRO B 305 -41.52 -23.24 -4.74
C PRO B 305 -42.38 -24.51 -4.75
N TYR B 306 -41.76 -25.68 -4.51
CA TYR B 306 -42.49 -26.94 -4.38
C TYR B 306 -43.21 -26.98 -3.03
N LEU B 307 -42.53 -26.49 -1.95
CA LEU B 307 -43.02 -26.39 -0.56
C LEU B 307 -44.04 -25.27 -0.45
N ASN B 308 -45.22 -25.55 0.12
CA ASN B 308 -46.31 -24.54 0.22
C ASN B 308 -46.20 -23.59 1.41
N GLU B 309 -45.52 -24.05 2.47
CA GLU B 309 -45.40 -23.33 3.71
C GLU B 309 -44.00 -23.38 4.31
N VAL B 310 -43.67 -22.33 5.08
CA VAL B 310 -42.44 -22.20 5.86
C VAL B 310 -42.81 -21.71 7.24
N HIS B 311 -42.22 -22.35 8.25
CA HIS B 311 -42.36 -22.00 9.66
C HIS B 311 -41.03 -21.53 10.20
N TYR B 312 -41.04 -20.47 11.01
CA TYR B 312 -39.87 -20.01 11.74
C TYR B 312 -40.30 -19.96 13.19
N LYS B 313 -39.93 -21.00 13.95
CA LYS B 313 -40.26 -21.07 15.38
C LYS B 313 -39.29 -20.19 16.08
N LEU B 314 -39.82 -19.29 16.92
CA LEU B 314 -39.07 -18.31 17.68
C LEU B 314 -38.67 -18.90 19.01
N SER B 315 -37.44 -19.47 19.05
CA SER B 315 -36.87 -20.13 20.22
C SER B 315 -35.42 -19.64 20.51
N THR B 316 -34.43 -20.56 20.54
CA THR B 316 -33.00 -20.25 20.75
C THR B 316 -32.20 -20.95 19.66
N TRP B 317 -30.93 -20.55 19.49
CA TRP B 317 -30.07 -21.15 18.46
C TRP B 317 -29.67 -22.61 18.79
N ALA B 318 -29.56 -22.94 20.11
CA ALA B 318 -29.25 -24.27 20.63
C ALA B 318 -30.49 -25.19 20.40
N ASP B 319 -31.71 -24.65 20.61
CA ASP B 319 -32.95 -25.39 20.41
C ASP B 319 -33.15 -25.78 18.95
N ARG B 320 -32.56 -25.03 17.98
CA ARG B 320 -32.59 -25.35 16.55
C ARG B 320 -31.90 -26.70 16.31
N ASP B 321 -30.76 -26.95 16.98
CA ASP B 321 -29.99 -28.21 16.91
C ASP B 321 -30.78 -29.34 17.56
N VAL B 322 -31.37 -29.07 18.73
CA VAL B 322 -32.18 -30.01 19.51
C VAL B 322 -33.35 -30.51 18.62
N GLN B 323 -34.16 -29.59 18.07
CA GLN B 323 -35.32 -29.91 17.27
C GLN B 323 -35.01 -30.60 15.96
N ALA B 324 -33.94 -30.21 15.24
CA ALA B 324 -33.57 -30.86 13.97
C ALA B 324 -33.25 -32.36 14.12
N VAL B 325 -32.50 -32.73 15.18
CA VAL B 325 -32.15 -34.13 15.48
C VAL B 325 -33.35 -34.86 16.10
N ALA B 326 -34.23 -34.13 16.85
CA ALA B 326 -35.45 -34.70 17.42
C ALA B 326 -36.46 -34.97 16.30
N GLY B 327 -36.42 -34.16 15.25
CA GLY B 327 -37.29 -34.28 14.08
C GLY B 327 -38.45 -33.32 14.00
N SER B 328 -38.57 -32.37 14.97
CA SER B 328 -39.63 -31.35 15.01
C SER B 328 -39.27 -30.14 14.17
N GLY B 329 -37.96 -29.94 13.98
CA GLY B 329 -37.35 -28.92 13.14
C GLY B 329 -36.73 -29.64 11.95
N ASP B 330 -36.73 -29.00 10.78
CA ASP B 330 -36.24 -29.64 9.56
C ASP B 330 -34.84 -29.30 9.13
N PHE B 331 -34.26 -28.27 9.77
CA PHE B 331 -32.99 -27.74 9.36
C PHE B 331 -32.21 -27.14 10.53
N SER B 332 -30.90 -27.38 10.53
CA SER B 332 -29.94 -26.76 11.42
C SER B 332 -28.57 -26.61 10.80
N ASN B 333 -27.92 -25.51 11.18
CA ASN B 333 -26.52 -25.20 10.91
C ASN B 333 -25.90 -25.43 12.28
N LEU B 334 -25.31 -26.62 12.48
CA LEU B 334 -24.65 -27.01 13.73
C LEU B 334 -23.28 -26.33 13.77
N GLU B 335 -23.24 -25.21 14.46
CA GLU B 335 -22.12 -24.25 14.54
C GLU B 335 -21.60 -23.93 15.95
N GLN B 336 -22.18 -24.53 16.99
CA GLN B 336 -21.74 -24.29 18.36
C GLN B 336 -21.02 -25.54 18.84
N PRO B 337 -19.66 -25.54 18.94
CA PRO B 337 -18.93 -26.77 19.29
C PRO B 337 -19.42 -27.54 20.51
N GLU B 338 -20.09 -26.85 21.41
CA GLU B 338 -20.60 -27.39 22.67
C GLU B 338 -21.80 -28.31 22.40
N ASN B 339 -22.42 -28.16 21.23
CA ASN B 339 -23.57 -28.96 20.80
C ASN B 339 -23.14 -30.15 19.91
N PHE B 340 -21.85 -30.19 19.48
CA PHE B 340 -21.33 -31.22 18.55
C PHE B 340 -21.48 -32.68 19.01
N VAL B 341 -21.18 -33.00 20.27
CA VAL B 341 -21.19 -34.36 20.84
C VAL B 341 -22.63 -34.87 20.98
N ALA B 342 -23.51 -34.08 21.64
CA ALA B 342 -24.93 -34.39 21.85
C ALA B 342 -25.64 -34.67 20.53
N SER B 343 -25.34 -33.86 19.48
CA SER B 343 -25.92 -33.96 18.14
C SER B 343 -25.38 -35.17 17.39
N LEU B 344 -24.05 -35.44 17.50
CA LEU B 344 -23.42 -36.61 16.88
C LEU B 344 -23.95 -37.93 17.44
N LYS B 345 -24.29 -37.96 18.76
CA LYS B 345 -24.85 -39.15 19.44
C LYS B 345 -26.24 -39.44 18.90
N ARG B 346 -27.08 -38.41 18.76
CA ARG B 346 -28.43 -38.55 18.22
C ARG B 346 -28.39 -38.99 16.74
N ALA B 347 -27.52 -38.34 15.94
CA ALA B 347 -27.28 -38.63 14.52
C ALA B 347 -26.76 -40.06 14.29
N ALA B 348 -26.05 -40.65 15.29
CA ALA B 348 -25.49 -42.01 15.25
C ALA B 348 -26.59 -43.10 15.24
N ASP B 349 -27.85 -42.75 15.53
CA ASP B 349 -28.96 -43.69 15.48
C ASP B 349 -29.44 -43.87 14.03
N PRO B 350 -29.51 -45.12 13.50
CA PRO B 350 -30.02 -45.31 12.12
C PRO B 350 -31.48 -44.85 11.91
N ASN B 351 -32.25 -44.76 13.03
CA ASN B 351 -33.64 -44.30 13.05
C ASN B 351 -33.80 -42.77 13.19
N ALA B 352 -32.66 -42.01 13.26
CA ALA B 352 -32.61 -40.55 13.36
C ALA B 352 -33.38 -39.91 12.20
N PRO B 353 -34.26 -38.90 12.45
CA PRO B 353 -35.04 -38.31 11.34
C PRO B 353 -34.24 -37.38 10.42
N ALA B 354 -33.00 -37.06 10.80
CA ALA B 354 -32.13 -36.15 10.08
C ALA B 354 -30.74 -36.74 9.86
N ARG B 355 -30.07 -36.24 8.81
CA ARG B 355 -28.70 -36.56 8.41
C ARG B 355 -27.84 -35.36 8.81
N LEU B 356 -26.59 -35.62 9.19
CA LEU B 356 -25.63 -34.60 9.62
C LEU B 356 -24.33 -34.76 8.79
N ALA B 357 -23.86 -33.66 8.17
CA ALA B 357 -22.63 -33.65 7.37
C ALA B 357 -21.76 -32.42 7.68
N PHE B 358 -20.50 -32.65 8.10
CA PHE B 358 -19.49 -31.63 8.37
C PHE B 358 -18.83 -31.18 7.07
N GLY B 359 -18.38 -29.94 7.01
CA GLY B 359 -17.71 -29.39 5.84
C GLY B 359 -16.32 -28.93 6.19
N PRO B 360 -15.69 -28.06 5.37
CA PRO B 360 -14.35 -27.54 5.72
C PRO B 360 -14.37 -26.58 6.91
N ARG B 361 -13.21 -26.25 7.48
CA ARG B 361 -13.14 -25.30 8.62
C ARG B 361 -13.34 -23.88 8.14
N LEU B 362 -14.59 -23.40 8.17
CA LEU B 362 -14.94 -22.07 7.67
C LEU B 362 -15.62 -21.16 8.71
N ILE B 363 -15.78 -21.66 9.97
CA ILE B 363 -16.38 -20.89 11.07
C ILE B 363 -15.25 -20.37 11.90
N GLY B 364 -15.13 -19.06 11.94
CA GLY B 364 -14.06 -18.41 12.65
C GLY B 364 -14.55 -17.31 13.56
N TYR B 365 -13.80 -17.09 14.63
CA TYR B 365 -14.05 -16.04 15.59
C TYR B 365 -12.79 -15.25 15.75
N ASN B 366 -12.97 -13.94 15.75
CA ASN B 366 -11.90 -12.98 15.92
C ASN B 366 -12.24 -12.04 17.01
N LEU B 367 -11.22 -11.58 17.72
CA LEU B 367 -11.30 -10.47 18.68
C LEU B 367 -11.01 -9.26 17.76
N GLN B 368 -11.96 -8.32 17.70
CA GLN B 368 -11.78 -7.12 16.89
C GLN B 368 -11.69 -5.92 17.82
N MET B 369 -10.63 -5.12 17.63
CA MET B 369 -10.33 -3.91 18.40
C MET B 369 -10.69 -2.70 17.58
N ASN B 370 -11.40 -1.75 18.20
CA ASN B 370 -11.76 -0.49 17.56
C ASN B 370 -10.47 0.34 17.33
N PHE B 371 -10.11 0.56 16.05
CA PHE B 371 -8.90 1.31 15.65
C PHE B 371 -9.16 2.80 15.43
N SER B 372 -10.39 3.26 15.67
CA SER B 372 -10.74 4.66 15.47
C SER B 372 -10.34 5.57 16.64
N ALA B 373 -9.35 6.46 16.42
CA ALA B 373 -8.88 7.46 17.38
C ALA B 373 -9.43 8.83 16.99
N ASN B 374 -10.25 8.86 15.91
CA ASN B 374 -10.88 10.07 15.36
C ASN B 374 -12.38 10.20 15.73
N GLY B 375 -12.82 9.43 16.74
CA GLY B 375 -14.16 9.55 17.32
C GLY B 375 -15.31 8.65 16.91
N TRP B 376 -15.04 7.46 16.30
CA TRP B 376 -16.13 6.52 15.94
C TRP B 376 -16.73 5.96 17.23
N GLY B 377 -18.04 6.14 17.38
CA GLY B 377 -18.80 5.71 18.56
C GLY B 377 -18.76 6.67 19.72
N ASN B 378 -18.27 7.91 19.47
CA ASN B 378 -18.11 9.01 20.43
C ASN B 378 -17.44 8.58 21.75
N PRO B 379 -16.16 8.11 21.72
CA PRO B 379 -15.53 7.66 22.99
C PRO B 379 -15.25 8.78 24.01
N ASP B 380 -15.20 8.37 25.30
CA ASP B 380 -14.85 9.18 26.47
C ASP B 380 -13.33 9.11 26.62
N GLU B 381 -12.76 9.70 27.69
CA GLU B 381 -11.31 9.65 27.96
C GLU B 381 -10.77 8.23 28.13
N ARG B 382 -11.55 7.34 28.82
CA ARG B 382 -11.17 5.95 29.05
C ARG B 382 -11.22 5.16 27.75
N GLY B 383 -12.27 5.36 26.95
CA GLY B 383 -12.45 4.75 25.65
C GLY B 383 -11.33 5.09 24.70
N GLN B 384 -11.03 6.39 24.57
CA GLN B 384 -9.99 6.98 23.74
C GLN B 384 -8.59 6.46 24.06
N ALA B 385 -8.27 6.26 25.36
CA ALA B 385 -6.98 5.71 25.79
C ALA B 385 -6.83 4.22 25.34
N ILE B 386 -7.95 3.50 25.24
CA ILE B 386 -7.98 2.11 24.76
C ILE B 386 -7.80 2.10 23.21
N ARG B 387 -8.48 3.04 22.48
CA ARG B 387 -8.34 3.22 21.02
C ARG B 387 -6.87 3.41 20.70
N GLU B 388 -6.15 4.20 21.53
CA GLU B 388 -4.72 4.48 21.42
C GLU B 388 -3.84 3.26 21.71
N LEU B 389 -4.22 2.39 22.67
CA LEU B 389 -3.49 1.15 22.96
C LEU B 389 -3.69 0.17 21.79
N ASN B 390 -4.95 0.11 21.27
CA ASN B 390 -5.36 -0.75 20.18
C ASN B 390 -4.55 -0.47 18.92
N ARG B 391 -4.22 0.81 18.68
CA ARG B 391 -3.46 1.23 17.52
C ARG B 391 -1.93 1.01 17.69
N ASN B 392 -1.47 0.63 18.90
CA ASN B 392 -0.06 0.36 19.15
C ASN B 392 0.23 -1.11 18.80
N GLU B 393 1.13 -1.35 17.82
CA GLU B 393 1.47 -2.70 17.32
C GLU B 393 2.07 -3.64 18.39
N VAL B 394 2.78 -3.07 19.40
CA VAL B 394 3.39 -3.83 20.50
C VAL B 394 2.31 -4.39 21.43
N PHE B 395 1.28 -3.55 21.74
CA PHE B 395 0.11 -3.92 22.55
C PHE B 395 -0.62 -5.09 21.90
N ARG B 396 -0.92 -4.98 20.58
CA ARG B 396 -1.56 -6.05 19.80
C ARG B 396 -0.74 -7.35 19.78
N GLN B 397 0.58 -7.24 19.56
CA GLN B 397 1.51 -8.39 19.54
C GLN B 397 1.52 -9.11 20.88
N ALA B 398 1.48 -8.36 22.00
CA ALA B 398 1.44 -8.92 23.34
C ALA B 398 0.09 -9.61 23.63
N VAL B 399 -1.06 -9.00 23.22
CA VAL B 399 -2.40 -9.56 23.43
C VAL B 399 -2.56 -10.94 22.72
N THR B 400 -2.11 -11.05 21.46
CA THR B 400 -2.21 -12.29 20.72
C THR B 400 -1.24 -13.39 21.26
N SER B 401 -0.08 -12.96 21.82
CA SER B 401 0.93 -13.86 22.39
C SER B 401 0.49 -14.41 23.75
N ALA B 402 -0.38 -13.66 24.47
CA ALA B 402 -0.92 -14.04 25.79
C ALA B 402 -2.07 -15.07 25.68
N LEU B 403 -2.48 -15.40 24.45
CA LEU B 403 -3.55 -16.37 24.19
C LEU B 403 -3.03 -17.77 23.93
N ASP B 404 -3.43 -18.73 24.78
CA ASP B 404 -3.12 -20.16 24.62
C ASP B 404 -4.28 -20.68 23.76
N ARG B 405 -4.05 -20.70 22.44
CA ARG B 405 -5.04 -21.08 21.43
C ARG B 405 -5.43 -22.56 21.48
N LYS B 406 -4.55 -23.43 22.03
CA LYS B 406 -4.88 -24.86 22.20
C LYS B 406 -5.92 -24.96 23.33
N ALA B 407 -5.79 -24.11 24.36
CA ALA B 407 -6.71 -24.06 25.50
C ALA B 407 -8.08 -23.48 25.11
N ILE B 408 -8.08 -22.47 24.18
CA ILE B 408 -9.27 -21.84 23.62
C ILE B 408 -10.10 -22.93 22.87
N GLY B 409 -9.42 -23.72 22.04
CA GLY B 409 -10.02 -24.80 21.25
C GLY B 409 -10.62 -25.92 22.08
N ASP B 410 -9.87 -26.38 23.08
CA ASP B 410 -10.29 -27.46 23.99
C ASP B 410 -11.47 -27.06 24.87
N SER B 411 -11.58 -25.76 25.23
CA SER B 411 -12.68 -25.22 26.05
C SER B 411 -14.02 -25.29 25.29
N LEU B 412 -13.99 -25.39 23.96
CA LEU B 412 -15.20 -25.47 23.18
C LEU B 412 -15.55 -26.93 22.88
N VAL B 413 -14.58 -27.67 22.29
CA VAL B 413 -14.72 -29.10 21.98
C VAL B 413 -13.34 -29.75 21.81
N LYS B 414 -13.19 -30.95 22.39
CA LYS B 414 -11.96 -31.73 22.23
C LYS B 414 -12.12 -32.55 20.94
N GLY B 415 -11.01 -33.05 20.40
CA GLY B 415 -11.05 -33.80 19.15
C GLY B 415 -10.45 -33.05 17.97
N PRO B 416 -10.77 -33.48 16.74
CA PRO B 416 -10.13 -32.87 15.56
C PRO B 416 -10.84 -31.65 14.93
N PHE B 417 -11.84 -31.07 15.61
CA PHE B 417 -12.61 -29.97 15.07
C PHE B 417 -11.86 -28.64 14.97
N THR B 418 -11.38 -28.11 16.10
CA THR B 418 -10.72 -26.80 16.14
C THR B 418 -9.30 -26.83 15.54
N ALA B 419 -8.88 -25.67 15.02
CA ALA B 419 -7.56 -25.44 14.43
C ALA B 419 -6.98 -24.16 15.04
N ILE B 420 -5.63 -24.06 15.12
CA ILE B 420 -4.93 -22.86 15.62
C ILE B 420 -5.24 -21.70 14.66
N TYR B 421 -5.83 -20.61 15.18
CA TYR B 421 -6.26 -19.55 14.27
C TYR B 421 -5.74 -18.17 14.69
N PRO B 422 -4.70 -17.66 13.99
CA PRO B 422 -4.10 -16.36 14.37
C PRO B 422 -4.90 -15.15 13.88
N GLY B 423 -5.79 -15.39 12.93
CA GLY B 423 -6.61 -14.36 12.29
C GLY B 423 -6.48 -14.46 10.79
N GLY B 424 -7.18 -13.59 10.08
CA GLY B 424 -7.16 -13.57 8.62
C GLY B 424 -8.04 -14.59 7.94
N ILE B 425 -7.76 -14.81 6.64
CA ILE B 425 -8.43 -15.77 5.76
C ILE B 425 -8.44 -17.15 6.44
N SER B 426 -9.63 -17.75 6.50
CA SER B 426 -9.89 -19.07 7.05
C SER B 426 -9.04 -20.16 6.33
N SER B 427 -8.55 -21.18 7.09
CA SER B 427 -7.74 -22.26 6.52
C SER B 427 -8.49 -23.10 5.46
N GLY B 428 -9.83 -23.01 5.47
CA GLY B 428 -10.70 -23.73 4.53
C GLY B 428 -10.89 -23.13 3.14
N THR B 429 -10.44 -21.86 2.91
CA THR B 429 -10.55 -21.16 1.61
C THR B 429 -9.35 -21.49 0.74
N SER B 430 -9.56 -21.79 -0.55
CA SER B 430 -8.48 -22.08 -1.53
C SER B 430 -7.39 -20.98 -1.54
N PHE B 431 -7.78 -19.70 -1.22
CA PHE B 431 -6.92 -18.52 -1.18
C PHE B 431 -5.93 -18.49 -0.03
N TYR B 432 -6.18 -19.31 0.99
CA TYR B 432 -5.34 -19.47 2.18
C TYR B 432 -3.99 -20.03 1.80
N ASP B 433 -2.91 -19.46 2.38
CA ASP B 433 -1.53 -19.95 2.27
C ASP B 433 -1.02 -19.96 3.69
N ARG B 434 -0.71 -21.17 4.22
CA ARG B 434 -0.19 -21.40 5.58
C ARG B 434 1.13 -20.68 5.76
N ALA B 435 1.98 -20.69 4.72
CA ALA B 435 3.29 -20.06 4.71
C ALA B 435 3.22 -18.53 4.80
N SER B 436 2.05 -17.92 4.47
CA SER B 436 1.80 -16.47 4.51
C SER B 436 1.10 -16.02 5.79
N THR B 437 0.75 -16.98 6.66
CA THR B 437 0.05 -16.72 7.92
C THR B 437 1.02 -16.62 9.08
N VAL B 438 1.09 -15.43 9.70
CA VAL B 438 1.95 -15.17 10.85
C VAL B 438 1.30 -15.69 12.13
N TYR B 439 1.97 -16.66 12.75
CA TYR B 439 1.54 -17.23 14.01
C TYR B 439 2.40 -16.73 15.15
N TYR B 440 1.72 -16.12 16.15
CA TYR B 440 2.30 -15.58 17.38
C TYR B 440 2.03 -16.67 18.43
N PRO B 441 2.98 -17.61 18.68
CA PRO B 441 2.71 -18.69 19.64
C PRO B 441 2.46 -18.20 21.06
N PHE B 442 1.88 -19.07 21.90
CA PHE B 442 1.63 -18.74 23.31
C PHE B 442 2.94 -18.44 24.06
N ASN B 443 3.06 -17.20 24.53
CA ASN B 443 4.20 -16.67 25.25
C ASN B 443 3.75 -15.60 26.25
N LEU B 444 3.18 -16.02 27.40
CA LEU B 444 2.70 -15.07 28.39
C LEU B 444 3.81 -14.18 28.96
N GLU B 445 4.96 -14.77 29.35
CA GLU B 445 6.08 -14.02 29.92
C GLU B 445 6.67 -12.95 28.99
N GLY B 446 6.73 -13.26 27.69
CA GLY B 446 7.19 -12.33 26.66
C GLY B 446 6.18 -11.23 26.42
N ALA B 447 4.90 -11.56 26.57
CA ALA B 447 3.77 -10.64 26.39
C ALA B 447 3.73 -9.63 27.54
N LYS B 448 3.98 -10.10 28.79
CA LYS B 448 4.07 -9.29 30.02
C LYS B 448 5.21 -8.27 29.89
N ALA B 449 6.35 -8.72 29.35
CA ALA B 449 7.53 -7.90 29.12
C ALA B 449 7.27 -6.87 28.03
N ALA B 450 6.49 -7.25 26.98
CA ALA B 450 6.17 -6.36 25.87
C ALA B 450 5.30 -5.17 26.33
N LEU B 451 4.33 -5.43 27.22
CA LEU B 451 3.46 -4.39 27.75
C LEU B 451 4.20 -3.48 28.68
N ALA B 452 5.20 -4.01 29.40
CA ALA B 452 6.06 -3.25 30.30
C ALA B 452 6.91 -2.28 29.49
N SER B 453 7.32 -2.70 28.27
CA SER B 453 8.12 -1.89 27.34
C SER B 453 7.35 -0.66 26.79
N ILE B 454 6.02 -0.65 26.90
CA ILE B 454 5.20 0.48 26.43
C ILE B 454 4.57 1.26 27.59
N GLY B 455 5.17 1.11 28.79
CA GLY B 455 4.80 1.85 29.99
C GLY B 455 3.64 1.34 30.82
N LEU B 456 3.26 0.05 30.66
CA LEU B 456 2.18 -0.57 31.44
C LEU B 456 2.75 -1.43 32.58
N LYS B 457 2.66 -0.89 33.79
CA LYS B 457 3.17 -1.51 35.01
C LYS B 457 2.09 -1.52 36.09
N ASP B 458 2.11 -2.53 36.96
CA ASP B 458 1.22 -2.64 38.12
C ASP B 458 1.86 -1.73 39.18
N THR B 459 1.19 -0.60 39.51
CA THR B 459 1.73 0.38 40.46
C THR B 459 1.09 0.32 41.84
N ASP B 460 -0.19 -0.08 41.90
CA ASP B 460 -0.96 -0.18 43.13
C ASP B 460 -1.07 -1.64 43.65
N GLY B 461 -0.14 -2.49 43.18
CA GLY B 461 0.00 -3.90 43.56
C GLY B 461 -1.23 -4.81 43.59
N ASP B 462 -2.22 -4.56 42.72
CA ASP B 462 -3.42 -5.39 42.66
C ASP B 462 -3.42 -6.39 41.46
N GLY B 463 -2.23 -6.64 40.89
CA GLY B 463 -2.01 -7.55 39.78
C GLY B 463 -2.61 -7.17 38.44
N PHE B 464 -2.97 -5.87 38.29
CA PHE B 464 -3.57 -5.31 37.08
C PHE B 464 -2.78 -4.11 36.65
N LEU B 465 -2.26 -4.16 35.43
CA LEU B 465 -1.44 -3.10 34.83
C LEU B 465 -2.16 -1.77 34.80
N ASN B 466 -1.44 -0.73 35.19
CA ASN B 466 -1.90 0.66 35.25
C ASN B 466 -1.29 1.42 34.09
N PHE B 467 -1.97 2.47 33.63
CA PHE B 467 -1.45 3.37 32.59
C PHE B 467 -0.32 4.15 33.25
N PRO B 468 0.68 4.72 32.53
CA PRO B 468 1.65 5.59 33.22
C PRO B 468 0.87 6.79 33.82
N LYS B 469 1.38 7.44 34.89
CA LYS B 469 0.69 8.54 35.58
C LYS B 469 0.20 9.68 34.63
N GLU B 470 0.90 9.93 33.49
CA GLU B 470 0.53 10.96 32.52
C GLU B 470 -0.75 10.61 31.73
N THR B 471 -1.13 9.31 31.68
CA THR B 471 -2.32 8.83 31.01
C THR B 471 -3.39 8.44 32.03
N LEU B 472 -4.61 9.01 31.90
CA LEU B 472 -5.80 8.76 32.73
C LEU B 472 -5.56 8.69 34.24
N GLY B 473 -4.67 9.54 34.75
CA GLY B 473 -4.31 9.62 36.16
C GLY B 473 -3.60 8.40 36.73
N GLY B 474 -3.05 7.56 35.84
CA GLY B 474 -2.32 6.36 36.20
C GLY B 474 -3.18 5.22 36.70
N ARG B 475 -4.52 5.31 36.50
CA ARG B 475 -5.51 4.32 36.91
C ARG B 475 -5.33 2.98 36.12
N ASN B 476 -5.73 1.84 36.75
CA ASN B 476 -5.64 0.51 36.11
C ASN B 476 -6.34 0.55 34.75
N VAL B 477 -5.72 -0.08 33.76
CA VAL B 477 -6.27 -0.19 32.41
C VAL B 477 -7.50 -1.10 32.53
N GLU B 478 -8.63 -0.66 31.91
CA GLU B 478 -9.92 -1.36 31.87
C GLU B 478 -10.49 -1.31 30.46
N ILE B 479 -10.77 -2.50 29.89
CA ILE B 479 -11.26 -2.70 28.53
C ILE B 479 -12.71 -3.25 28.53
N THR B 480 -13.55 -2.78 27.60
CA THR B 480 -14.95 -3.23 27.42
C THR B 480 -15.00 -4.28 26.30
N LEU B 481 -15.59 -5.46 26.57
CA LEU B 481 -15.73 -6.51 25.55
C LEU B 481 -17.19 -6.75 25.20
N LEU B 482 -17.59 -6.39 23.95
CA LEU B 482 -18.95 -6.55 23.42
C LEU B 482 -19.16 -7.97 22.92
N VAL B 483 -20.19 -8.62 23.49
CA VAL B 483 -20.55 -10.02 23.25
C VAL B 483 -22.04 -10.15 22.93
N ASN B 484 -22.39 -11.07 22.04
CA ASN B 484 -23.74 -11.46 21.67
C ASN B 484 -24.23 -12.50 22.71
N ASN B 485 -25.39 -12.22 23.34
CA ASN B 485 -26.12 -13.05 24.31
C ASN B 485 -26.57 -14.44 23.77
N GLY B 486 -26.97 -14.47 22.50
CA GLY B 486 -27.60 -15.62 21.86
C GLY B 486 -26.85 -16.92 21.70
N TYR B 487 -25.51 -16.91 21.88
CA TYR B 487 -24.70 -18.13 21.64
C TYR B 487 -23.81 -18.51 22.81
N ALA B 488 -23.75 -19.81 23.11
CA ALA B 488 -22.88 -20.35 24.16
C ALA B 488 -21.40 -20.19 23.78
N THR B 489 -21.07 -20.28 22.46
CA THR B 489 -19.71 -20.17 21.90
C THR B 489 -19.13 -18.77 22.13
N ASP B 490 -19.92 -17.72 21.81
CA ASP B 490 -19.52 -16.33 21.96
C ASP B 490 -19.24 -16.03 23.44
N LYS B 491 -20.11 -16.54 24.33
CA LYS B 491 -20.02 -16.40 25.78
C LYS B 491 -18.78 -17.10 26.35
N SER B 492 -18.54 -18.36 25.92
CA SER B 492 -17.42 -19.23 26.28
C SER B 492 -16.10 -18.54 25.90
N LEU B 493 -16.05 -17.99 24.67
CA LEU B 493 -14.91 -17.27 24.11
C LEU B 493 -14.62 -16.00 24.85
N ALA B 494 -15.69 -15.24 25.20
CA ALA B 494 -15.58 -13.98 25.91
C ALA B 494 -15.02 -14.18 27.33
N GLU B 495 -15.55 -15.18 28.08
CA GLU B 495 -15.12 -15.51 29.43
C GLU B 495 -13.66 -15.99 29.45
N GLY B 496 -13.29 -16.84 28.47
CA GLY B 496 -11.92 -17.35 28.30
C GLY B 496 -10.86 -16.29 28.00
N LEU B 497 -11.26 -15.26 27.23
CA LEU B 497 -10.44 -14.11 26.88
C LEU B 497 -10.23 -13.25 28.11
N VAL B 498 -11.27 -13.08 28.94
CA VAL B 498 -11.19 -12.33 30.20
C VAL B 498 -10.21 -13.02 31.18
N GLY B 499 -10.20 -14.35 31.18
CA GLY B 499 -9.32 -15.16 32.03
C GLY B 499 -7.86 -15.08 31.66
N GLN B 500 -7.58 -15.16 30.33
CA GLN B 500 -6.26 -15.11 29.72
C GLN B 500 -5.70 -13.67 29.68
N MET B 501 -6.58 -12.65 29.70
CA MET B 501 -6.15 -11.26 29.74
C MET B 501 -5.84 -10.88 31.18
N ALA B 502 -6.52 -11.53 32.17
CA ALA B 502 -6.26 -11.31 33.60
C ALA B 502 -4.88 -11.87 33.98
N LYS B 503 -4.44 -12.99 33.34
CA LYS B 503 -3.13 -13.62 33.56
C LYS B 503 -1.98 -12.72 33.00
N LEU B 504 -2.31 -11.90 31.98
CA LEU B 504 -1.45 -10.91 31.34
C LEU B 504 -1.42 -9.60 32.19
N GLY B 505 -2.46 -9.35 33.00
CA GLY B 505 -2.54 -8.16 33.85
C GLY B 505 -3.54 -7.12 33.36
N LEU B 506 -4.35 -7.47 32.34
CA LEU B 506 -5.36 -6.57 31.76
C LEU B 506 -6.76 -6.91 32.23
N ARG B 507 -7.49 -5.90 32.78
CA ARG B 507 -8.87 -6.08 33.20
C ARG B 507 -9.84 -5.90 32.04
N VAL B 508 -10.51 -6.97 31.67
CA VAL B 508 -11.51 -6.95 30.61
C VAL B 508 -12.90 -7.14 31.21
N VAL B 509 -13.84 -6.25 30.87
CA VAL B 509 -15.22 -6.29 31.37
C VAL B 509 -16.15 -6.63 30.20
N ILE B 510 -16.95 -7.66 30.36
CA ILE B 510 -17.91 -8.12 29.35
C ILE B 510 -19.14 -7.21 29.32
N HIS B 511 -19.56 -6.86 28.12
CA HIS B 511 -20.75 -6.09 27.84
C HIS B 511 -21.61 -7.03 26.96
N SER B 512 -22.45 -7.83 27.61
CA SER B 512 -23.34 -8.83 26.97
C SER B 512 -24.65 -8.19 26.50
N LEU B 513 -24.87 -8.21 25.18
CA LEU B 513 -26.06 -7.62 24.58
C LEU B 513 -26.76 -8.60 23.66
N ASP B 514 -28.06 -8.37 23.44
CA ASP B 514 -28.79 -9.22 22.51
C ASP B 514 -28.38 -8.80 21.10
N SER B 515 -28.45 -9.75 20.15
CA SER B 515 -28.06 -9.64 18.76
C SER B 515 -28.40 -8.29 18.11
N ASN B 516 -29.65 -7.81 18.25
CA ASN B 516 -30.09 -6.51 17.69
C ASN B 516 -29.32 -5.30 18.27
N GLN B 517 -29.16 -5.27 19.60
CA GLN B 517 -28.47 -4.19 20.30
C GLN B 517 -26.99 -4.27 20.07
N ARG B 518 -26.47 -5.51 20.00
CA ARG B 518 -25.05 -5.79 19.78
C ARG B 518 -24.58 -5.24 18.44
N ASP B 519 -25.32 -5.56 17.34
CA ASP B 519 -25.07 -5.08 15.96
C ASP B 519 -25.15 -3.57 15.88
N ALA B 520 -26.13 -2.96 16.58
CA ALA B 520 -26.29 -1.51 16.62
C ALA B 520 -25.08 -0.82 17.28
N ALA B 521 -24.59 -1.38 18.39
CA ALA B 521 -23.43 -0.84 19.12
C ALA B 521 -22.13 -1.09 18.36
N HIS B 522 -22.06 -2.20 17.57
CA HIS B 522 -20.90 -2.52 16.76
C HIS B 522 -20.76 -1.47 15.66
N TYR B 523 -21.74 -1.40 14.74
CA TYR B 523 -21.74 -0.47 13.60
C TYR B 523 -21.70 1.01 14.00
N GLY B 524 -22.13 1.31 15.23
CA GLY B 524 -22.13 2.65 15.80
C GLY B 524 -20.79 3.05 16.39
N GLY B 525 -19.90 2.07 16.60
CA GLY B 525 -18.55 2.25 17.14
C GLY B 525 -18.43 2.24 18.64
N GLN B 526 -19.57 2.01 19.33
CA GLN B 526 -19.67 2.00 20.79
C GLN B 526 -19.09 0.70 21.39
N PHE B 527 -17.75 0.51 21.24
CA PHE B 527 -16.99 -0.65 21.74
C PHE B 527 -15.50 -0.35 21.78
N ASP B 528 -14.78 -1.08 22.64
CA ASP B 528 -13.32 -1.04 22.72
C ASP B 528 -12.83 -2.26 21.96
N TRP B 529 -13.34 -3.44 22.38
CA TRP B 529 -13.06 -4.77 21.86
C TRP B 529 -14.39 -5.51 21.62
N LEU B 530 -14.45 -6.44 20.67
CA LEU B 530 -15.66 -7.26 20.46
C LEU B 530 -15.34 -8.64 19.99
N VAL B 531 -16.08 -9.64 20.48
CA VAL B 531 -15.99 -11.04 20.07
C VAL B 531 -16.99 -11.18 18.89
N ARG B 532 -16.51 -11.64 17.73
CA ARG B 532 -17.35 -11.72 16.54
C ARG B 532 -17.02 -12.92 15.64
N ARG B 533 -18.08 -13.59 15.19
CA ARG B 533 -18.00 -14.71 14.26
C ARG B 533 -17.76 -14.06 12.89
N ASN B 534 -16.77 -14.58 12.15
CA ASN B 534 -16.38 -14.05 10.86
C ASN B 534 -17.51 -14.07 9.84
N SER B 535 -17.52 -13.06 8.95
CA SER B 535 -18.46 -12.98 7.85
C SER B 535 -17.80 -13.60 6.61
N THR B 536 -18.52 -13.58 5.47
CA THR B 536 -18.15 -14.25 4.22
C THR B 536 -16.77 -13.92 3.63
N GLU B 537 -16.26 -12.69 3.84
CA GLU B 537 -14.97 -12.29 3.25
C GLU B 537 -13.80 -13.15 3.75
N LEU B 538 -13.82 -13.59 5.03
CA LEU B 538 -12.73 -14.42 5.57
C LEU B 538 -12.91 -15.92 5.25
N SER B 539 -14.14 -16.32 4.85
CA SER B 539 -14.49 -17.69 4.47
C SER B 539 -14.40 -17.96 2.94
N SER B 540 -14.50 -16.90 2.10
CA SER B 540 -14.53 -17.05 0.64
C SER B 540 -13.64 -16.10 -0.14
N VAL B 541 -13.30 -14.94 0.46
CA VAL B 541 -12.49 -13.86 -0.15
C VAL B 541 -13.28 -13.09 -1.21
N VAL B 542 -13.82 -13.81 -2.21
CA VAL B 542 -14.53 -13.27 -3.37
C VAL B 542 -15.92 -12.68 -3.01
N GLN B 543 -16.53 -13.11 -1.88
CA GLN B 543 -17.82 -12.57 -1.44
C GLN B 543 -17.60 -11.47 -0.40
N ASN B 544 -17.98 -10.21 -0.77
CA ASN B 544 -17.87 -8.97 0.03
C ASN B 544 -16.41 -8.66 0.35
N THR B 545 -15.57 -8.76 -0.69
CA THR B 545 -14.13 -8.50 -0.72
C THR B 545 -13.76 -7.17 -0.09
N GLU B 546 -14.61 -6.14 -0.27
CA GLU B 546 -14.45 -4.78 0.26
C GLU B 546 -14.37 -4.74 1.79
N GLN B 547 -14.85 -5.81 2.47
CA GLN B 547 -14.84 -5.92 3.93
C GLN B 547 -13.54 -6.47 4.50
N LEU B 548 -12.59 -6.87 3.62
CA LEU B 548 -11.27 -7.35 4.03
C LEU B 548 -10.37 -6.22 4.53
N ALA B 549 -10.60 -4.98 4.08
CA ALA B 549 -9.78 -3.84 4.49
C ALA B 549 -10.62 -2.57 4.57
N PRO B 550 -10.13 -1.49 5.20
CA PRO B 550 -10.91 -0.25 5.21
C PRO B 550 -10.72 0.53 3.89
N VAL B 551 -11.23 -0.03 2.76
CA VAL B 551 -11.15 0.54 1.42
C VAL B 551 -12.02 1.80 1.31
N GLY B 552 -13.07 1.84 2.10
CA GLY B 552 -14.00 2.95 2.22
C GLY B 552 -14.19 3.37 3.66
N PRO B 553 -14.91 4.48 3.94
CA PRO B 553 -15.07 4.92 5.34
C PRO B 553 -15.96 4.04 6.21
N ARG B 554 -16.75 3.13 5.62
CA ARG B 554 -17.66 2.27 6.39
C ARG B 554 -17.60 0.79 5.95
N THR B 555 -16.48 0.35 5.33
CA THR B 555 -16.33 -1.02 4.82
C THR B 555 -15.74 -1.99 5.87
N SER B 556 -14.84 -1.46 6.72
CA SER B 556 -14.16 -2.22 7.77
C SER B 556 -15.10 -2.48 8.94
N TRP B 557 -14.95 -3.61 9.64
CA TRP B 557 -15.72 -3.93 10.83
C TRP B 557 -15.10 -3.33 12.09
N ASN B 558 -13.78 -3.03 12.07
CA ASN B 558 -13.16 -2.51 13.29
C ASN B 558 -12.56 -1.10 13.14
N HIS B 559 -12.55 -0.51 11.92
CA HIS B 559 -12.04 0.83 11.67
C HIS B 559 -12.91 1.62 10.69
N ARG B 560 -13.88 2.37 11.25
CA ARG B 560 -14.81 3.24 10.54
C ARG B 560 -14.60 4.68 11.02
N SER B 561 -14.99 5.66 10.21
CA SER B 561 -14.84 7.05 10.59
C SER B 561 -16.21 7.67 10.86
N PRO B 562 -16.36 8.57 11.86
CA PRO B 562 -17.66 9.21 12.09
C PRO B 562 -18.09 10.11 10.93
N GLU B 563 -19.41 10.24 10.71
CA GLU B 563 -20.02 11.07 9.68
C GLU B 563 -20.04 12.55 10.17
N GLY B 564 -19.24 13.42 9.56
CA GLY B 564 -18.35 13.14 8.44
C GLY B 564 -16.92 13.51 8.79
N LYS B 565 -15.99 12.56 8.60
CA LYS B 565 -14.56 12.69 8.89
C LYS B 565 -13.77 11.67 8.07
N GLU B 566 -12.47 11.97 7.83
CA GLU B 566 -11.56 11.11 7.06
C GLU B 566 -11.12 9.88 7.86
N LEU B 567 -10.66 8.83 7.18
CA LEU B 567 -10.18 7.64 7.88
C LEU B 567 -8.76 7.87 8.39
N ASP B 568 -8.56 7.67 9.71
CA ASP B 568 -7.26 7.83 10.37
C ASP B 568 -6.46 6.51 10.24
N LEU B 569 -6.30 6.03 8.99
CA LEU B 569 -5.62 4.78 8.67
C LEU B 569 -4.17 4.70 9.13
N MET B 570 -3.81 3.53 9.67
CA MET B 570 -2.45 3.19 10.06
C MET B 570 -1.79 2.69 8.77
N PRO B 571 -0.45 2.78 8.63
CA PRO B 571 0.19 2.38 7.37
C PRO B 571 -0.15 0.99 6.81
N PHE B 572 -0.27 -0.04 7.66
CA PHE B 572 -0.61 -1.39 7.18
C PHE B 572 -2.03 -1.52 6.62
N GLU B 573 -2.96 -0.69 7.14
CA GLU B 573 -4.37 -0.64 6.72
C GLU B 573 -4.48 -0.06 5.31
N LYS B 574 -3.54 0.87 4.96
CA LYS B 574 -3.39 1.52 3.66
C LYS B 574 -2.78 0.52 2.66
N GLU B 575 -1.85 -0.35 3.15
CA GLU B 575 -1.23 -1.39 2.31
C GLU B 575 -2.27 -2.47 2.01
N MET B 576 -3.09 -2.84 3.01
CA MET B 576 -4.14 -3.85 2.83
C MET B 576 -5.21 -3.37 1.83
N ALA B 577 -5.63 -2.08 1.96
CA ALA B 577 -6.60 -1.42 1.07
C ALA B 577 -6.12 -1.41 -0.40
N ASP B 578 -4.81 -1.10 -0.62
CA ASP B 578 -4.16 -1.10 -1.94
C ASP B 578 -4.12 -2.51 -2.55
N ILE B 579 -3.96 -3.57 -1.70
CA ILE B 579 -3.96 -4.97 -2.13
C ILE B 579 -5.41 -5.34 -2.51
N VAL B 580 -6.38 -5.12 -1.56
CA VAL B 580 -7.80 -5.44 -1.78
C VAL B 580 -8.33 -4.75 -3.07
N ARG B 581 -8.00 -3.46 -3.26
CA ARG B 581 -8.37 -2.68 -4.46
C ARG B 581 -7.75 -3.29 -5.71
N LYS B 582 -6.49 -3.77 -5.61
CA LYS B 582 -5.75 -4.42 -6.71
C LYS B 582 -6.40 -5.76 -7.06
N PHE B 583 -6.81 -6.53 -6.05
CA PHE B 583 -7.49 -7.80 -6.19
C PHE B 583 -8.83 -7.67 -6.96
N ILE B 584 -9.74 -6.72 -6.55
CA ILE B 584 -11.05 -6.43 -7.17
C ILE B 584 -10.92 -6.14 -8.70
N SER B 585 -9.90 -5.37 -9.11
CA SER B 585 -9.65 -5.05 -10.51
C SER B 585 -8.75 -6.03 -11.25
N SER B 586 -8.23 -7.08 -10.56
CA SER B 586 -7.36 -8.05 -11.19
C SER B 586 -8.11 -9.10 -11.99
N GLN B 587 -7.66 -9.33 -13.24
CA GLN B 587 -8.25 -10.31 -14.16
C GLN B 587 -7.39 -11.58 -14.27
N ASP B 588 -6.10 -11.47 -13.89
CA ASP B 588 -5.10 -12.55 -13.85
C ASP B 588 -5.30 -13.36 -12.54
N ASN B 589 -5.49 -14.69 -12.68
CA ASN B 589 -5.68 -15.62 -11.57
C ASN B 589 -4.46 -15.82 -10.65
N ALA B 590 -3.24 -15.90 -11.25
CA ALA B 590 -1.98 -16.08 -10.50
C ALA B 590 -1.68 -14.83 -9.68
N GLU B 591 -1.96 -13.63 -10.23
CA GLU B 591 -1.77 -12.33 -9.59
C GLU B 591 -2.66 -12.27 -8.35
N ARG B 592 -3.96 -12.62 -8.54
CA ARG B 592 -5.04 -12.66 -7.54
C ARG B 592 -4.67 -13.50 -6.33
N ALA B 593 -4.06 -14.69 -6.55
CA ALA B 593 -3.63 -15.61 -5.52
C ALA B 593 -2.40 -15.07 -4.76
N ASP B 594 -1.50 -14.37 -5.48
CA ASP B 594 -0.32 -13.75 -4.85
C ASP B 594 -0.72 -12.50 -4.06
N LEU B 595 -1.81 -11.81 -4.47
CA LEU B 595 -2.35 -10.65 -3.79
C LEU B 595 -2.95 -11.07 -2.44
N MET B 596 -3.51 -12.27 -2.39
CA MET B 596 -4.09 -12.81 -1.17
C MET B 596 -3.04 -13.37 -0.22
N LYS B 597 -1.83 -13.77 -0.75
CA LYS B 597 -0.70 -14.23 0.08
C LYS B 597 -0.12 -12.97 0.78
N GLN B 598 0.00 -11.87 -0.01
CA GLN B 598 0.46 -10.55 0.40
C GLN B 598 -0.48 -10.04 1.47
N TYR B 599 -1.81 -10.11 1.20
CA TYR B 599 -2.88 -9.68 2.10
C TYR B 599 -2.80 -10.38 3.48
N GLN B 600 -2.72 -11.72 3.45
CA GLN B 600 -2.66 -12.58 4.61
C GLN B 600 -1.49 -12.24 5.49
N LYS B 601 -0.33 -12.02 4.86
CA LYS B 601 0.94 -11.64 5.51
C LYS B 601 0.82 -10.30 6.23
N VAL B 602 0.25 -9.26 5.59
CA VAL B 602 0.11 -7.92 6.20
C VAL B 602 -0.89 -7.98 7.36
N TYR B 603 -1.98 -8.72 7.17
CA TYR B 603 -3.03 -8.93 8.16
C TYR B 603 -2.50 -9.55 9.45
N THR B 604 -1.94 -10.77 9.33
CA THR B 604 -1.54 -11.61 10.45
C THR B 604 -0.30 -11.06 11.20
N GLN B 605 0.66 -10.45 10.48
CA GLN B 605 1.86 -9.85 11.09
C GLN B 605 1.49 -8.59 11.84
N ASN B 606 0.64 -7.74 11.26
CA ASN B 606 0.25 -6.47 11.87
C ASN B 606 -0.90 -6.56 12.85
N LEU B 607 -1.62 -7.70 12.82
CA LEU B 607 -2.77 -8.02 13.68
C LEU B 607 -3.94 -7.07 13.48
N TYR B 608 -4.49 -7.03 12.23
CA TYR B 608 -5.69 -6.26 11.86
C TYR B 608 -6.80 -6.73 12.81
N THR B 609 -6.89 -8.05 13.04
CA THR B 609 -7.73 -8.66 14.06
C THR B 609 -6.87 -9.72 14.74
N ILE B 610 -7.37 -10.30 15.84
CA ILE B 610 -6.69 -11.33 16.62
C ILE B 610 -7.59 -12.55 16.61
N GLY B 611 -7.11 -13.61 15.97
CA GLY B 611 -7.87 -14.85 15.83
C GLY B 611 -8.12 -15.52 17.15
N LEU B 612 -9.32 -16.09 17.34
CA LEU B 612 -9.62 -16.81 18.57
C LEU B 612 -9.54 -18.27 18.31
N THR B 613 -10.45 -18.79 17.46
CA THR B 613 -10.46 -20.17 17.00
C THR B 613 -11.24 -20.32 15.70
N GLU B 614 -11.08 -21.49 15.06
CA GLU B 614 -11.64 -21.88 13.77
C GLU B 614 -11.96 -23.36 13.84
N TYR B 615 -13.09 -23.75 13.24
CA TYR B 615 -13.58 -25.11 13.25
C TYR B 615 -14.64 -25.33 12.14
N PRO B 616 -14.98 -26.61 11.84
CA PRO B 616 -16.05 -26.83 10.86
C PRO B 616 -17.43 -26.89 11.52
N GLY B 617 -18.45 -26.56 10.74
CA GLY B 617 -19.83 -26.70 11.16
C GLY B 617 -20.44 -27.86 10.38
N ALA B 618 -21.64 -28.32 10.77
CA ALA B 618 -22.35 -29.42 10.09
C ALA B 618 -23.76 -29.01 9.68
N LEU B 619 -24.17 -29.36 8.46
CA LEU B 619 -25.53 -29.14 8.01
C LEU B 619 -26.39 -30.33 8.49
N ILE B 620 -27.54 -30.05 9.14
CA ILE B 620 -28.50 -31.03 9.66
C ILE B 620 -29.82 -30.79 8.89
N VAL B 621 -30.26 -31.79 8.11
CA VAL B 621 -31.48 -31.70 7.32
C VAL B 621 -32.32 -32.94 7.57
N ASN B 622 -33.65 -32.76 7.77
CA ASN B 622 -34.61 -33.85 7.90
C ASN B 622 -34.52 -34.72 6.63
N LYS B 623 -34.50 -36.04 6.81
CA LYS B 623 -34.31 -37.01 5.73
C LYS B 623 -35.38 -37.05 4.65
N ARG B 624 -36.59 -36.49 4.89
CA ARG B 624 -37.68 -36.56 3.90
C ARG B 624 -37.50 -35.59 2.70
N PHE B 625 -36.60 -34.62 2.83
CA PHE B 625 -36.35 -33.65 1.76
C PHE B 625 -35.47 -34.21 0.67
N SER B 626 -35.90 -33.99 -0.58
CA SER B 626 -35.16 -34.32 -1.78
C SER B 626 -34.60 -33.02 -2.34
N ASN B 627 -33.56 -33.12 -3.17
CA ASN B 627 -32.91 -32.00 -3.86
C ASN B 627 -31.97 -31.20 -2.94
N VAL B 628 -31.54 -31.80 -1.82
CA VAL B 628 -30.56 -31.17 -0.95
C VAL B 628 -29.17 -31.50 -1.55
N PRO B 629 -28.40 -30.48 -2.01
CA PRO B 629 -27.10 -30.77 -2.63
C PRO B 629 -26.09 -31.40 -1.68
N GLN B 630 -25.40 -32.42 -2.17
CA GLN B 630 -24.36 -33.15 -1.42
C GLN B 630 -23.22 -32.23 -1.03
N GLY B 631 -22.73 -32.39 0.19
CA GLY B 631 -21.61 -31.62 0.73
C GLY B 631 -21.79 -30.12 0.78
N THR B 632 -23.04 -29.63 0.95
CA THR B 632 -23.31 -28.20 1.07
C THR B 632 -22.66 -27.67 2.36
N PRO B 633 -21.82 -26.61 2.31
CA PRO B 633 -21.27 -26.04 3.56
C PRO B 633 -22.33 -25.22 4.31
N ILE B 634 -22.17 -25.11 5.64
CA ILE B 634 -23.13 -24.30 6.39
C ILE B 634 -22.95 -22.81 6.12
N PHE B 635 -21.75 -22.40 5.69
CA PHE B 635 -21.36 -21.03 5.46
C PHE B 635 -20.09 -20.94 4.57
N MET B 636 -20.19 -20.22 3.44
CA MET B 636 -19.11 -20.01 2.49
C MET B 636 -19.40 -18.69 1.79
N PHE B 637 -20.17 -18.70 0.68
CA PHE B 637 -20.59 -17.47 -0.02
C PHE B 637 -21.77 -16.86 0.73
N ASN B 638 -22.50 -17.71 1.48
CA ASN B 638 -23.60 -17.37 2.39
C ASN B 638 -23.88 -18.60 3.23
N TRP B 639 -24.88 -18.51 4.11
CA TRP B 639 -25.38 -19.60 4.94
C TRP B 639 -26.06 -20.66 4.08
N ALA B 640 -26.11 -21.90 4.57
CA ALA B 640 -26.70 -23.04 3.90
C ALA B 640 -28.14 -22.83 3.46
N GLU B 641 -28.94 -22.05 4.25
CA GLU B 641 -30.35 -21.72 3.91
C GLU B 641 -30.53 -21.19 2.47
N ASP B 642 -29.56 -20.39 1.98
CA ASP B 642 -29.48 -19.83 0.63
C ASP B 642 -28.84 -20.84 -0.35
N ALA B 643 -27.73 -21.50 0.05
CA ALA B 643 -26.95 -22.45 -0.75
C ALA B 643 -27.70 -23.71 -1.20
N ILE B 644 -28.62 -24.24 -0.35
CA ILE B 644 -29.41 -25.45 -0.66
C ILE B 644 -30.54 -25.19 -1.69
N ILE B 645 -30.83 -23.90 -2.01
CA ILE B 645 -31.89 -23.47 -2.93
C ILE B 645 -33.22 -24.07 -2.44
N ARG B 646 -33.73 -23.53 -1.32
CA ARG B 646 -34.94 -24.00 -0.65
C ARG B 646 -36.22 -24.03 -1.54
N GLU B 647 -36.37 -23.10 -2.49
CA GLU B 647 -37.51 -23.04 -3.44
C GLU B 647 -37.50 -24.23 -4.44
N ARG B 648 -36.37 -24.95 -4.52
CA ARG B 648 -36.10 -26.11 -5.37
C ARG B 648 -36.17 -27.44 -4.56
N LEU B 649 -36.37 -27.37 -3.24
CA LEU B 649 -36.50 -28.57 -2.40
C LEU B 649 -37.92 -29.11 -2.46
N TRP B 650 -38.03 -30.43 -2.34
CA TRP B 650 -39.32 -31.10 -2.38
C TRP B 650 -39.33 -32.42 -1.60
N VAL B 651 -40.54 -32.90 -1.29
CA VAL B 651 -40.77 -34.14 -0.55
C VAL B 651 -41.68 -35.03 -1.40
N ALA B 652 -41.32 -36.32 -1.58
CA ALA B 652 -42.16 -37.29 -2.31
C ALA B 652 -43.51 -37.35 -1.59
N ALA B 653 -44.62 -37.42 -2.36
CA ALA B 653 -45.99 -37.46 -1.83
C ALA B 653 -46.18 -38.46 -0.68
N ASP B 654 -45.55 -39.65 -0.79
CA ASP B 654 -45.64 -40.70 0.23
C ASP B 654 -44.78 -40.42 1.50
N LYS B 655 -43.86 -39.44 1.42
CA LYS B 655 -43.01 -39.08 2.57
C LYS B 655 -43.40 -37.75 3.21
N GLN B 656 -44.40 -37.04 2.62
CA GLN B 656 -44.85 -35.72 3.05
C GLN B 656 -45.42 -35.62 4.46
N GLY B 657 -45.00 -34.58 5.19
CA GLY B 657 -45.47 -34.25 6.53
C GLY B 657 -46.81 -33.55 6.46
N LYS B 658 -47.54 -33.50 7.58
CA LYS B 658 -48.86 -32.84 7.59
C LYS B 658 -48.75 -31.69 8.58
N TYR B 659 -47.92 -30.70 8.21
CA TYR B 659 -47.58 -29.56 9.06
C TYR B 659 -48.18 -28.21 8.64
N GLU B 660 -48.89 -28.13 7.52
CA GLU B 660 -49.50 -26.89 7.03
C GLU B 660 -50.55 -26.33 8.02
N LEU B 661 -50.31 -25.09 8.48
CA LEU B 661 -51.22 -24.38 9.37
C LEU B 661 -52.27 -23.58 8.60
N PHE B 662 -52.02 -23.33 7.30
CA PHE B 662 -52.98 -22.68 6.41
C PHE B 662 -53.05 -23.46 5.12
N PRO B 663 -53.38 -24.78 5.13
CA PRO B 663 -53.47 -25.52 3.87
C PRO B 663 -54.44 -24.90 2.87
N GLN B 664 -53.98 -24.87 1.62
CA GLN B 664 -54.67 -24.38 0.44
C GLN B 664 -55.06 -22.90 0.58
N GLN B 665 -54.18 -22.15 1.25
CA GLN B 665 -54.38 -20.72 1.44
C GLN B 665 -53.26 -19.99 0.76
N LEU B 666 -53.55 -18.76 0.36
CA LEU B 666 -52.57 -17.90 -0.29
C LEU B 666 -52.37 -16.62 0.50
N PRO B 667 -51.26 -15.87 0.29
CA PRO B 667 -51.10 -14.61 1.01
C PRO B 667 -52.19 -13.62 0.58
N GLY B 668 -52.63 -12.82 1.56
CA GLY B 668 -53.62 -11.78 1.36
C GLY B 668 -52.96 -10.51 0.89
N LYS B 669 -53.69 -9.39 0.89
CA LYS B 669 -53.12 -8.10 0.50
C LYS B 669 -52.27 -7.51 1.66
N PRO B 670 -51.23 -6.67 1.38
CA PRO B 670 -50.43 -6.14 2.50
C PRO B 670 -51.23 -5.29 3.49
N GLY B 671 -51.00 -5.51 4.77
CA GLY B 671 -51.68 -4.79 5.83
C GLY B 671 -52.99 -5.39 6.31
N GLU B 672 -53.51 -6.41 5.58
CA GLU B 672 -54.74 -7.12 5.97
C GLU B 672 -54.42 -8.06 7.16
N GLY B 673 -55.46 -8.74 7.66
CA GLY B 673 -55.37 -9.68 8.78
C GLY B 673 -54.26 -10.73 8.66
N GLY B 674 -54.27 -11.44 7.53
CA GLY B 674 -53.30 -12.49 7.22
C GLY B 674 -53.58 -13.15 5.89
N PRO B 675 -53.57 -14.52 5.80
CA PRO B 675 -53.85 -15.18 4.52
C PRO B 675 -55.30 -15.05 4.01
N ILE B 676 -55.48 -15.25 2.69
CA ILE B 676 -56.73 -15.11 1.97
C ILE B 676 -57.42 -16.47 1.71
#